data_6YSZ
#
_entry.id   6YSZ
#
_entity_poly.entity_id   1
_entity_poly.type   'polypeptide(L)'
_entity_poly.pdbx_seq_one_letter_code
;MRGSHHHHHHGMASMTGGQQMGRDLYDDDDKDPSSMSKIESALQAAQPGLSRLRGGAGGMGYRAATTQAEQPRSSLLDTI
GRFAKAGADMYTAKEQRARDLADERSNEIIRKLTPEQRREALNNGTLLYQDDPYAMEALRVKTGRNAAYLVDDDVMQKIK
EGVFRTREEMEEYRHSRLQEGAKVYAEQFGIDPEDVDYQRGFNGDITERNISLYGAHDNFLSQQAQKGAIMNSRVELNGV
LQDPDMLRRPDSADFFEKYIDNGLVTGAIPSDAQATQLISQAFSDASSRAGGADFLMRVGDKKVTLNGATTTYRELIGEE
QWNALMVTAQRSQFETDAKLNEQYRLKINSALNQEDPRTAWEMLQGIKAELDKVQPDEQMTPQREWLISAQEQVQNQMNA
WTKAQAKALDDSMKSMNKLDVIDKQFQKRINGEWVSTDFKDMPVNENTGEFKHSDMVNYANKKLAEIDSMDIPDGAKDAM
KLKYLQADSKDGAFRTAIGTMVTDAGQEWSAAVINGKLPERTPAMDALRRIRNADPQLIAALYPDQAELFLTMDMMDKQG
IDPQVILDADRLTVKRSKEQRFEDDKAFESALNASKAPEIARMPASLRESARKIYDSVKYRSGNESMAMEQMTKFLKEST
YTFTGDDVDGDTVGVIPKNMMQVNSDPKSWEQGRDILEEARKGIIASNPWITNKQLTMYSQGDSIYLMDTTGQVRVRYDK
ELLSKVWSENQKKLEEKAREKALADVNKRAPIVAATKAREAAAKRVREKRKQTPKFIYGRKE
;
_entity_poly.pdbx_strand_id   A,B,C,D,E,F
#
# COMPACT_ATOMS: atom_id res chain seq x y z
N LYS A 94 -60.78 -1.41 4.26
CA LYS A 94 -59.94 -2.37 3.56
C LYS A 94 -58.96 -1.66 2.62
N GLU A 95 -58.83 -0.34 2.81
CA GLU A 95 -57.92 0.44 1.97
C GLU A 95 -56.48 -0.01 2.15
N GLN A 96 -56.16 -0.63 3.28
CA GLN A 96 -54.79 -1.11 3.51
C GLN A 96 -54.48 -2.32 2.64
N ARG A 97 -55.52 -3.05 2.21
CA ARG A 97 -55.29 -4.27 1.43
C ARG A 97 -55.34 -3.99 -0.07
N ALA A 98 -56.31 -3.18 -0.51
CA ALA A 98 -56.43 -2.89 -1.95
C ALA A 98 -55.17 -2.26 -2.49
N ARG A 99 -54.59 -1.31 -1.76
CA ARG A 99 -53.31 -0.73 -2.17
C ARG A 99 -52.19 -1.73 -2.02
N ASP A 100 -52.27 -2.64 -1.03
CA ASP A 100 -51.25 -3.67 -0.88
C ASP A 100 -51.20 -4.57 -2.10
N LEU A 101 -52.38 -4.95 -2.62
CA LEU A 101 -52.41 -5.75 -3.84
C LEU A 101 -51.95 -4.93 -5.04
N ALA A 102 -52.17 -3.61 -5.00
CA ALA A 102 -51.72 -2.75 -6.08
C ALA A 102 -50.21 -2.78 -6.23
N ASP A 103 -49.49 -2.82 -5.10
CA ASP A 103 -48.03 -2.88 -5.16
C ASP A 103 -47.57 -4.17 -5.83
N GLU A 104 -48.20 -5.29 -5.48
CA GLU A 104 -47.84 -6.56 -6.10
C GLU A 104 -48.13 -6.54 -7.61
N ARG A 105 -49.28 -6.02 -8.00
CA ARG A 105 -49.60 -5.95 -9.42
C ARG A 105 -48.62 -5.04 -10.16
N SER A 106 -48.24 -3.92 -9.53
CA SER A 106 -47.25 -3.03 -10.14
C SER A 106 -45.93 -3.74 -10.32
N ASN A 107 -45.48 -4.49 -9.31
CA ASN A 107 -44.22 -5.20 -9.42
C ASN A 107 -44.27 -6.25 -10.53
N GLU A 108 -45.41 -6.95 -10.65
CA GLU A 108 -45.52 -7.92 -11.73
C GLU A 108 -45.49 -7.24 -13.09
N ILE A 109 -46.16 -6.09 -13.22
CA ILE A 109 -46.14 -5.35 -14.48
C ILE A 109 -44.72 -4.93 -14.83
N ILE A 110 -44.00 -4.38 -13.87
CA ILE A 110 -42.67 -3.84 -14.16
C ILE A 110 -41.62 -4.94 -14.30
N ARG A 111 -41.89 -6.15 -13.83
CA ARG A 111 -40.95 -7.23 -14.09
C ARG A 111 -41.24 -7.93 -15.42
N LYS A 112 -42.50 -8.27 -15.68
CA LYS A 112 -42.84 -9.08 -16.85
C LYS A 112 -42.72 -8.33 -18.16
N LEU A 113 -42.34 -7.06 -18.22
CA LEU A 113 -42.28 -6.34 -19.49
C LEU A 113 -41.03 -5.48 -19.54
N THR A 114 -40.62 -5.13 -20.77
CA THR A 114 -39.50 -4.27 -21.10
C THR A 114 -39.96 -2.82 -21.21
N PRO A 115 -39.06 -1.85 -21.20
CA PRO A 115 -39.47 -0.45 -21.42
C PRO A 115 -40.07 -0.21 -22.79
N GLU A 116 -40.03 -1.17 -23.70
CA GLU A 116 -40.59 -1.00 -25.03
C GLU A 116 -41.97 -1.64 -25.14
N GLN A 117 -42.08 -2.92 -24.79
CA GLN A 117 -43.36 -3.61 -24.89
C GLN A 117 -44.46 -2.89 -24.12
N ARG A 118 -44.12 -2.26 -23.00
CA ARG A 118 -45.14 -1.60 -22.20
C ARG A 118 -45.74 -0.42 -22.96
N ARG A 119 -44.92 0.33 -23.67
CA ARG A 119 -45.47 1.43 -24.48
C ARG A 119 -46.34 0.91 -25.60
N GLU A 120 -45.89 -0.16 -26.27
CA GLU A 120 -46.68 -0.74 -27.35
C GLU A 120 -48.02 -1.26 -26.84
N ALA A 121 -48.05 -1.76 -25.61
CA ALA A 121 -49.25 -2.36 -25.05
C ALA A 121 -50.08 -1.37 -24.23
N LEU A 122 -49.54 -0.20 -23.90
CA LEU A 122 -50.32 0.76 -23.13
C LEU A 122 -51.39 1.42 -23.99
N ASN A 123 -51.07 1.75 -25.23
CA ASN A 123 -52.08 2.33 -26.12
C ASN A 123 -53.00 1.28 -26.74
N ASN A 124 -52.61 0.01 -26.72
CA ASN A 124 -53.49 -1.06 -27.16
C ASN A 124 -54.39 -1.57 -26.05
N GLY A 125 -54.30 -1.01 -24.85
CA GLY A 125 -55.14 -1.45 -23.74
C GLY A 125 -55.01 -2.92 -23.43
N THR A 126 -53.77 -3.43 -23.35
CA THR A 126 -53.55 -4.86 -23.16
C THR A 126 -52.49 -5.12 -22.09
N LEU A 127 -52.37 -4.23 -21.11
CA LEU A 127 -51.53 -4.52 -19.96
C LEU A 127 -52.18 -5.61 -19.11
N LEU A 128 -51.44 -6.08 -18.10
CA LEU A 128 -51.95 -7.16 -17.28
C LEU A 128 -52.97 -6.70 -16.26
N TYR A 129 -52.92 -5.45 -15.82
CA TYR A 129 -53.86 -4.93 -14.84
C TYR A 129 -54.30 -3.52 -15.21
N GLN A 130 -54.59 -3.29 -16.49
CA GLN A 130 -55.06 -1.98 -16.93
C GLN A 130 -56.37 -1.60 -16.26
N ASP A 131 -57.21 -2.59 -15.95
CA ASP A 131 -58.52 -2.31 -15.37
C ASP A 131 -58.39 -1.66 -14.00
N ASP A 132 -57.60 -2.25 -13.12
CA ASP A 132 -57.46 -1.73 -11.76
C ASP A 132 -56.78 -0.37 -11.79
N PRO A 133 -57.37 0.66 -11.19
CA PRO A 133 -56.70 1.97 -11.20
C PRO A 133 -55.53 2.04 -10.24
N TYR A 134 -55.64 1.40 -9.08
CA TYR A 134 -54.53 1.42 -8.12
C TYR A 134 -53.29 0.74 -8.68
N ALA A 135 -53.48 -0.32 -9.48
CA ALA A 135 -52.33 -0.97 -10.10
C ALA A 135 -51.60 -0.01 -11.03
N MET A 136 -52.34 0.68 -11.90
CA MET A 136 -51.72 1.65 -12.79
C MET A 136 -51.08 2.79 -12.01
N GLU A 137 -51.70 3.20 -10.90
CA GLU A 137 -51.14 4.29 -10.10
C GLU A 137 -49.82 3.87 -9.48
N ALA A 138 -49.75 2.66 -8.94
CA ALA A 138 -48.50 2.18 -8.38
C ALA A 138 -47.44 2.01 -9.47
N LEU A 139 -47.84 1.51 -10.64
CA LEU A 139 -46.88 1.37 -11.74
C LEU A 139 -46.32 2.73 -12.15
N ARG A 140 -47.16 3.76 -12.14
CA ARG A 140 -46.68 5.08 -12.51
C ARG A 140 -45.77 5.66 -11.43
N VAL A 141 -46.19 5.60 -10.17
CA VAL A 141 -45.35 6.15 -9.11
C VAL A 141 -44.04 5.39 -8.99
N LYS A 142 -43.98 4.15 -9.47
CA LYS A 142 -42.71 3.43 -9.46
C LYS A 142 -41.86 3.77 -10.69
N THR A 143 -42.47 3.79 -11.88
CA THR A 143 -41.71 4.06 -13.09
C THR A 143 -41.17 5.48 -13.13
N GLY A 144 -41.50 6.31 -12.13
CA GLY A 144 -40.92 7.63 -12.04
C GLY A 144 -39.69 7.63 -11.15
N ARG A 145 -39.78 6.94 -10.01
CA ARG A 145 -38.63 6.79 -9.15
C ARG A 145 -37.47 6.13 -9.89
N ASN A 146 -37.77 5.38 -10.94
CA ASN A 146 -36.73 4.82 -11.78
C ASN A 146 -36.00 5.90 -12.56
N ALA A 147 -36.75 6.69 -13.34
CA ALA A 147 -36.14 7.72 -14.16
C ALA A 147 -35.42 8.76 -13.32
N ALA A 148 -35.96 9.07 -12.15
CA ALA A 148 -35.28 9.97 -11.24
C ALA A 148 -33.90 9.44 -10.89
N TYR A 149 -33.82 8.15 -10.56
CA TYR A 149 -32.51 7.59 -10.23
C TYR A 149 -31.61 7.54 -11.45
N LEU A 150 -32.16 7.30 -12.64
CA LEU A 150 -31.31 7.29 -13.84
C LEU A 150 -30.67 8.65 -14.09
N VAL A 151 -31.47 9.72 -14.05
CA VAL A 151 -30.91 11.03 -14.32
C VAL A 151 -29.96 11.45 -13.20
N ASP A 152 -30.30 11.11 -11.95
CA ASP A 152 -29.41 11.43 -10.84
C ASP A 152 -28.09 10.66 -10.96
N ASP A 153 -28.14 9.42 -11.41
CA ASP A 153 -26.92 8.64 -11.55
C ASP A 153 -26.06 9.19 -12.68
N ASP A 154 -26.68 9.61 -13.77
CA ASP A 154 -25.94 10.28 -14.85
C ASP A 154 -25.21 11.50 -14.32
N VAL A 155 -25.93 12.38 -13.61
CA VAL A 155 -25.31 13.62 -13.15
C VAL A 155 -24.23 13.32 -12.11
N MET A 156 -24.52 12.44 -11.15
CA MET A 156 -23.54 12.10 -10.12
C MET A 156 -22.31 11.44 -10.72
N GLN A 157 -22.48 10.65 -11.78
CA GLN A 157 -21.36 9.97 -12.40
C GLN A 157 -20.48 10.96 -13.16
N LYS A 158 -21.10 11.94 -13.81
CA LYS A 158 -20.27 12.96 -14.45
C LYS A 158 -19.70 13.94 -13.43
N ILE A 159 -20.22 13.96 -12.20
CA ILE A 159 -19.63 14.79 -11.17
C ILE A 159 -18.43 14.11 -10.53
N LYS A 160 -18.55 12.81 -10.26
CA LYS A 160 -17.50 12.08 -9.55
C LYS A 160 -16.13 12.30 -10.18
N GLU A 161 -16.00 11.92 -11.45
CA GLU A 161 -14.81 12.29 -12.23
C GLU A 161 -15.06 13.66 -12.82
N GLY A 162 -14.13 14.59 -12.57
CA GLY A 162 -14.40 15.99 -12.77
C GLY A 162 -14.75 16.44 -14.17
N VAL A 163 -16.02 16.77 -14.38
CA VAL A 163 -16.47 17.39 -15.63
C VAL A 163 -17.11 18.75 -15.38
N PHE A 164 -17.33 19.14 -14.13
CA PHE A 164 -17.93 20.42 -13.79
C PHE A 164 -16.95 21.19 -12.92
N ARG A 165 -16.43 22.30 -13.43
CA ARG A 165 -15.41 23.06 -12.73
C ARG A 165 -16.00 23.99 -11.68
N THR A 166 -16.85 24.92 -12.11
CA THR A 166 -17.51 25.81 -11.17
C THR A 166 -18.68 25.10 -10.52
N ARG A 167 -19.45 25.84 -9.71
CA ARG A 167 -20.66 25.29 -9.12
C ARG A 167 -21.89 25.62 -9.95
N GLU A 168 -21.94 26.81 -10.56
CA GLU A 168 -23.10 27.19 -11.35
C GLU A 168 -23.26 26.30 -12.58
N GLU A 169 -22.17 25.83 -13.16
CA GLU A 169 -22.27 24.97 -14.34
C GLU A 169 -22.90 23.63 -13.98
N MET A 170 -22.55 23.07 -12.82
CA MET A 170 -23.14 21.81 -12.39
C MET A 170 -24.62 21.98 -12.13
N GLU A 171 -25.01 23.08 -11.49
CA GLU A 171 -26.43 23.32 -11.24
C GLU A 171 -27.20 23.48 -12.55
N GLU A 172 -26.60 24.19 -13.52
CA GLU A 172 -27.27 24.37 -14.81
C GLU A 172 -27.46 23.04 -15.52
N TYR A 173 -26.40 22.22 -15.57
CA TYR A 173 -26.52 20.91 -16.19
C TYR A 173 -27.54 20.05 -15.46
N ARG A 174 -27.55 20.13 -14.13
CA ARG A 174 -28.53 19.38 -13.34
C ARG A 174 -29.94 19.75 -13.74
N HIS A 175 -30.22 21.05 -13.85
CA HIS A 175 -31.57 21.49 -14.16
C HIS A 175 -31.99 21.07 -15.56
N SER A 176 -31.11 21.30 -16.53
CA SER A 176 -31.43 20.92 -17.91
C SER A 176 -31.65 19.42 -18.03
N ARG A 177 -30.80 18.62 -17.39
CA ARG A 177 -30.97 17.18 -17.45
C ARG A 177 -32.21 16.73 -16.71
N LEU A 178 -32.55 17.35 -15.58
CA LEU A 178 -33.80 17.00 -14.90
C LEU A 178 -34.98 17.17 -15.84
N GLN A 179 -35.11 18.37 -16.44
CA GLN A 179 -36.24 18.61 -17.32
C GLN A 179 -36.26 17.63 -18.49
N GLU A 180 -35.16 17.60 -19.26
CA GLU A 180 -35.13 16.78 -20.46
C GLU A 180 -35.31 15.30 -20.15
N GLY A 181 -34.76 14.84 -19.02
CA GLY A 181 -34.85 13.43 -18.68
C GLY A 181 -36.24 13.05 -18.22
N ALA A 182 -36.87 13.88 -17.38
CA ALA A 182 -38.26 13.64 -17.05
C ALA A 182 -39.08 13.47 -18.32
N LYS A 183 -38.96 14.43 -19.25
CA LYS A 183 -39.75 14.37 -20.46
C LYS A 183 -39.44 13.10 -21.26
N VAL A 184 -38.16 12.80 -21.49
CA VAL A 184 -37.82 11.73 -22.41
C VAL A 184 -38.10 10.36 -21.79
N TYR A 185 -37.89 10.19 -20.49
CA TYR A 185 -38.18 8.91 -19.87
C TYR A 185 -39.68 8.67 -19.77
N ALA A 186 -40.44 9.73 -19.46
CA ALA A 186 -41.89 9.58 -19.52
C ALA A 186 -42.36 9.19 -20.91
N GLU A 187 -41.76 9.79 -21.94
CA GLU A 187 -42.15 9.47 -23.31
C GLU A 187 -41.78 8.04 -23.67
N GLN A 188 -40.59 7.59 -23.26
CA GLN A 188 -40.16 6.24 -23.59
C GLN A 188 -41.02 5.20 -22.89
N PHE A 189 -41.29 5.39 -21.59
CA PHE A 189 -42.13 4.45 -20.87
C PHE A 189 -43.61 4.65 -21.14
N GLY A 190 -43.97 5.45 -22.14
CA GLY A 190 -45.36 5.61 -22.53
C GLY A 190 -46.24 6.31 -21.52
N ILE A 191 -45.66 6.98 -20.54
CA ILE A 191 -46.43 7.65 -19.48
C ILE A 191 -46.51 9.14 -19.80
N ASP A 192 -47.64 9.73 -19.44
CA ASP A 192 -47.82 11.17 -19.63
C ASP A 192 -46.84 11.91 -18.73
N PRO A 193 -46.01 12.81 -19.26
CA PRO A 193 -45.03 13.51 -18.42
C PRO A 193 -45.64 14.56 -17.51
N GLU A 194 -46.97 14.59 -17.42
CA GLU A 194 -47.67 15.54 -16.58
C GLU A 194 -48.52 14.89 -15.49
N ASP A 195 -48.95 13.65 -15.69
CA ASP A 195 -49.82 12.98 -14.72
C ASP A 195 -49.21 13.00 -13.33
N VAL A 196 -49.98 13.50 -12.37
CA VAL A 196 -49.45 13.83 -11.04
C VAL A 196 -48.75 12.63 -10.39
N ASP A 197 -49.24 11.42 -10.64
CA ASP A 197 -48.67 10.25 -9.98
C ASP A 197 -47.23 10.00 -10.43
N TYR A 198 -46.95 10.19 -11.71
CA TYR A 198 -45.59 10.01 -12.21
C TYR A 198 -44.63 10.96 -11.51
N GLN A 199 -45.08 12.19 -11.24
CA GLN A 199 -44.19 13.16 -10.61
C GLN A 199 -44.02 12.87 -9.13
N ARG A 200 -45.00 12.25 -8.48
CA ARG A 200 -44.85 11.90 -7.07
C ARG A 200 -43.70 10.91 -6.88
N GLY A 201 -43.37 10.15 -7.91
CA GLY A 201 -42.24 9.26 -7.86
C GLY A 201 -40.98 9.91 -8.38
N PHE A 202 -41.10 10.62 -9.51
CA PHE A 202 -39.92 11.26 -10.08
C PHE A 202 -39.40 12.40 -9.21
N ASN A 203 -40.27 13.04 -8.43
CA ASN A 203 -39.88 14.10 -7.52
C ASN A 203 -39.87 13.64 -6.08
N GLY A 204 -39.91 12.33 -5.86
CA GLY A 204 -40.14 11.74 -4.54
C GLY A 204 -39.29 12.32 -3.44
N ASP A 205 -37.99 12.14 -3.52
CA ASP A 205 -37.05 12.66 -2.54
C ASP A 205 -36.07 13.55 -3.31
N ILE A 206 -36.43 14.82 -3.48
CA ILE A 206 -35.67 15.71 -4.34
C ILE A 206 -34.63 16.52 -3.56
N THR A 207 -35.00 17.04 -2.39
CA THR A 207 -34.06 17.86 -1.64
C THR A 207 -32.87 17.04 -1.16
N GLU A 208 -33.11 15.79 -0.75
CA GLU A 208 -32.00 14.96 -0.28
C GLU A 208 -31.07 14.59 -1.42
N ARG A 209 -31.60 14.32 -2.60
CA ARG A 209 -30.75 14.02 -3.74
C ARG A 209 -29.95 15.26 -4.17
N ASN A 210 -30.57 16.44 -4.09
CA ASN A 210 -29.82 17.66 -4.36
C ASN A 210 -28.72 17.86 -3.32
N ILE A 211 -29.01 17.52 -2.07
CA ILE A 211 -27.99 17.58 -1.01
C ILE A 211 -26.82 16.67 -1.34
N SER A 212 -27.12 15.44 -1.77
CA SER A 212 -26.07 14.49 -2.10
C SER A 212 -25.21 15.00 -3.24
N LEU A 213 -25.84 15.50 -4.31
CA LEU A 213 -25.07 16.01 -5.44
C LEU A 213 -24.23 17.21 -5.05
N TYR A 214 -24.81 18.15 -4.30
CA TYR A 214 -24.04 19.31 -3.87
C TYR A 214 -22.86 18.90 -3.01
N GLY A 215 -23.05 17.90 -2.15
CA GLY A 215 -21.94 17.45 -1.32
C GLY A 215 -20.81 16.84 -2.14
N ALA A 216 -21.15 15.93 -3.05
CA ALA A 216 -20.12 15.29 -3.86
C ALA A 216 -19.40 16.31 -4.73
N HIS A 217 -20.15 17.19 -5.39
CA HIS A 217 -19.52 18.18 -6.26
C HIS A 217 -18.70 19.18 -5.47
N ASP A 218 -19.12 19.50 -4.24
CA ASP A 218 -18.33 20.41 -3.42
C ASP A 218 -17.05 19.75 -2.94
N ASN A 219 -17.09 18.44 -2.64
CA ASN A 219 -15.88 17.71 -2.35
C ASN A 219 -14.90 17.79 -3.52
N PHE A 220 -15.39 17.52 -4.74
CA PHE A 220 -14.51 17.59 -5.90
C PHE A 220 -13.99 19.01 -6.13
N LEU A 221 -14.85 20.01 -5.91
CA LEU A 221 -14.43 21.39 -6.13
C LEU A 221 -13.35 21.80 -5.13
N SER A 222 -13.50 21.38 -3.87
CA SER A 222 -12.43 21.64 -2.90
C SER A 222 -11.14 20.95 -3.30
N GLN A 223 -11.23 19.71 -3.80
CA GLN A 223 -10.03 19.02 -4.21
C GLN A 223 -9.33 19.76 -5.36
N GLN A 224 -10.10 20.22 -6.35
CA GLN A 224 -9.46 20.88 -7.47
C GLN A 224 -8.97 22.27 -7.08
N ALA A 225 -9.61 22.92 -6.12
CA ALA A 225 -9.11 24.19 -5.63
C ALA A 225 -7.80 24.01 -4.88
N GLN A 226 -7.69 22.92 -4.11
CA GLN A 226 -6.42 22.59 -3.47
C GLN A 226 -5.33 22.37 -4.50
N LYS A 227 -5.59 21.51 -5.49
CA LYS A 227 -4.61 21.25 -6.54
C LYS A 227 -4.28 22.51 -7.31
N GLY A 228 -5.26 23.40 -7.49
CA GLY A 228 -5.01 24.62 -8.23
C GLY A 228 -4.20 25.62 -7.46
N ALA A 229 -4.40 25.70 -6.14
CA ALA A 229 -3.53 26.52 -5.31
C ALA A 229 -2.09 25.99 -5.36
N ILE A 230 -1.93 24.67 -5.28
CA ILE A 230 -0.59 24.09 -5.35
C ILE A 230 0.06 24.42 -6.69
N MET A 231 -0.68 24.26 -7.78
CA MET A 231 -0.10 24.49 -9.11
C MET A 231 0.08 25.98 -9.41
N ASN A 232 -0.73 26.84 -8.79
CA ASN A 232 -0.65 28.27 -9.03
C ASN A 232 0.49 28.90 -8.26
N SER A 233 0.69 28.49 -7.01
CA SER A 233 1.79 29.10 -6.27
C SER A 233 3.13 28.60 -6.71
N ARG A 234 3.20 27.85 -7.80
CA ARG A 234 4.47 27.52 -8.42
C ARG A 234 4.79 28.46 -9.58
N VAL A 235 3.77 28.88 -10.34
CA VAL A 235 4.00 29.86 -11.39
C VAL A 235 4.38 31.21 -10.79
N GLU A 236 3.70 31.62 -9.73
CA GLU A 236 4.03 32.88 -9.08
C GLU A 236 5.47 32.89 -8.57
N LEU A 237 5.96 31.74 -8.12
CA LEU A 237 7.36 31.67 -7.70
C LEU A 237 8.29 31.61 -8.90
N ASN A 238 7.90 30.88 -9.94
CA ASN A 238 8.73 30.77 -11.14
C ASN A 238 8.78 32.07 -11.94
N GLY A 239 8.19 33.15 -11.43
CA GLY A 239 8.38 34.44 -12.05
C GLY A 239 9.67 35.12 -11.63
N VAL A 240 10.13 34.84 -10.42
CA VAL A 240 11.36 35.45 -9.91
C VAL A 240 12.29 34.37 -9.36
N LEU A 241 12.05 33.12 -9.71
CA LEU A 241 12.93 32.02 -9.33
C LEU A 241 13.35 31.15 -10.49
N GLN A 242 12.90 31.45 -11.71
CA GLN A 242 13.32 30.69 -12.87
C GLN A 242 14.61 31.21 -13.48
N ASP A 243 14.85 32.50 -13.39
CA ASP A 243 16.08 33.09 -13.91
C ASP A 243 17.26 32.58 -13.11
N PRO A 244 18.20 31.86 -13.71
CA PRO A 244 19.37 31.38 -12.95
C PRO A 244 20.26 32.49 -12.43
N ASP A 245 20.02 33.74 -12.84
CA ASP A 245 20.80 34.86 -12.34
C ASP A 245 20.09 35.60 -11.21
N MET A 246 18.77 35.77 -11.32
CA MET A 246 18.00 36.39 -10.24
C MET A 246 17.96 35.51 -8.99
N LEU A 247 18.10 34.20 -9.15
CA LEU A 247 17.99 33.29 -8.02
C LEU A 247 19.09 33.52 -6.99
N ARG A 248 20.34 33.51 -7.44
CA ARG A 248 21.44 33.58 -6.49
C ARG A 248 21.63 34.94 -5.88
N ARG A 249 20.80 35.94 -6.13
CA ARG A 249 20.91 37.21 -5.43
C ARG A 249 20.54 37.01 -3.96
N PRO A 250 21.14 37.79 -3.05
CA PRO A 250 20.90 37.57 -1.62
C PRO A 250 19.50 37.98 -1.16
N ASP A 251 18.62 38.43 -2.04
CA ASP A 251 17.28 38.82 -1.64
C ASP A 251 16.23 37.78 -2.00
N SER A 252 16.56 36.78 -2.82
CA SER A 252 15.57 35.78 -3.20
C SER A 252 15.05 35.03 -1.99
N ALA A 253 15.93 34.68 -1.05
CA ALA A 253 15.48 34.04 0.18
C ALA A 253 14.53 34.94 0.95
N ASP A 254 14.81 36.25 0.98
CA ASP A 254 13.92 37.18 1.64
C ASP A 254 12.56 37.21 0.97
N PHE A 255 12.52 37.23 -0.37
CA PHE A 255 11.24 37.22 -1.06
C PHE A 255 10.47 35.93 -0.78
N PHE A 256 11.17 34.80 -0.76
CA PHE A 256 10.48 33.54 -0.52
C PHE A 256 9.89 33.49 0.89
N GLU A 257 10.67 33.91 1.88
CA GLU A 257 10.16 33.93 3.25
C GLU A 257 8.99 34.89 3.38
N LYS A 258 9.10 36.08 2.80
CA LYS A 258 8.00 37.04 2.86
C LYS A 258 6.75 36.48 2.18
N TYR A 259 6.93 35.76 1.08
CA TYR A 259 5.78 35.20 0.36
C TYR A 259 5.08 34.15 1.20
N ILE A 260 5.83 33.21 1.78
CA ILE A 260 5.19 32.20 2.62
C ILE A 260 4.52 32.86 3.82
N ASP A 261 5.17 33.84 4.44
CA ASP A 261 4.59 34.48 5.61
C ASP A 261 3.28 35.18 5.25
N ASN A 262 3.29 35.99 4.19
CA ASN A 262 2.08 36.69 3.78
C ASN A 262 0.98 35.71 3.41
N GLY A 263 1.25 34.81 2.45
CA GLY A 263 0.25 33.85 2.03
C GLY A 263 -0.23 32.94 3.13
N LEU A 264 0.50 32.85 4.24
CA LEU A 264 0.04 32.09 5.38
C LEU A 264 -0.74 32.93 6.37
N VAL A 265 -0.51 34.24 6.39
CA VAL A 265 -1.26 35.13 7.29
C VAL A 265 -2.50 35.69 6.59
N THR A 266 -2.35 36.20 5.37
CA THR A 266 -3.49 36.78 4.67
C THR A 266 -4.51 35.72 4.28
N GLY A 267 -4.06 34.69 3.57
CA GLY A 267 -4.98 33.64 3.15
C GLY A 267 -4.69 33.12 1.76
N ALA A 268 -3.67 33.67 1.09
CA ALA A 268 -3.31 33.20 -0.24
C ALA A 268 -2.93 31.72 -0.22
N ILE A 269 -2.27 31.29 0.85
CA ILE A 269 -1.96 29.87 1.04
C ILE A 269 -2.73 29.40 2.27
N PRO A 270 -3.98 29.00 2.12
CA PRO A 270 -4.84 28.81 3.30
C PRO A 270 -4.42 27.66 4.20
N SER A 271 -4.26 26.47 3.62
CA SER A 271 -4.09 25.25 4.40
C SER A 271 -2.68 25.22 4.99
N ASP A 272 -2.59 25.33 6.32
CA ASP A 272 -1.30 25.16 6.97
C ASP A 272 -0.71 23.80 6.67
N ALA A 273 -1.57 22.79 6.48
CA ALA A 273 -1.07 21.47 6.13
C ALA A 273 -0.51 21.44 4.71
N GLN A 274 -1.05 22.25 3.81
CA GLN A 274 -0.56 22.25 2.43
C GLN A 274 0.68 23.12 2.27
N ALA A 275 0.97 24.00 3.22
CA ALA A 275 2.18 24.80 3.14
C ALA A 275 3.42 23.91 3.09
N THR A 276 3.34 22.71 3.68
CA THR A 276 4.44 21.77 3.56
C THR A 276 4.64 21.32 2.11
N GLN A 277 3.54 20.99 1.43
CA GLN A 277 3.65 20.60 0.02
C GLN A 277 4.18 21.75 -0.82
N LEU A 278 3.69 22.96 -0.59
CA LEU A 278 4.15 24.12 -1.34
C LEU A 278 5.64 24.34 -1.11
N ILE A 279 6.09 24.25 0.14
CA ILE A 279 7.50 24.47 0.45
C ILE A 279 8.35 23.41 -0.21
N SER A 280 7.97 22.14 -0.08
CA SER A 280 8.74 21.06 -0.67
C SER A 280 8.79 21.18 -2.19
N GLN A 281 7.68 21.59 -2.81
CA GLN A 281 7.66 21.70 -4.25
C GLN A 281 8.55 22.84 -4.72
N ALA A 282 8.46 24.00 -4.07
CA ALA A 282 9.32 25.13 -4.43
C ALA A 282 10.79 24.77 -4.23
N PHE A 283 11.10 24.01 -3.18
CA PHE A 283 12.48 23.59 -2.97
C PHE A 283 12.94 22.66 -4.07
N SER A 284 12.24 21.56 -4.29
CA SER A 284 12.60 20.62 -5.34
C SER A 284 12.73 21.32 -6.69
N ASP A 285 11.93 22.36 -6.94
CA ASP A 285 12.14 23.19 -8.12
C ASP A 285 13.50 23.88 -8.06
N ALA A 286 13.69 24.71 -7.03
CA ALA A 286 14.96 25.42 -6.88
C ALA A 286 16.12 24.46 -6.63
N SER A 287 15.84 23.21 -6.26
CA SER A 287 16.89 22.23 -6.08
C SER A 287 17.56 21.90 -7.40
N SER A 288 16.79 21.36 -8.34
CA SER A 288 17.35 20.91 -9.61
C SER A 288 17.32 22.02 -10.67
N ARG A 289 17.89 23.16 -10.32
CA ARG A 289 18.02 24.26 -11.27
C ARG A 289 19.27 25.04 -10.92
N ALA A 290 19.80 25.74 -11.92
CA ALA A 290 21.09 26.41 -11.79
C ALA A 290 21.09 27.38 -10.61
N GLY A 291 22.23 27.47 -9.94
CA GLY A 291 22.41 28.40 -8.85
C GLY A 291 21.59 28.11 -7.62
N GLY A 292 20.76 27.06 -7.66
CA GLY A 292 19.89 26.75 -6.55
C GLY A 292 20.60 26.54 -5.24
N ALA A 293 21.87 26.13 -5.28
CA ALA A 293 22.61 25.89 -4.04
C ALA A 293 22.67 27.15 -3.18
N ASP A 294 22.95 28.30 -3.80
CA ASP A 294 23.00 29.54 -3.05
C ASP A 294 21.66 29.86 -2.42
N PHE A 295 20.58 29.74 -3.20
CA PHE A 295 19.26 30.05 -2.69
C PHE A 295 18.89 29.16 -1.50
N LEU A 296 19.19 27.87 -1.59
CA LEU A 296 18.87 26.97 -0.50
C LEU A 296 19.72 27.29 0.74
N MET A 297 21.03 27.43 0.56
CA MET A 297 21.89 27.71 1.70
C MET A 297 21.59 29.05 2.35
N ARG A 298 20.97 29.97 1.62
CA ARG A 298 20.58 31.24 2.21
C ARG A 298 19.21 31.18 2.87
N VAL A 299 18.27 30.43 2.30
CA VAL A 299 16.94 30.35 2.88
C VAL A 299 16.91 29.40 4.08
N GLY A 300 17.94 28.57 4.24
CA GLY A 300 17.93 27.62 5.33
C GLY A 300 18.09 28.19 6.73
N ASP A 301 17.97 29.51 6.88
CA ASP A 301 18.11 30.13 8.20
C ASP A 301 17.07 31.20 8.46
N LYS A 302 15.97 31.21 7.70
CA LYS A 302 14.89 32.15 7.94
C LYS A 302 13.92 31.56 8.96
N LYS A 303 12.77 32.20 9.14
CA LYS A 303 11.77 31.78 10.11
C LYS A 303 10.45 31.53 9.40
N VAL A 304 9.86 30.37 9.64
CA VAL A 304 8.56 30.02 9.09
C VAL A 304 7.75 29.34 10.18
N THR A 305 6.49 29.75 10.31
CA THR A 305 5.58 29.19 11.30
C THR A 305 4.72 28.14 10.62
N LEU A 306 4.60 26.97 11.25
CA LEU A 306 3.77 25.89 10.71
C LEU A 306 3.31 25.03 11.87
N ASN A 307 1.99 24.87 12.01
CA ASN A 307 1.38 24.04 13.03
C ASN A 307 1.80 24.50 14.44
N GLY A 308 1.44 25.73 14.76
CA GLY A 308 1.62 26.24 16.10
C GLY A 308 3.07 26.55 16.46
N ALA A 309 3.94 25.56 16.36
CA ALA A 309 5.33 25.76 16.69
C ALA A 309 6.04 26.52 15.57
N THR A 310 7.06 27.30 15.96
CA THR A 310 7.82 28.10 15.03
C THR A 310 9.25 27.57 14.97
N THR A 311 9.73 27.32 13.75
CA THR A 311 11.07 26.78 13.59
C THR A 311 11.79 27.44 12.42
N THR A 312 12.95 26.90 12.06
CA THR A 312 13.71 27.36 10.91
C THR A 312 13.61 26.34 9.80
N TYR A 313 13.64 26.82 8.55
CA TYR A 313 13.42 25.95 7.39
C TYR A 313 14.33 24.74 7.43
N ARG A 314 15.61 24.93 7.75
CA ARG A 314 16.53 23.81 7.85
C ARG A 314 16.07 22.80 8.89
N GLU A 315 15.26 23.22 9.87
CA GLU A 315 14.77 22.32 10.89
C GLU A 315 13.36 21.82 10.62
N LEU A 316 12.63 22.45 9.69
CA LEU A 316 11.31 21.96 9.32
C LEU A 316 11.41 20.57 8.70
N ILE A 317 12.08 20.48 7.56
CA ILE A 317 12.41 19.18 6.99
C ILE A 317 13.65 18.64 7.69
N GLY A 318 13.69 17.32 7.85
CA GLY A 318 14.72 16.71 8.68
C GLY A 318 16.12 17.02 8.21
N GLU A 319 17.06 16.94 9.15
CA GLU A 319 18.44 17.31 8.85
C GLU A 319 19.03 16.40 7.77
N GLU A 320 18.74 15.10 7.83
CA GLU A 320 19.22 14.21 6.78
C GLU A 320 18.51 14.51 5.46
N GLN A 321 17.23 14.85 5.51
CA GLN A 321 16.54 15.30 4.32
C GLN A 321 17.17 16.59 3.79
N TRP A 322 17.58 17.47 4.69
CA TRP A 322 18.23 18.71 4.26
C TRP A 322 19.56 18.41 3.57
N ASN A 323 20.33 17.47 4.12
CA ASN A 323 21.61 17.14 3.50
C ASN A 323 21.41 16.52 2.12
N ALA A 324 20.43 15.62 2.00
CA ALA A 324 20.13 15.04 0.69
C ALA A 324 19.68 16.09 -0.31
N LEU A 325 18.81 17.01 0.13
CA LEU A 325 18.34 18.07 -0.75
C LEU A 325 19.48 18.97 -1.17
N MET A 326 20.41 19.28 -0.27
CA MET A 326 21.54 20.11 -0.62
C MET A 326 22.47 19.41 -1.60
N VAL A 327 22.69 18.11 -1.39
CA VAL A 327 23.52 17.35 -2.34
C VAL A 327 22.89 17.36 -3.72
N THR A 328 21.57 17.18 -3.78
CA THR A 328 20.89 17.22 -5.08
C THR A 328 20.98 18.62 -5.69
N ALA A 329 20.83 19.66 -4.87
CA ALA A 329 20.86 21.01 -5.41
C ALA A 329 22.27 21.39 -5.89
N GLN A 330 23.29 20.74 -5.34
CA GLN A 330 24.65 21.01 -5.80
C GLN A 330 25.05 20.12 -6.96
N ARG A 331 24.41 18.98 -7.14
CA ARG A 331 24.65 18.18 -8.34
C ARG A 331 23.80 18.64 -9.51
N SER A 332 22.78 19.46 -9.23
CA SER A 332 21.89 19.94 -10.28
C SER A 332 22.66 20.58 -11.43
N GLN A 333 23.39 21.66 -11.11
CA GLN A 333 24.14 22.45 -12.14
C GLN A 333 25.03 21.54 -12.99
N PHE A 334 25.46 20.40 -12.44
CA PHE A 334 26.35 19.52 -13.17
C PHE A 334 25.59 18.38 -13.82
N GLU A 335 24.28 18.29 -13.60
CA GLU A 335 23.44 17.34 -14.31
C GLU A 335 22.36 18.02 -15.14
N THR A 336 22.49 19.32 -15.39
CA THR A 336 21.53 20.05 -16.21
C THR A 336 22.18 20.83 -17.35
N ASP A 337 23.34 21.41 -17.13
CA ASP A 337 24.08 22.16 -18.15
C ASP A 337 25.33 21.37 -18.50
N ALA A 338 25.20 20.47 -19.49
CA ALA A 338 26.29 19.58 -19.83
C ALA A 338 27.57 20.33 -20.19
N LYS A 339 27.44 21.55 -20.72
CA LYS A 339 28.63 22.30 -21.11
C LYS A 339 29.56 22.54 -19.93
N LEU A 340 28.98 22.81 -18.76
CA LEU A 340 29.81 23.08 -17.58
C LEU A 340 30.52 21.80 -17.14
N ASN A 341 29.86 20.66 -17.25
CA ASN A 341 30.50 19.38 -16.97
C ASN A 341 31.72 19.18 -17.85
N GLU A 342 31.56 19.41 -19.16
CA GLU A 342 32.69 19.30 -20.07
C GLU A 342 33.80 20.26 -19.67
N GLN A 343 33.45 21.50 -19.35
CA GLN A 343 34.48 22.49 -19.03
C GLN A 343 35.30 22.05 -17.84
N TYR A 344 34.63 21.67 -16.75
CA TYR A 344 35.39 21.31 -15.54
C TYR A 344 36.15 20.00 -15.73
N ARG A 345 35.59 19.02 -16.43
CA ARG A 345 36.33 17.77 -16.62
C ARG A 345 37.56 17.99 -17.49
N LEU A 346 37.42 18.76 -18.57
CA LEU A 346 38.56 19.03 -19.43
C LEU A 346 39.62 19.84 -18.70
N LYS A 347 39.20 20.78 -17.86
CA LYS A 347 40.19 21.59 -17.14
C LYS A 347 40.89 20.77 -16.06
N ILE A 348 40.16 19.88 -15.40
CA ILE A 348 40.79 18.96 -14.45
C ILE A 348 41.82 18.09 -15.16
N ASN A 349 41.48 17.59 -16.34
CA ASN A 349 42.41 16.76 -17.08
C ASN A 349 43.64 17.56 -17.50
N SER A 350 43.44 18.78 -18.00
CA SER A 350 44.57 19.60 -18.42
C SER A 350 45.48 19.92 -17.25
N ALA A 351 44.90 20.21 -16.09
CA ALA A 351 45.71 20.46 -14.90
C ALA A 351 46.49 19.22 -14.50
N LEU A 352 45.82 18.07 -14.48
CA LEU A 352 46.46 16.83 -14.06
C LEU A 352 47.59 16.40 -15.00
N ASN A 353 47.60 16.89 -16.24
CA ASN A 353 48.52 16.38 -17.25
C ASN A 353 49.65 17.35 -17.57
N GLN A 354 49.90 18.33 -16.70
CA GLN A 354 51.05 19.19 -16.90
C GLN A 354 52.33 18.42 -16.60
N GLU A 355 53.45 18.96 -17.10
CA GLU A 355 54.72 18.25 -16.96
C GLU A 355 55.33 18.44 -15.57
N ASP A 356 55.17 19.63 -14.99
CA ASP A 356 55.69 19.92 -13.66
C ASP A 356 54.55 19.94 -12.65
N PRO A 357 54.43 18.94 -11.77
CA PRO A 357 53.28 18.89 -10.87
C PRO A 357 53.12 20.12 -9.99
N ARG A 358 54.20 20.87 -9.72
CA ARG A 358 54.09 22.04 -8.85
C ARG A 358 53.09 23.06 -9.41
N THR A 359 53.06 23.23 -10.73
CA THR A 359 52.04 24.08 -11.34
C THR A 359 50.69 23.39 -11.37
N ALA A 360 50.68 22.06 -11.40
CA ALA A 360 49.41 21.34 -11.37
C ALA A 360 48.70 21.52 -10.03
N TRP A 361 49.46 21.63 -8.94
CA TRP A 361 48.86 21.96 -7.65
C TRP A 361 48.15 23.30 -7.70
N GLU A 362 48.80 24.32 -8.28
CA GLU A 362 48.19 25.64 -8.37
C GLU A 362 46.95 25.60 -9.27
N MET A 363 47.01 24.83 -10.36
CA MET A 363 45.86 24.74 -11.25
C MET A 363 44.68 24.06 -10.56
N LEU A 364 44.93 22.97 -9.84
CA LEU A 364 43.85 22.30 -9.13
C LEU A 364 43.30 23.20 -8.02
N GLN A 365 44.17 23.95 -7.34
CA GLN A 365 43.68 24.86 -6.31
C GLN A 365 42.80 25.94 -6.89
N GLY A 366 43.20 26.49 -8.05
CA GLY A 366 42.34 27.45 -8.73
C GLY A 366 41.02 26.86 -9.14
N ILE A 367 41.04 25.61 -9.62
CA ILE A 367 39.79 24.94 -9.99
C ILE A 367 38.87 24.81 -8.79
N LYS A 368 39.42 24.38 -7.65
CA LYS A 368 38.59 24.24 -6.47
C LYS A 368 38.08 25.59 -5.97
N ALA A 369 38.91 26.63 -6.06
CA ALA A 369 38.47 27.95 -5.65
C ALA A 369 37.33 28.45 -6.53
N GLU A 370 37.41 28.18 -7.83
CA GLU A 370 36.32 28.57 -8.72
C GLU A 370 35.08 27.71 -8.50
N LEU A 371 35.27 26.44 -8.13
CA LEU A 371 34.14 25.53 -7.95
C LEU A 371 33.39 25.81 -6.65
N ASP A 372 34.04 26.41 -5.65
CA ASP A 372 33.34 26.75 -4.43
C ASP A 372 32.29 27.82 -4.66
N LYS A 373 32.41 28.59 -5.74
CA LYS A 373 31.42 29.63 -6.03
C LYS A 373 30.21 29.10 -6.78
N VAL A 374 30.20 27.83 -7.17
CA VAL A 374 29.02 27.20 -7.74
C VAL A 374 28.56 26.00 -6.91
N GLN A 375 29.02 25.90 -5.67
CA GLN A 375 28.61 24.86 -4.74
C GLN A 375 28.95 25.31 -3.32
N PRO A 376 28.27 26.34 -2.82
CA PRO A 376 28.73 26.98 -1.57
C PRO A 376 28.74 26.06 -0.36
N ASP A 377 27.64 25.36 -0.11
CA ASP A 377 27.56 24.55 1.10
C ASP A 377 28.57 23.40 1.01
N GLU A 378 29.00 22.93 2.18
CA GLU A 378 30.17 22.07 2.30
C GLU A 378 29.84 20.58 2.15
N GLN A 379 28.65 20.25 1.64
CA GLN A 379 28.29 18.85 1.48
C GLN A 379 29.17 18.18 0.43
N MET A 380 29.25 16.86 0.50
CA MET A 380 30.04 16.07 -0.43
C MET A 380 29.21 15.76 -1.67
N THR A 381 29.73 16.15 -2.82
CA THR A 381 29.09 15.93 -4.11
C THR A 381 30.00 15.09 -4.99
N PRO A 382 29.48 14.51 -6.08
CA PRO A 382 30.34 13.77 -7.00
C PRO A 382 31.43 14.59 -7.66
N GLN A 383 31.51 15.89 -7.38
CA GLN A 383 32.52 16.75 -7.98
C GLN A 383 33.71 16.97 -7.07
N ARG A 384 33.46 17.21 -5.78
CA ARG A 384 34.56 17.18 -4.83
C ARG A 384 35.32 15.86 -4.91
N GLU A 385 34.64 14.78 -5.30
CA GLU A 385 35.34 13.52 -5.52
C GLU A 385 36.22 13.58 -6.76
N TRP A 386 35.79 14.30 -7.80
CA TRP A 386 36.67 14.54 -8.94
C TRP A 386 37.94 15.25 -8.49
N LEU A 387 37.78 16.32 -7.70
CA LEU A 387 38.95 17.04 -7.21
C LEU A 387 39.81 16.15 -6.31
N ILE A 388 39.18 15.26 -5.56
CA ILE A 388 39.93 14.34 -4.71
C ILE A 388 40.80 13.43 -5.55
N SER A 389 40.22 12.83 -6.59
CA SER A 389 40.99 11.95 -7.46
C SER A 389 42.09 12.71 -8.17
N ALA A 390 41.80 13.94 -8.59
CA ALA A 390 42.81 14.75 -9.27
C ALA A 390 43.97 15.06 -8.33
N GLN A 391 43.68 15.42 -7.09
CA GLN A 391 44.75 15.71 -6.14
C GLN A 391 45.53 14.44 -5.78
N GLU A 392 44.83 13.31 -5.66
CA GLU A 392 45.49 12.03 -5.45
C GLU A 392 46.52 11.76 -6.55
N GLN A 393 46.08 11.87 -7.80
CA GLN A 393 46.96 11.53 -8.91
C GLN A 393 48.09 12.55 -9.07
N VAL A 394 47.81 13.83 -8.81
CA VAL A 394 48.86 14.81 -8.95
C VAL A 394 49.89 14.65 -7.82
N GLN A 395 49.45 14.20 -6.64
CA GLN A 395 50.41 13.93 -5.57
C GLN A 395 51.27 12.72 -5.90
N ASN A 396 50.67 11.67 -6.45
CA ASN A 396 51.46 10.53 -6.90
C ASN A 396 52.48 10.96 -7.97
N GLN A 397 52.04 11.79 -8.91
CA GLN A 397 52.94 12.25 -9.97
C GLN A 397 54.07 13.10 -9.39
N MET A 398 53.76 13.97 -8.42
CA MET A 398 54.79 14.78 -7.81
C MET A 398 55.80 13.92 -7.05
N ASN A 399 55.31 12.89 -6.37
CA ASN A 399 56.21 11.97 -5.68
C ASN A 399 57.13 11.27 -6.67
N ALA A 400 56.57 10.77 -7.78
CA ALA A 400 57.38 10.10 -8.77
C ALA A 400 58.40 11.04 -9.41
N TRP A 401 58.01 12.29 -9.66
CA TRP A 401 58.90 13.25 -10.30
C TRP A 401 60.01 13.68 -9.35
N THR A 402 59.70 13.82 -8.06
CA THR A 402 60.74 14.13 -7.09
C THR A 402 61.70 12.95 -6.91
N LYS A 403 61.19 11.73 -6.94
CA LYS A 403 62.06 10.56 -6.84
C LYS A 403 62.95 10.43 -8.06
N ALA A 404 62.43 10.76 -9.24
CA ALA A 404 63.24 10.72 -10.45
C ALA A 404 64.07 11.97 -10.65
N GLN A 405 63.89 12.99 -9.81
CA GLN A 405 64.76 14.17 -9.88
C GLN A 405 66.16 13.85 -9.36
N ALA A 406 66.31 12.84 -8.50
CA ALA A 406 67.63 12.48 -7.99
C ALA A 406 68.56 12.03 -9.11
N LYS A 407 68.01 11.50 -10.20
CA LYS A 407 68.84 11.10 -11.33
C LYS A 407 69.42 12.31 -12.06
N ALA A 408 68.93 13.52 -11.78
CA ALA A 408 69.53 14.72 -12.36
C ALA A 408 70.77 15.15 -11.60
N LEU A 409 71.12 14.48 -10.51
CA LEU A 409 72.30 14.82 -9.72
C LEU A 409 73.54 14.11 -10.25
N LYS B 94 -57.50 -12.74 15.68
CA LYS B 94 -56.34 -13.59 15.89
C LYS B 94 -55.54 -13.75 14.60
N GLU B 95 -55.84 -12.90 13.61
CA GLU B 95 -55.13 -12.97 12.35
C GLU B 95 -53.65 -12.68 12.51
N GLN B 96 -53.26 -11.97 13.57
CA GLN B 96 -51.85 -11.68 13.80
C GLN B 96 -51.09 -12.92 14.25
N ARG B 97 -51.80 -13.91 14.82
CA ARG B 97 -51.14 -15.11 15.31
C ARG B 97 -51.11 -16.22 14.28
N ALA B 98 -52.22 -16.43 13.55
CA ALA B 98 -52.28 -17.50 12.56
C ALA B 98 -51.22 -17.31 11.50
N ARG B 99 -51.05 -16.07 11.01
CA ARG B 99 -49.97 -15.79 10.08
C ARG B 99 -48.60 -15.88 10.74
N ASP B 100 -48.52 -15.55 12.02
CA ASP B 100 -47.26 -15.68 12.74
C ASP B 100 -46.80 -17.13 12.79
N LEU B 101 -47.73 -18.04 13.04
CA LEU B 101 -47.39 -19.46 13.01
C LEU B 101 -47.09 -19.93 11.60
N ALA B 102 -47.70 -19.28 10.60
CA ALA B 102 -47.43 -19.63 9.21
C ALA B 102 -45.97 -19.37 8.86
N ASP B 103 -45.40 -18.28 9.36
CA ASP B 103 -44.00 -17.99 9.09
C ASP B 103 -43.10 -19.07 9.67
N GLU B 104 -43.39 -19.52 10.90
CA GLU B 104 -42.58 -20.57 11.50
C GLU B 104 -42.69 -21.87 10.71
N ARG B 105 -43.92 -22.24 10.30
CA ARG B 105 -44.08 -23.45 9.53
C ARG B 105 -43.36 -23.36 8.18
N SER B 106 -43.41 -22.19 7.54
CA SER B 106 -42.69 -21.99 6.29
C SER B 106 -41.19 -22.15 6.50
N ASN B 107 -40.66 -21.58 7.57
CA ASN B 107 -39.23 -21.71 7.84
C ASN B 107 -38.84 -23.16 8.08
N GLU B 108 -39.68 -23.90 8.80
CA GLU B 108 -39.39 -25.31 9.02
C GLU B 108 -39.41 -26.08 7.71
N ILE B 109 -40.39 -25.78 6.84
CA ILE B 109 -40.46 -26.45 5.54
C ILE B 109 -39.21 -26.17 4.72
N ILE B 110 -38.80 -24.91 4.66
CA ILE B 110 -37.68 -24.55 3.80
C ILE B 110 -36.34 -24.95 4.39
N ARG B 111 -36.27 -25.23 5.70
CA ARG B 111 -35.01 -25.75 6.23
C ARG B 111 -34.94 -27.27 6.12
N LYS B 112 -35.99 -27.97 6.52
CA LYS B 112 -35.95 -29.43 6.58
C LYS B 112 -35.93 -30.11 5.22
N LEU B 113 -35.94 -29.42 4.08
CA LEU B 113 -35.97 -30.10 2.80
C LEU B 113 -35.05 -29.39 1.82
N THR B 114 -34.65 -30.13 0.78
CA THR B 114 -33.82 -29.67 -0.33
C THR B 114 -34.69 -29.16 -1.47
N PRO B 115 -34.12 -28.43 -2.44
CA PRO B 115 -34.93 -28.02 -3.59
C PRO B 115 -35.43 -29.18 -4.44
N GLU B 116 -34.98 -30.40 -4.17
CA GLU B 116 -35.43 -31.56 -4.92
C GLU B 116 -36.53 -32.32 -4.20
N GLN B 117 -36.28 -32.71 -2.95
CA GLN B 117 -37.27 -33.47 -2.19
C GLN B 117 -38.60 -32.75 -2.12
N ARG B 118 -38.60 -31.42 -2.08
CA ARG B 118 -39.85 -30.69 -1.96
C ARG B 118 -40.71 -30.88 -3.21
N ARG B 119 -40.08 -30.88 -4.39
CA ARG B 119 -40.85 -31.12 -5.60
C ARG B 119 -41.40 -32.54 -5.62
N GLU B 120 -40.58 -33.52 -5.23
CA GLU B 120 -41.04 -34.91 -5.20
C GLU B 120 -42.18 -35.09 -4.22
N ALA B 121 -42.19 -34.33 -3.13
CA ALA B 121 -43.21 -34.47 -2.10
C ALA B 121 -44.38 -33.51 -2.28
N LEU B 122 -44.26 -32.51 -3.16
CA LEU B 122 -45.38 -31.59 -3.35
C LEU B 122 -46.51 -32.25 -4.13
N ASN B 123 -46.17 -33.04 -5.15
CA ASN B 123 -47.20 -33.73 -5.91
C ASN B 123 -47.69 -34.99 -5.22
N ASN B 124 -46.93 -35.53 -4.27
CA ASN B 124 -47.38 -36.65 -3.46
C ASN B 124 -48.20 -36.22 -2.26
N GLY B 125 -48.41 -34.92 -2.07
CA GLY B 125 -49.19 -34.45 -0.93
C GLY B 125 -48.64 -34.90 0.41
N THR B 126 -47.33 -34.77 0.61
CA THR B 126 -46.70 -35.26 1.83
C THR B 126 -45.74 -34.24 2.42
N LEU B 127 -45.99 -32.95 2.22
CA LEU B 127 -45.24 -31.93 2.92
C LEU B 127 -45.60 -31.94 4.41
N LEU B 128 -44.86 -31.16 5.19
CA LEU B 128 -45.10 -31.16 6.63
C LEU B 128 -46.31 -30.34 7.02
N TYR B 129 -46.70 -29.33 6.23
CA TYR B 129 -47.85 -28.51 6.55
C TYR B 129 -48.66 -28.22 5.30
N GLN B 130 -48.87 -29.23 4.46
CA GLN B 130 -49.66 -29.05 3.26
C GLN B 130 -51.10 -28.66 3.58
N ASP B 131 -51.62 -29.11 4.72
CA ASP B 131 -53.01 -28.83 5.07
C ASP B 131 -53.23 -27.33 5.29
N ASP B 132 -52.39 -26.70 6.09
CA ASP B 132 -52.57 -25.29 6.40
C ASP B 132 -52.33 -24.45 5.15
N PRO B 133 -53.28 -23.59 4.76
CA PRO B 133 -53.05 -22.77 3.57
C PRO B 133 -52.07 -21.64 3.80
N TYR B 134 -52.09 -21.03 4.99
CA TYR B 134 -51.16 -19.94 5.28
C TYR B 134 -49.72 -20.44 5.28
N ALA B 135 -49.47 -21.67 5.72
CA ALA B 135 -48.13 -22.22 5.66
C ALA B 135 -47.63 -22.32 4.23
N MET B 136 -48.46 -22.87 3.34
CA MET B 136 -48.07 -22.96 1.94
C MET B 136 -47.89 -21.58 1.32
N GLU B 137 -48.72 -20.62 1.73
CA GLU B 137 -48.62 -19.27 1.18
C GLU B 137 -47.30 -18.62 1.59
N ALA B 138 -46.93 -18.78 2.86
CA ALA B 138 -45.65 -18.24 3.32
C ALA B 138 -44.48 -18.95 2.64
N LEU B 139 -44.59 -20.27 2.46
CA LEU B 139 -43.53 -20.99 1.78
C LEU B 139 -43.37 -20.52 0.35
N ARG B 140 -44.48 -20.20 -0.32
CA ARG B 140 -44.39 -19.72 -1.69
C ARG B 140 -43.83 -18.30 -1.75
N VAL B 141 -44.33 -17.40 -0.91
CA VAL B 141 -43.82 -16.03 -0.93
C VAL B 141 -42.35 -15.98 -0.52
N LYS B 142 -41.87 -16.99 0.21
CA LYS B 142 -40.45 -17.01 0.53
C LYS B 142 -39.63 -17.64 -0.59
N THR B 143 -40.08 -18.77 -1.14
CA THR B 143 -39.32 -19.44 -2.18
C THR B 143 -39.24 -18.62 -3.46
N GLY B 144 -39.91 -17.47 -3.51
CA GLY B 144 -39.78 -16.57 -4.64
C GLY B 144 -38.71 -15.53 -4.40
N ARG B 145 -38.71 -14.95 -3.19
CA ARG B 145 -37.65 -14.02 -2.83
C ARG B 145 -36.28 -14.67 -2.93
N ASN B 146 -36.23 -16.00 -2.86
CA ASN B 146 -34.97 -16.71 -3.07
C ASN B 146 -34.54 -16.62 -4.53
N ALA B 147 -35.41 -17.06 -5.44
CA ALA B 147 -35.06 -17.07 -6.85
C ALA B 147 -34.79 -15.67 -7.38
N ALA B 148 -35.52 -14.67 -6.86
CA ALA B 148 -35.26 -13.30 -7.22
C ALA B 148 -33.82 -12.92 -6.88
N TYR B 149 -33.37 -13.27 -5.68
CA TYR B 149 -32.00 -12.96 -5.31
C TYR B 149 -31.00 -13.75 -6.12
N LEU B 150 -31.32 -15.00 -6.48
CA LEU B 150 -30.39 -15.78 -7.29
C LEU B 150 -30.18 -15.14 -8.66
N VAL B 151 -31.26 -14.77 -9.34
CA VAL B 151 -31.11 -14.19 -10.67
C VAL B 151 -30.47 -12.81 -10.57
N ASP B 152 -30.81 -12.04 -9.54
CA ASP B 152 -30.18 -10.74 -9.37
C ASP B 152 -28.70 -10.87 -9.07
N ASP B 153 -28.30 -11.88 -8.31
CA ASP B 153 -26.90 -12.09 -8.00
C ASP B 153 -26.14 -12.52 -9.25
N ASP B 154 -26.74 -13.38 -10.07
CA ASP B 154 -26.13 -13.74 -11.34
C ASP B 154 -25.86 -12.50 -12.19
N VAL B 155 -26.89 -11.66 -12.36
CA VAL B 155 -26.73 -10.49 -13.24
C VAL B 155 -25.74 -9.50 -12.64
N MET B 156 -25.84 -9.22 -11.34
CA MET B 156 -24.92 -8.30 -10.69
C MET B 156 -23.49 -8.81 -10.74
N GLN B 157 -23.30 -10.13 -10.65
CA GLN B 157 -21.96 -10.69 -10.67
C GLN B 157 -21.36 -10.60 -12.06
N LYS B 158 -22.17 -10.80 -13.09
CA LYS B 158 -21.64 -10.61 -14.44
C LYS B 158 -21.50 -9.13 -14.78
N ILE B 159 -22.13 -8.24 -14.00
CA ILE B 159 -21.94 -6.81 -14.24
C ILE B 159 -20.68 -6.32 -13.56
N LYS B 160 -20.40 -6.78 -12.34
CA LYS B 160 -19.27 -6.30 -11.56
C LYS B 160 -17.97 -6.36 -12.37
N GLU B 161 -17.58 -7.56 -12.80
CA GLU B 161 -16.50 -7.71 -13.75
C GLU B 161 -17.09 -7.58 -15.15
N GLY B 162 -16.53 -6.67 -15.94
CA GLY B 162 -17.19 -6.19 -17.13
C GLY B 162 -17.52 -7.22 -18.20
N VAL B 163 -18.80 -7.56 -18.33
CA VAL B 163 -19.28 -8.38 -19.44
C VAL B 163 -20.33 -7.66 -20.27
N PHE B 164 -20.79 -6.49 -19.84
CA PHE B 164 -21.78 -5.72 -20.57
C PHE B 164 -21.19 -4.36 -20.90
N ARG B 165 -20.99 -4.09 -22.20
CA ARG B 165 -20.33 -2.87 -22.62
C ARG B 165 -21.29 -1.69 -22.69
N THR B 166 -22.34 -1.80 -23.50
CA THR B 166 -23.33 -0.74 -23.57
C THR B 166 -24.29 -0.85 -22.38
N ARG B 167 -25.32 -0.01 -22.38
CA ARG B 167 -26.36 -0.12 -21.37
C ARG B 167 -27.53 -0.95 -21.85
N GLU B 168 -27.88 -0.87 -23.13
CA GLU B 168 -29.01 -1.63 -23.65
C GLU B 168 -28.77 -3.13 -23.58
N GLU B 169 -27.52 -3.57 -23.75
CA GLU B 169 -27.24 -4.99 -23.67
C GLU B 169 -27.46 -5.53 -22.27
N MET B 170 -27.07 -4.76 -21.25
CA MET B 170 -27.29 -5.20 -19.87
C MET B 170 -28.77 -5.28 -19.56
N GLU B 171 -29.54 -4.30 -20.02
CA GLU B 171 -30.98 -4.33 -19.79
C GLU B 171 -31.62 -5.52 -20.49
N GLU B 172 -31.18 -5.82 -21.72
CA GLU B 172 -31.72 -6.96 -22.45
C GLU B 172 -31.42 -8.27 -21.73
N TYR B 173 -30.16 -8.45 -21.31
CA TYR B 173 -29.80 -9.66 -20.57
C TYR B 173 -30.58 -9.74 -19.27
N ARG B 174 -30.76 -8.61 -18.58
CA ARG B 174 -31.54 -8.58 -17.36
C ARG B 174 -32.94 -9.08 -17.59
N HIS B 175 -33.60 -8.60 -18.65
CA HIS B 175 -34.98 -8.98 -18.89
C HIS B 175 -35.09 -10.45 -19.25
N SER B 176 -34.22 -10.92 -20.15
CA SER B 176 -34.28 -12.33 -20.54
C SER B 176 -34.01 -13.23 -19.35
N ARG B 177 -33.02 -12.88 -18.52
CA ARG B 177 -32.73 -13.70 -17.36
C ARG B 177 -33.85 -13.65 -16.33
N LEU B 178 -34.48 -12.48 -16.15
CA LEU B 178 -35.62 -12.41 -15.25
C LEU B 178 -36.70 -13.41 -15.66
N GLN B 179 -37.13 -13.34 -16.92
CA GLN B 179 -38.17 -14.24 -17.38
C GLN B 179 -37.76 -15.69 -17.24
N GLU B 180 -36.64 -16.06 -17.85
CA GLU B 180 -36.22 -17.46 -17.86
C GLU B 180 -35.97 -17.99 -16.46
N GLY B 181 -35.43 -17.15 -15.57
CA GLY B 181 -35.12 -17.60 -14.23
C GLY B 181 -36.36 -17.76 -13.38
N ALA B 182 -37.29 -16.82 -13.47
CA ALA B 182 -38.58 -17.02 -12.81
C ALA B 182 -39.17 -18.37 -13.21
N LYS B 183 -39.25 -18.61 -14.52
CA LYS B 183 -39.85 -19.86 -14.99
C LYS B 183 -39.09 -21.08 -14.47
N VAL B 184 -37.76 -21.07 -14.61
CA VAL B 184 -37.00 -22.29 -14.31
C VAL B 184 -36.92 -22.54 -12.82
N TYR B 185 -36.80 -21.49 -12.00
CA TYR B 185 -36.75 -21.71 -10.56
C TYR B 185 -38.10 -22.13 -10.02
N ALA B 186 -39.19 -21.54 -10.54
CA ALA B 186 -40.51 -22.03 -10.16
C ALA B 186 -40.68 -23.49 -10.54
N GLU B 187 -40.18 -23.88 -11.71
CA GLU B 187 -40.32 -25.27 -12.12
C GLU B 187 -39.48 -26.20 -11.24
N GLN B 188 -38.27 -25.78 -10.89
CA GLN B 188 -37.41 -26.62 -10.07
C GLN B 188 -37.99 -26.78 -8.67
N PHE B 189 -38.42 -25.69 -8.06
CA PHE B 189 -39.01 -25.77 -6.72
C PHE B 189 -40.45 -26.29 -6.73
N GLY B 190 -40.92 -26.80 -7.86
CA GLY B 190 -42.24 -27.40 -7.92
C GLY B 190 -43.40 -26.44 -7.77
N ILE B 191 -43.17 -25.14 -7.88
CA ILE B 191 -44.20 -24.13 -7.68
C ILE B 191 -44.71 -23.66 -9.03
N ASP B 192 -46.00 -23.35 -9.10
CA ASP B 192 -46.58 -22.84 -10.32
C ASP B 192 -45.98 -21.47 -10.62
N PRO B 193 -45.43 -21.25 -11.82
CA PRO B 193 -44.79 -19.95 -12.10
C PRO B 193 -45.79 -18.83 -12.32
N GLU B 194 -47.07 -19.08 -12.03
CA GLU B 194 -48.11 -18.08 -12.20
C GLU B 194 -48.83 -17.73 -10.90
N ASP B 195 -48.83 -18.63 -9.91
CA ASP B 195 -49.56 -18.40 -8.67
C ASP B 195 -49.13 -17.07 -8.04
N VAL B 196 -50.11 -16.22 -7.75
CA VAL B 196 -49.85 -14.82 -7.39
C VAL B 196 -48.90 -14.71 -6.20
N ASP B 197 -48.95 -15.65 -5.26
CA ASP B 197 -48.13 -15.54 -4.07
C ASP B 197 -46.65 -15.67 -4.39
N TYR B 198 -46.30 -16.57 -5.32
CA TYR B 198 -44.91 -16.72 -5.72
C TYR B 198 -44.36 -15.41 -6.31
N GLN B 199 -45.19 -14.69 -7.06
CA GLN B 199 -44.72 -13.46 -7.66
C GLN B 199 -44.62 -12.33 -6.65
N ARG B 200 -45.44 -12.36 -5.59
CA ARG B 200 -45.33 -11.34 -4.56
C ARG B 200 -43.96 -11.38 -3.88
N GLY B 201 -43.31 -12.53 -3.91
CA GLY B 201 -41.97 -12.64 -3.38
C GLY B 201 -40.93 -12.42 -4.45
N PHE B 202 -41.13 -13.03 -5.62
CA PHE B 202 -40.16 -12.87 -6.70
C PHE B 202 -40.11 -11.45 -7.24
N ASN B 203 -41.21 -10.71 -7.16
CA ASN B 203 -41.26 -9.32 -7.59
C ASN B 203 -41.26 -8.36 -6.41
N GLY B 204 -40.92 -8.86 -5.21
CA GLY B 204 -41.10 -8.13 -3.97
C GLY B 204 -40.59 -6.69 -4.00
N ASP B 205 -39.29 -6.53 -4.16
CA ASP B 205 -38.67 -5.21 -4.23
C ASP B 205 -37.93 -5.16 -5.57
N ILE B 206 -38.65 -4.75 -6.62
CA ILE B 206 -38.12 -4.81 -7.97
C ILE B 206 -37.46 -3.50 -8.40
N THR B 207 -38.09 -2.37 -8.09
CA THR B 207 -37.54 -1.09 -8.53
C THR B 207 -36.21 -0.80 -7.84
N GLU B 208 -36.09 -1.15 -6.56
CA GLU B 208 -34.84 -0.90 -5.86
C GLU B 208 -33.72 -1.79 -6.36
N ARG B 209 -34.03 -3.04 -6.70
CA ARG B 209 -33.00 -3.92 -7.27
C ARG B 209 -32.58 -3.44 -8.65
N ASN B 210 -33.54 -2.95 -9.45
CA ASN B 210 -33.17 -2.36 -10.74
C ASN B 210 -32.32 -1.12 -10.54
N ILE B 211 -32.61 -0.32 -9.51
CA ILE B 211 -31.78 0.83 -9.19
C ILE B 211 -30.36 0.40 -8.86
N SER B 212 -30.22 -0.65 -8.04
CA SER B 212 -28.90 -1.13 -7.67
C SER B 212 -28.12 -1.59 -8.89
N LEU B 213 -28.76 -2.38 -9.76
CA LEU B 213 -28.06 -2.87 -10.94
C LEU B 213 -27.68 -1.72 -11.87
N TYR B 214 -28.59 -0.78 -12.09
CA TYR B 214 -28.27 0.35 -12.95
C TYR B 214 -27.12 1.16 -12.38
N GLY B 215 -27.08 1.33 -11.06
CA GLY B 215 -25.98 2.06 -10.46
C GLY B 215 -24.65 1.37 -10.64
N ALA B 216 -24.59 0.07 -10.36
CA ALA B 216 -23.33 -0.65 -10.49
C ALA B 216 -22.87 -0.67 -11.95
N HIS B 217 -23.79 -0.97 -12.87
CA HIS B 217 -23.41 -1.03 -14.27
C HIS B 217 -23.01 0.34 -14.80
N ASP B 218 -23.64 1.41 -14.31
CA ASP B 218 -23.26 2.74 -14.74
C ASP B 218 -21.89 3.13 -14.20
N ASN B 219 -21.57 2.70 -12.98
CA ASN B 219 -20.23 2.89 -12.45
C ASN B 219 -19.20 2.22 -13.36
N PHE B 220 -19.45 0.95 -13.73
CA PHE B 220 -18.52 0.26 -14.60
C PHE B 220 -18.45 0.91 -15.97
N LEU B 221 -19.58 1.37 -16.50
CA LEU B 221 -19.59 2.00 -17.81
C LEU B 221 -18.80 3.30 -17.80
N SER B 222 -18.93 4.09 -16.75
CA SER B 222 -18.11 5.29 -16.63
C SER B 222 -16.65 4.95 -16.55
N GLN B 223 -16.29 3.90 -15.81
CA GLN B 223 -14.90 3.51 -15.72
C GLN B 223 -14.35 3.12 -17.09
N GLN B 224 -15.11 2.33 -17.86
CA GLN B 224 -14.58 1.89 -19.15
C GLN B 224 -14.58 3.05 -20.15
N ALA B 225 -15.51 4.00 -20.01
CA ALA B 225 -15.47 5.17 -20.88
C ALA B 225 -14.26 6.04 -20.57
N GLN B 226 -13.90 6.16 -19.29
CA GLN B 226 -12.66 6.84 -18.92
C GLN B 226 -11.46 6.16 -19.55
N LYS B 227 -11.34 4.84 -19.34
CA LYS B 227 -10.21 4.10 -19.91
C LYS B 227 -10.21 4.17 -21.42
N GLY B 228 -11.39 4.23 -22.04
CA GLY B 228 -11.46 4.28 -23.48
C GLY B 228 -11.07 5.65 -24.03
N ALA B 229 -11.42 6.71 -23.32
CA ALA B 229 -10.94 8.03 -23.71
C ALA B 229 -9.42 8.09 -23.59
N ILE B 230 -8.87 7.54 -22.51
CA ILE B 230 -7.42 7.54 -22.35
C ILE B 230 -6.75 6.77 -23.49
N MET B 231 -7.29 5.59 -23.82
CA MET B 231 -6.68 4.76 -24.85
C MET B 231 -6.93 5.30 -26.25
N ASN B 232 -8.02 6.04 -26.44
CA ASN B 232 -8.37 6.57 -27.75
C ASN B 232 -7.56 7.83 -28.06
N SER B 233 -7.38 8.71 -27.08
CA SER B 233 -6.61 9.90 -27.38
C SER B 233 -5.14 9.63 -27.49
N ARG B 234 -4.72 8.37 -27.50
CA ARG B 234 -3.36 8.02 -27.85
C ARG B 234 -3.22 7.61 -29.31
N VAL B 235 -4.23 6.94 -29.85
CA VAL B 235 -4.21 6.61 -31.28
C VAL B 235 -4.32 7.88 -32.12
N GLU B 236 -5.21 8.79 -31.71
CA GLU B 236 -5.35 10.05 -32.45
C GLU B 236 -4.05 10.84 -32.46
N LEU B 237 -3.27 10.77 -31.37
CA LEU B 237 -1.97 11.43 -31.36
C LEU B 237 -0.95 10.65 -32.17
N ASN B 238 -0.98 9.33 -32.08
CA ASN B 238 -0.05 8.49 -32.82
C ASN B 238 -0.31 8.50 -34.32
N GLY B 239 -1.26 9.30 -34.80
CA GLY B 239 -1.41 9.49 -36.23
C GLY B 239 -0.44 10.50 -36.80
N VAL B 240 -0.04 11.49 -36.00
CA VAL B 240 0.87 12.53 -36.45
C VAL B 240 2.03 12.68 -35.47
N LEU B 241 2.22 11.70 -34.60
CA LEU B 241 3.36 11.70 -33.68
C LEU B 241 4.14 10.40 -33.70
N GLN B 242 3.76 9.43 -34.53
CA GLN B 242 4.51 8.19 -34.64
C GLN B 242 5.64 8.28 -35.65
N ASP B 243 5.45 9.06 -36.71
CA ASP B 243 6.49 9.24 -37.71
C ASP B 243 7.69 9.96 -37.09
N PRO B 244 8.86 9.34 -37.03
CA PRO B 244 10.03 10.02 -36.46
C PRO B 244 10.46 11.24 -37.25
N ASP B 245 9.90 11.47 -38.44
CA ASP B 245 10.24 12.64 -39.23
C ASP B 245 9.22 13.77 -39.05
N MET B 246 7.93 13.43 -38.98
CA MET B 246 6.90 14.42 -38.73
C MET B 246 7.00 15.01 -37.33
N LEU B 247 7.56 14.25 -36.38
CA LEU B 247 7.60 14.71 -35.00
C LEU B 247 8.48 15.94 -34.83
N ARG B 248 9.70 15.89 -35.33
CA ARG B 248 10.62 16.99 -35.08
C ARG B 248 10.32 18.24 -35.88
N ARG B 249 9.25 18.31 -36.66
CA ARG B 249 8.90 19.56 -37.31
C ARG B 249 8.45 20.57 -36.27
N PRO B 250 8.68 21.87 -36.52
CA PRO B 250 8.37 22.88 -35.50
C PRO B 250 6.88 23.12 -35.29
N ASP B 251 6.00 22.39 -35.96
CA ASP B 251 4.56 22.57 -35.79
C ASP B 251 3.91 21.47 -34.94
N SER B 252 4.63 20.39 -34.64
CA SER B 252 4.05 19.32 -33.85
C SER B 252 3.66 19.80 -32.46
N ALA B 253 4.50 20.63 -31.85
CA ALA B 253 4.14 21.21 -30.56
C ALA B 253 2.87 22.05 -30.68
N ASP B 254 2.74 22.80 -31.76
CA ASP B 254 1.54 23.59 -31.98
C ASP B 254 0.31 22.70 -32.09
N PHE B 255 0.42 21.61 -32.84
CA PHE B 255 -0.71 20.69 -32.96
C PHE B 255 -1.08 20.08 -31.62
N PHE B 256 -0.08 19.71 -30.83
CA PHE B 256 -0.36 19.10 -29.53
C PHE B 256 -1.06 20.09 -28.59
N GLU B 257 -0.55 21.33 -28.54
CA GLU B 257 -1.18 22.33 -27.69
C GLU B 257 -2.60 22.63 -28.16
N LYS B 258 -2.80 22.77 -29.47
CA LYS B 258 -4.15 23.01 -30.00
C LYS B 258 -5.08 21.85 -29.66
N TYR B 259 -4.57 20.62 -29.73
CA TYR B 259 -5.41 19.46 -29.45
C TYR B 259 -5.84 19.45 -27.99
N ILE B 260 -4.90 19.64 -27.07
CA ILE B 260 -5.28 19.68 -25.66
C ILE B 260 -6.25 20.82 -25.39
N ASP B 261 -5.99 21.99 -25.96
CA ASP B 261 -6.87 23.14 -25.72
C ASP B 261 -8.29 22.86 -26.22
N ASN B 262 -8.41 22.38 -27.46
CA ASN B 262 -9.73 22.09 -28.01
C ASN B 262 -10.43 21.00 -27.20
N GLY B 263 -9.80 19.84 -27.07
CA GLY B 263 -10.40 18.75 -26.32
C GLY B 263 -10.69 19.07 -24.87
N LEU B 264 -10.08 20.13 -24.34
CA LEU B 264 -10.41 20.57 -23.00
C LEU B 264 -11.52 21.62 -22.97
N VAL B 265 -11.71 22.35 -24.07
CA VAL B 265 -12.78 23.34 -24.14
C VAL B 265 -14.05 22.75 -24.73
N THR B 266 -13.94 22.02 -25.84
CA THR B 266 -15.12 21.44 -26.48
C THR B 266 -15.72 20.32 -25.64
N GLY B 267 -14.90 19.33 -25.27
CA GLY B 267 -15.40 18.22 -24.48
C GLY B 267 -14.82 16.89 -24.88
N ALA B 268 -13.96 16.88 -25.91
CA ALA B 268 -13.33 15.63 -26.33
C ALA B 268 -12.52 15.01 -25.20
N ILE B 269 -11.87 15.84 -24.39
CA ILE B 269 -11.16 15.37 -23.20
C ILE B 269 -11.88 15.95 -21.99
N PRO B 270 -12.93 15.31 -21.50
CA PRO B 270 -13.80 15.96 -20.52
C PRO B 270 -13.15 16.24 -19.18
N SER B 271 -12.56 15.20 -18.57
CA SER B 271 -12.11 15.28 -17.18
C SER B 271 -10.83 16.11 -17.11
N ASP B 272 -10.92 17.28 -16.49
CA ASP B 272 -9.72 18.06 -16.25
C ASP B 272 -8.70 17.28 -15.43
N ALA B 273 -9.18 16.40 -14.55
CA ALA B 273 -8.27 15.57 -13.77
C ALA B 273 -7.59 14.54 -14.65
N GLN B 274 -8.25 14.05 -15.69
CA GLN B 274 -7.64 13.05 -16.55
C GLN B 274 -6.72 13.66 -17.60
N ALA B 275 -6.82 14.97 -17.84
CA ALA B 275 -5.91 15.61 -18.78
C ALA B 275 -4.46 15.43 -18.33
N THR B 276 -4.23 15.31 -17.03
CA THR B 276 -2.88 15.02 -16.56
C THR B 276 -2.41 13.65 -17.04
N GLN B 277 -3.27 12.63 -16.92
CA GLN B 277 -2.90 11.30 -17.40
C GLN B 277 -2.66 11.31 -18.90
N LEU B 278 -3.53 12.00 -19.66
CA LEU B 278 -3.36 12.07 -21.10
C LEU B 278 -2.05 12.75 -21.46
N ILE B 279 -1.73 13.86 -20.79
CA ILE B 279 -0.50 14.58 -21.07
C ILE B 279 0.72 13.72 -20.76
N SER B 280 0.72 13.10 -19.58
CA SER B 280 1.85 12.27 -19.19
C SER B 280 2.02 11.08 -20.13
N GLN B 281 0.91 10.50 -20.58
CA GLN B 281 1.01 9.35 -21.47
C GLN B 281 1.55 9.76 -22.83
N ALA B 282 1.04 10.86 -23.38
CA ALA B 282 1.54 11.34 -24.66
C ALA B 282 3.02 11.71 -24.57
N PHE B 283 3.43 12.28 -23.43
CA PHE B 283 4.85 12.60 -23.26
C PHE B 283 5.69 11.34 -23.21
N SER B 284 5.38 10.42 -22.29
CA SER B 284 6.13 9.17 -22.19
C SER B 284 6.18 8.44 -23.52
N ASP B 285 5.13 8.56 -24.34
CA ASP B 285 5.19 8.05 -25.70
C ASP B 285 6.25 8.79 -26.50
N ALA B 286 6.07 10.11 -26.66
CA ALA B 286 7.05 10.91 -27.40
C ALA B 286 8.41 10.94 -26.71
N SER B 287 8.49 10.54 -25.45
CA SER B 287 9.77 10.48 -24.76
C SER B 287 10.64 9.38 -25.36
N SER B 288 10.18 8.14 -25.29
CA SER B 288 10.98 7.00 -25.75
C SER B 288 10.72 6.68 -27.21
N ARG B 289 10.88 7.68 -28.06
CA ARG B 289 10.76 7.49 -29.51
C ARG B 289 11.67 8.49 -30.20
N ALA B 290 12.05 8.15 -31.42
CA ALA B 290 13.06 8.93 -32.14
C ALA B 290 12.64 10.38 -32.28
N GLY B 291 13.62 11.27 -32.20
CA GLY B 291 13.38 12.69 -32.39
C GLY B 291 12.57 13.35 -31.30
N GLY B 292 12.11 12.58 -30.32
CA GLY B 292 11.27 13.12 -29.27
C GLY B 292 11.86 14.27 -28.52
N ALA B 293 13.19 14.37 -28.47
CA ALA B 293 13.82 15.45 -27.74
C ALA B 293 13.42 16.81 -28.29
N ASP B 294 13.39 16.95 -29.62
CA ASP B 294 12.98 18.21 -30.22
C ASP B 294 11.53 18.55 -29.86
N PHE B 295 10.64 17.56 -29.97
CA PHE B 295 9.23 17.81 -29.68
C PHE B 295 9.03 18.25 -28.24
N LEU B 296 9.73 17.60 -27.30
CA LEU B 296 9.59 17.97 -25.90
C LEU B 296 10.15 19.36 -25.64
N MET B 297 11.38 19.63 -26.12
CA MET B 297 11.99 20.93 -25.89
C MET B 297 11.22 22.05 -26.55
N ARG B 298 10.43 21.75 -27.57
CA ARG B 298 9.61 22.79 -28.19
C ARG B 298 8.26 22.95 -27.50
N VAL B 299 7.67 21.85 -27.02
CA VAL B 299 6.38 21.96 -26.36
C VAL B 299 6.50 22.47 -24.94
N GLY B 300 7.71 22.45 -24.38
CA GLY B 300 7.88 22.88 -23.00
C GLY B 300 7.71 24.35 -22.73
N ASP B 301 7.17 25.11 -23.68
CA ASP B 301 6.98 26.54 -23.49
C ASP B 301 5.64 27.02 -23.99
N LYS B 302 4.68 26.13 -24.20
CA LYS B 302 3.34 26.52 -24.61
C LYS B 302 2.50 26.81 -23.38
N LYS B 303 1.20 27.00 -23.57
CA LYS B 303 0.28 27.32 -22.48
C LYS B 303 -0.82 26.28 -22.41
N VAL B 304 -1.05 25.74 -21.23
CA VAL B 304 -2.11 24.78 -20.98
C VAL B 304 -2.79 25.13 -19.67
N THR B 305 -4.12 25.13 -19.68
CA THR B 305 -4.91 25.43 -18.49
C THR B 305 -5.33 24.12 -17.84
N LEU B 306 -5.15 24.02 -16.52
CA LEU B 306 -5.54 22.82 -15.80
C LEU B 306 -5.84 23.22 -14.36
N ASN B 307 -7.05 22.92 -13.89
CA ASN B 307 -7.47 23.21 -12.52
C ASN B 307 -7.37 24.69 -12.21
N GLY B 308 -8.13 25.49 -12.96
CA GLY B 308 -8.25 26.90 -12.65
C GLY B 308 -7.03 27.72 -12.99
N ALA B 309 -5.88 27.36 -12.42
CA ALA B 309 -4.65 28.10 -12.69
C ALA B 309 -4.11 27.74 -14.06
N THR B 310 -3.43 28.70 -14.68
CA THR B 310 -2.85 28.54 -16.00
C THR B 310 -1.33 28.58 -15.89
N THR B 311 -0.67 27.58 -16.44
CA THR B 311 0.78 27.50 -16.37
C THR B 311 1.39 27.06 -17.70
N THR B 312 2.68 26.79 -17.70
CA THR B 312 3.39 26.27 -18.87
C THR B 312 3.71 24.81 -18.63
N TYR B 313 3.73 24.03 -19.72
CA TYR B 313 3.92 22.58 -19.61
C TYR B 313 5.14 22.23 -18.79
N ARG B 314 6.26 22.93 -19.03
CA ARG B 314 7.46 22.68 -18.25
C ARG B 314 7.23 22.92 -16.77
N GLU B 315 6.24 23.71 -16.41
CA GLU B 315 5.94 23.99 -15.02
C GLU B 315 4.78 23.15 -14.48
N LEU B 316 4.00 22.52 -15.35
CA LEU B 316 2.94 21.62 -14.89
C LEU B 316 3.53 20.44 -14.14
N ILE B 317 4.31 19.62 -14.83
CA ILE B 317 5.09 18.59 -14.17
C ILE B 317 6.34 19.22 -13.58
N GLY B 318 6.79 18.69 -12.44
CA GLY B 318 7.84 19.33 -11.69
C GLY B 318 9.13 19.46 -12.49
N GLU B 319 9.94 20.44 -12.09
CA GLU B 319 11.16 20.72 -12.83
C GLU B 319 12.12 19.52 -12.80
N GLU B 320 12.23 18.85 -11.67
CA GLU B 320 13.07 17.66 -11.62
C GLU B 320 12.46 16.54 -12.46
N GLN B 321 11.13 16.43 -12.43
CA GLN B 321 10.46 15.49 -13.33
C GLN B 321 10.72 15.86 -14.79
N TRP B 322 10.74 17.16 -15.09
CA TRP B 322 11.03 17.57 -16.46
C TRP B 322 12.44 17.21 -16.88
N ASN B 323 13.41 17.38 -15.97
CA ASN B 323 14.78 17.03 -16.29
C ASN B 323 14.93 15.54 -16.51
N ALA B 324 14.29 14.73 -15.66
CA ALA B 324 14.33 13.28 -15.84
C ALA B 324 13.68 12.87 -17.17
N LEU B 325 12.53 13.47 -17.48
CA LEU B 325 11.85 13.16 -18.74
C LEU B 325 12.70 13.55 -19.94
N MET B 326 13.39 14.69 -19.86
CA MET B 326 14.24 15.11 -20.96
C MET B 326 15.43 14.18 -21.12
N VAL B 327 16.03 13.75 -20.00
CA VAL B 327 17.14 12.81 -20.07
C VAL B 327 16.68 11.51 -20.72
N THR B 328 15.50 11.03 -20.34
CA THR B 328 14.98 9.81 -20.96
C THR B 328 14.70 10.02 -22.45
N ALA B 329 14.16 11.18 -22.82
CA ALA B 329 13.83 11.44 -24.21
C ALA B 329 15.09 11.58 -25.05
N GLN B 330 16.20 11.97 -24.43
CA GLN B 330 17.45 12.07 -25.18
C GLN B 330 18.23 10.77 -25.19
N ARG B 331 17.98 9.88 -24.24
CA ARG B 331 18.59 8.55 -24.29
C ARG B 331 17.76 7.60 -25.14
N SER B 332 16.53 7.97 -25.45
CA SER B 332 15.64 7.12 -26.24
C SER B 332 16.30 6.70 -27.55
N GLN B 333 16.62 7.68 -28.40
CA GLN B 333 17.20 7.43 -29.74
C GLN B 333 18.40 6.50 -29.65
N PHE B 334 19.11 6.49 -28.52
CA PHE B 334 20.30 5.67 -28.39
C PHE B 334 20.00 4.36 -27.68
N GLU B 335 18.77 4.17 -27.23
CA GLU B 335 18.33 2.88 -26.68
C GLU B 335 17.20 2.27 -27.47
N THR B 336 16.94 2.75 -28.69
CA THR B 336 15.90 2.20 -29.54
C THR B 336 16.39 1.81 -30.93
N ASP B 337 17.30 2.59 -31.51
CA ASP B 337 17.85 2.30 -32.83
C ASP B 337 19.33 1.93 -32.65
N ALA B 338 19.58 0.65 -32.43
CA ALA B 338 20.92 0.18 -32.12
C ALA B 338 21.94 0.58 -33.18
N LYS B 339 21.50 0.73 -34.43
CA LYS B 339 22.44 1.09 -35.50
C LYS B 339 23.12 2.42 -35.22
N LEU B 340 22.36 3.39 -34.69
CA LEU B 340 22.94 4.70 -34.41
C LEU B 340 23.96 4.61 -33.27
N ASN B 341 23.69 3.77 -32.28
CA ASN B 341 24.67 3.53 -31.22
C ASN B 341 25.97 3.01 -31.79
N GLU B 342 25.89 2.00 -32.67
CA GLU B 342 27.08 1.48 -33.32
C GLU B 342 27.81 2.57 -34.09
N GLN B 343 27.06 3.38 -34.84
CA GLN B 343 27.68 4.40 -35.68
C GLN B 343 28.48 5.38 -34.82
N TYR B 344 27.85 5.92 -33.78
CA TYR B 344 28.54 6.92 -32.97
C TYR B 344 29.69 6.31 -32.17
N ARG B 345 29.53 5.09 -31.65
CA ARG B 345 30.64 4.50 -30.90
C ARG B 345 31.82 4.20 -31.80
N LEU B 346 31.57 3.65 -32.99
CA LEU B 346 32.66 3.38 -33.92
C LEU B 346 33.33 4.66 -34.38
N LYS B 347 32.56 5.73 -34.59
CA LYS B 347 33.17 6.97 -35.04
C LYS B 347 33.97 7.64 -33.93
N ILE B 348 33.49 7.54 -32.69
CA ILE B 348 34.26 8.03 -31.56
C ILE B 348 35.57 7.28 -31.45
N ASN B 349 35.53 5.95 -31.63
CA ASN B 349 36.75 5.16 -31.56
C ASN B 349 37.71 5.53 -32.69
N SER B 350 37.20 5.68 -33.90
CA SER B 350 38.06 6.04 -35.03
C SER B 350 38.70 7.40 -34.82
N ALA B 351 37.94 8.36 -34.29
CA ALA B 351 38.49 9.67 -34.00
C ALA B 351 39.58 9.58 -32.93
N LEU B 352 39.30 8.84 -31.86
CA LEU B 352 40.25 8.73 -30.76
C LEU B 352 41.54 8.04 -31.15
N ASN B 353 41.53 7.25 -32.23
CA ASN B 353 42.65 6.39 -32.58
C ASN B 353 43.46 6.91 -33.76
N GLN B 354 43.30 8.18 -34.12
CA GLN B 354 44.16 8.75 -35.16
C GLN B 354 45.58 8.94 -34.63
N GLU B 355 46.51 9.08 -35.57
CA GLU B 355 47.91 9.17 -35.17
C GLU B 355 48.28 10.56 -34.67
N ASP B 356 47.70 11.60 -35.29
CA ASP B 356 47.97 12.97 -34.88
C ASP B 356 46.78 13.53 -34.11
N PRO B 357 46.88 13.72 -32.80
CA PRO B 357 45.70 14.16 -32.02
C PRO B 357 45.08 15.46 -32.50
N ARG B 358 45.84 16.33 -33.17
CA ARG B 358 45.29 17.60 -33.62
C ARG B 358 44.10 17.39 -34.54
N THR B 359 44.16 16.38 -35.41
CA THR B 359 43.00 16.05 -36.23
C THR B 359 41.93 15.33 -35.42
N ALA B 360 42.33 14.64 -34.35
CA ALA B 360 41.35 13.98 -33.50
C ALA B 360 40.48 15.00 -32.77
N TRP B 361 41.05 16.14 -32.41
CA TRP B 361 40.24 17.22 -31.83
C TRP B 361 39.16 17.66 -32.80
N GLU B 362 39.53 17.87 -34.07
CA GLU B 362 38.55 18.30 -35.06
C GLU B 362 37.49 17.22 -35.28
N MET B 363 37.90 15.95 -35.28
CA MET B 363 36.94 14.88 -35.47
C MET B 363 35.96 14.80 -34.31
N LEU B 364 36.45 14.91 -33.08
CA LEU B 364 35.56 14.89 -31.92
C LEU B 364 34.64 16.11 -31.92
N GLN B 365 35.16 17.27 -32.33
CA GLN B 365 34.32 18.46 -32.39
C GLN B 365 33.21 18.30 -33.42
N GLY B 366 33.54 17.71 -34.58
CA GLY B 366 32.51 17.43 -35.56
C GLY B 366 31.49 16.44 -35.04
N ILE B 367 31.94 15.43 -34.31
CA ILE B 367 31.00 14.46 -33.72
C ILE B 367 30.05 15.15 -32.76
N LYS B 368 30.58 16.02 -31.90
CA LYS B 368 29.71 16.71 -30.96
C LYS B 368 28.76 17.67 -31.67
N ALA B 369 29.24 18.33 -32.73
CA ALA B 369 28.36 19.22 -33.48
C ALA B 369 27.23 18.45 -34.15
N GLU B 370 27.52 17.26 -34.66
CA GLU B 370 26.46 16.44 -35.25
C GLU B 370 25.54 15.88 -34.18
N LEU B 371 26.06 15.58 -33.00
CA LEU B 371 25.26 15.00 -31.94
C LEU B 371 24.33 16.02 -31.29
N ASP B 372 24.66 17.31 -31.35
CA ASP B 372 23.76 18.31 -30.80
C ASP B 372 22.45 18.40 -31.59
N LYS B 373 22.44 17.91 -32.83
CA LYS B 373 21.23 17.94 -33.64
C LYS B 373 20.31 16.75 -33.38
N VAL B 374 20.74 15.78 -32.56
CA VAL B 374 19.89 14.69 -32.13
C VAL B 374 19.74 14.67 -30.61
N GLN B 375 20.05 15.76 -29.93
CA GLN B 375 19.90 15.90 -28.49
C GLN B 375 19.93 17.38 -28.14
N PRO B 376 18.91 18.15 -28.57
CA PRO B 376 19.03 19.61 -28.48
C PRO B 376 19.19 20.14 -27.08
N ASP B 377 18.33 19.72 -26.14
CA ASP B 377 18.39 20.30 -24.81
C ASP B 377 19.71 19.91 -24.13
N GLU B 378 20.13 20.74 -23.18
CA GLU B 378 21.49 20.70 -22.66
C GLU B 378 21.65 19.74 -21.48
N GLN B 379 20.68 18.86 -21.25
CA GLN B 379 20.79 17.94 -20.14
C GLN B 379 21.94 16.96 -20.36
N MET B 380 22.41 16.37 -19.25
CA MET B 380 23.50 15.41 -19.29
C MET B 380 22.94 14.02 -19.57
N THR B 381 23.43 13.39 -20.62
CA THR B 381 23.04 12.06 -21.03
C THR B 381 24.24 11.14 -21.03
N PRO B 382 24.03 9.82 -21.05
CA PRO B 382 25.18 8.90 -21.13
C PRO B 382 26.03 9.05 -22.39
N GLN B 383 25.67 9.95 -23.30
CA GLN B 383 26.44 10.14 -24.53
C GLN B 383 27.40 11.32 -24.44
N ARG B 384 26.95 12.43 -23.86
CA ARG B 384 27.89 13.50 -23.53
C ARG B 384 29.02 12.94 -22.67
N GLU B 385 28.76 11.92 -21.88
CA GLU B 385 29.83 11.28 -21.12
C GLU B 385 30.78 10.51 -22.03
N TRP B 386 30.26 9.90 -23.09
CA TRP B 386 31.13 9.31 -24.09
C TRP B 386 32.07 10.36 -24.69
N LEU B 387 31.51 11.50 -25.08
CA LEU B 387 32.34 12.57 -25.62
C LEU B 387 33.33 13.09 -24.59
N ILE B 388 32.93 13.11 -23.31
CA ILE B 388 33.83 13.54 -22.25
C ILE B 388 35.03 12.60 -22.15
N SER B 389 34.77 11.29 -22.13
CA SER B 389 35.87 10.33 -22.05
C SER B 389 36.75 10.42 -23.29
N ALA B 390 36.13 10.60 -24.46
CA ALA B 390 36.91 10.71 -25.69
C ALA B 390 37.82 11.94 -25.65
N GLN B 391 37.31 13.07 -25.18
CA GLN B 391 38.13 14.27 -25.12
C GLN B 391 39.21 14.13 -24.05
N GLU B 392 38.89 13.48 -22.93
CA GLU B 392 39.88 13.18 -21.92
C GLU B 392 41.05 12.40 -22.51
N GLN B 393 40.74 11.31 -23.20
CA GLN B 393 41.80 10.45 -23.72
C GLN B 393 42.56 11.12 -24.86
N VAL B 394 41.87 11.90 -25.70
CA VAL B 394 42.59 12.57 -26.77
C VAL B 394 43.48 13.67 -26.23
N GLN B 395 43.09 14.30 -25.12
CA GLN B 395 43.97 15.30 -24.52
C GLN B 395 45.18 14.64 -23.88
N ASN B 396 44.99 13.50 -23.21
CA ASN B 396 46.15 12.76 -22.70
C ASN B 396 47.08 12.35 -23.84
N GLN B 397 46.52 11.88 -24.95
CA GLN B 397 47.34 11.48 -26.08
C GLN B 397 48.09 12.66 -26.68
N MET B 398 47.42 13.82 -26.79
CA MET B 398 48.08 15.00 -27.31
C MET B 398 49.21 15.44 -26.40
N ASN B 399 49.00 15.38 -25.08
CA ASN B 399 50.07 15.71 -24.15
C ASN B 399 51.26 14.78 -24.32
N ALA B 400 50.99 13.47 -24.42
CA ALA B 400 52.08 12.51 -24.58
C ALA B 400 52.81 12.73 -25.90
N TRP B 401 52.08 13.05 -26.96
CA TRP B 401 52.70 13.22 -28.28
C TRP B 401 53.52 14.51 -28.33
N THR B 402 53.05 15.57 -27.65
CA THR B 402 53.84 16.79 -27.58
C THR B 402 55.08 16.59 -26.74
N LYS B 403 54.97 15.81 -25.65
CA LYS B 403 56.14 15.55 -24.82
C LYS B 403 57.16 14.70 -25.57
N ALA B 404 56.69 13.75 -26.39
CA ALA B 404 57.59 12.93 -27.19
C ALA B 404 58.02 13.61 -28.48
N GLN B 405 57.46 14.77 -28.81
CA GLN B 405 57.92 15.54 -29.96
C GLN B 405 59.28 16.16 -29.71
N ALA B 406 59.64 16.40 -28.44
CA ALA B 406 60.94 16.98 -28.13
C ALA B 406 62.08 16.07 -28.57
N LYS B 407 61.85 14.75 -28.64
CA LYS B 407 62.87 13.84 -29.11
C LYS B 407 63.13 13.98 -30.61
N ALA B 408 62.27 14.70 -31.33
CA ALA B 408 62.52 14.98 -32.73
C ALA B 408 63.48 16.15 -32.92
N LEU B 409 63.90 16.80 -31.84
CA LEU B 409 64.83 17.92 -31.92
C LEU B 409 66.28 17.45 -31.89
N LYS C 94 -52.14 -8.19 30.47
CA LYS C 94 -50.81 -8.14 31.05
C LYS C 94 -49.86 -9.08 30.31
N GLU C 95 -50.30 -9.55 29.13
CA GLU C 95 -49.47 -10.45 28.34
C GLU C 95 -48.17 -9.79 27.91
N GLN C 96 -48.15 -8.45 27.84
CA GLN C 96 -46.93 -7.76 27.46
C GLN C 96 -45.88 -7.82 28.55
N ARG C 97 -46.31 -8.02 29.80
CA ARG C 97 -45.35 -8.05 30.92
C ARG C 97 -44.88 -9.46 31.24
N ALA C 98 -45.79 -10.43 31.23
CA ALA C 98 -45.41 -11.81 31.56
C ALA C 98 -44.35 -12.33 30.59
N ARG C 99 -44.52 -12.06 29.30
CA ARG C 99 -43.48 -12.43 28.34
C ARG C 99 -42.24 -11.57 28.51
N ASP C 100 -42.39 -10.31 28.93
CA ASP C 100 -41.23 -9.47 29.18
C ASP C 100 -40.36 -10.04 30.29
N LEU C 101 -41.00 -10.53 31.36
CA LEU C 101 -40.23 -11.18 32.43
C LEU C 101 -39.65 -12.50 31.95
N ALA C 102 -40.32 -13.15 31.00
CA ALA C 102 -39.80 -14.41 30.46
C ALA C 102 -38.47 -14.20 29.76
N ASP C 103 -38.32 -13.08 29.04
CA ASP C 103 -37.06 -12.81 28.38
C ASP C 103 -35.93 -12.64 29.40
N GLU C 104 -36.20 -11.92 30.49
CA GLU C 104 -35.18 -11.75 31.53
C GLU C 104 -34.81 -13.08 32.16
N ARG C 105 -35.80 -13.91 32.47
CA ARG C 105 -35.50 -15.21 33.06
C ARG C 105 -34.71 -16.08 32.10
N SER C 106 -35.04 -16.03 30.81
CA SER C 106 -34.28 -16.78 29.81
C SER C 106 -32.85 -16.31 29.76
N ASN C 107 -32.62 -14.99 29.78
CA ASN C 107 -31.26 -14.48 29.74
C ASN C 107 -30.48 -14.91 30.97
N GLU C 108 -31.13 -14.90 32.14
CA GLU C 108 -30.43 -15.36 33.34
C GLU C 108 -30.08 -16.83 33.25
N ILE C 109 -31.00 -17.64 32.71
CA ILE C 109 -30.74 -19.07 32.55
C ILE C 109 -29.54 -19.28 31.63
N ILE C 110 -29.54 -18.60 30.49
CA ILE C 110 -28.49 -18.84 29.49
C ILE C 110 -27.17 -18.20 29.88
N ARG C 111 -27.15 -17.26 30.82
CA ARG C 111 -25.88 -16.76 31.28
C ARG C 111 -25.31 -17.59 32.43
N LYS C 112 -26.14 -17.89 33.43
CA LYS C 112 -25.66 -18.55 34.63
C LYS C 112 -25.28 -20.01 34.43
N LEU C 113 -25.39 -20.61 33.26
CA LEU C 113 -25.08 -22.02 33.09
C LEU C 113 -24.32 -22.24 31.80
N THR C 114 -23.60 -23.36 31.73
CA THR C 114 -22.83 -23.84 30.58
C THR C 114 -23.69 -24.74 29.72
N PRO C 115 -23.28 -25.02 28.47
CA PRO C 115 -24.04 -25.99 27.66
C PRO C 115 -24.07 -27.39 28.23
N GLU C 116 -23.30 -27.67 29.29
CA GLU C 116 -23.28 -29.00 29.89
C GLU C 116 -24.17 -29.06 31.13
N GLN C 117 -23.95 -28.15 32.09
CA GLN C 117 -24.73 -28.16 33.31
C GLN C 117 -26.22 -28.08 33.04
N ARG C 118 -26.63 -27.38 31.99
CA ARG C 118 -28.04 -27.24 31.70
C ARG C 118 -28.67 -28.58 31.34
N ARG C 119 -27.95 -29.40 30.57
CA ARG C 119 -28.47 -30.73 30.25
C ARG C 119 -28.55 -31.60 31.48
N GLU C 120 -27.52 -31.55 32.34
CA GLU C 120 -27.53 -32.34 33.55
C GLU C 120 -28.67 -31.92 34.48
N ALA C 121 -29.02 -30.63 34.47
CA ALA C 121 -30.05 -30.11 35.36
C ALA C 121 -31.44 -30.08 34.71
N LEU C 122 -31.54 -30.27 33.40
CA LEU C 122 -32.86 -30.26 32.77
C LEU C 122 -33.63 -31.53 33.10
N ASN C 123 -32.97 -32.67 33.10
CA ASN C 123 -33.64 -33.92 33.44
C ASN C 123 -33.79 -34.11 34.94
N ASN C 124 -33.01 -33.40 35.75
CA ASN C 124 -33.19 -33.41 37.20
C ASN C 124 -34.22 -32.41 37.68
N GLY C 125 -34.84 -31.65 36.78
CA GLY C 125 -35.83 -30.67 37.18
C GLY C 125 -35.33 -29.66 38.17
N THR C 126 -34.14 -29.09 37.92
CA THR C 126 -33.53 -28.16 38.87
C THR C 126 -33.00 -26.91 38.18
N LEU C 127 -33.61 -26.51 37.07
CA LEU C 127 -33.29 -25.21 36.49
C LEU C 127 -33.79 -24.09 37.39
N LEU C 128 -33.41 -22.86 37.05
CA LEU C 128 -33.79 -21.73 37.89
C LEU C 128 -35.24 -21.31 37.69
N TYR C 129 -35.82 -21.55 36.52
CA TYR C 129 -37.20 -21.17 36.25
C TYR C 129 -37.92 -22.26 35.49
N GLN C 130 -37.71 -23.52 35.88
CA GLN C 130 -38.39 -24.63 35.23
C GLN C 130 -39.90 -24.53 35.38
N ASP C 131 -40.38 -23.94 36.48
CA ASP C 131 -41.82 -23.87 36.72
C ASP C 131 -42.51 -23.00 35.68
N ASP C 132 -42.00 -21.81 35.44
CA ASP C 132 -42.63 -20.89 34.51
C ASP C 132 -42.53 -21.44 33.09
N PRO C 133 -43.64 -21.58 32.36
CA PRO C 133 -43.56 -22.09 30.99
C PRO C 133 -43.01 -21.07 30.01
N TYR C 134 -43.34 -19.79 30.19
CA TYR C 134 -42.82 -18.77 29.29
C TYR C 134 -41.30 -18.64 29.39
N ALA C 135 -40.74 -18.84 30.58
CA ALA C 135 -39.29 -18.81 30.73
C ALA C 135 -38.64 -19.92 29.92
N MET C 136 -39.16 -21.14 30.04
CA MET C 136 -38.61 -22.25 29.26
C MET C 136 -38.80 -22.02 27.76
N GLU C 137 -39.93 -21.42 27.38
CA GLU C 137 -40.19 -21.16 25.97
C GLU C 137 -39.18 -20.17 25.40
N ALA C 138 -38.91 -19.09 26.16
CA ALA C 138 -37.92 -18.12 25.72
C ALA C 138 -36.53 -18.74 25.68
N LEU C 139 -36.20 -19.57 26.68
CA LEU C 139 -34.90 -20.23 26.68
C LEU C 139 -34.75 -21.13 25.46
N ARG C 140 -35.82 -21.81 25.06
CA ARG C 140 -35.74 -22.68 23.89
C ARG C 140 -35.63 -21.86 22.61
N VAL C 141 -36.48 -20.85 22.44
CA VAL C 141 -36.41 -20.06 21.22
C VAL C 141 -35.08 -19.31 21.11
N LYS C 142 -34.40 -19.09 22.23
CA LYS C 142 -33.08 -18.48 22.14
C LYS C 142 -31.99 -19.50 21.87
N THR C 143 -32.02 -20.63 22.57
CA THR C 143 -30.98 -21.64 22.38
C THR C 143 -31.02 -22.27 21.00
N GLY C 144 -31.99 -21.91 20.17
CA GLY C 144 -32.03 -22.36 18.79
C GLY C 144 -31.37 -21.36 17.87
N ARG C 145 -31.67 -20.07 18.08
CA ARG C 145 -30.99 -19.03 17.31
C ARG C 145 -29.49 -19.09 17.51
N ASN C 146 -29.03 -19.67 18.62
CA ASN C 146 -27.60 -19.89 18.82
C ASN C 146 -27.07 -20.93 17.85
N ALA C 147 -27.66 -22.13 17.87
CA ALA C 147 -27.18 -23.22 17.03
C ALA C 147 -27.30 -22.87 15.55
N ALA C 148 -28.35 -22.14 15.18
CA ALA C 148 -28.47 -21.67 13.81
C ALA C 148 -27.27 -20.84 13.41
N TYR C 149 -26.87 -19.91 14.28
CA TYR C 149 -25.71 -19.09 13.95
C TYR C 149 -24.43 -19.91 13.94
N LEU C 150 -24.31 -20.91 14.81
CA LEU C 150 -23.11 -21.74 14.82
C LEU C 150 -22.96 -22.49 13.50
N VAL C 151 -24.02 -23.15 13.04
CA VAL C 151 -23.92 -23.91 11.81
C VAL C 151 -23.74 -22.97 10.61
N ASP C 152 -24.42 -21.82 10.63
CA ASP C 152 -24.24 -20.86 9.55
C ASP C 152 -22.82 -20.31 9.53
N ASP C 153 -22.22 -20.08 10.69
CA ASP C 153 -20.86 -19.58 10.73
C ASP C 153 -19.88 -20.63 10.24
N ASP C 154 -20.10 -21.88 10.61
CA ASP C 154 -19.27 -22.96 10.07
C ASP C 154 -19.31 -22.98 8.54
N VAL C 155 -20.52 -22.95 7.97
CA VAL C 155 -20.64 -23.05 6.52
C VAL C 155 -20.06 -21.81 5.85
N MET C 156 -20.38 -20.62 6.37
CA MET C 156 -19.87 -19.39 5.79
C MET C 156 -18.35 -19.31 5.90
N GLN C 157 -17.78 -19.85 6.97
CA GLN C 157 -16.34 -19.80 7.15
C GLN C 157 -15.64 -20.75 6.19
N LYS C 158 -16.23 -21.92 5.93
CA LYS C 158 -15.65 -22.79 4.93
C LYS C 158 -15.95 -22.31 3.51
N ILE C 159 -16.89 -21.38 3.35
CA ILE C 159 -17.13 -20.80 2.04
C ILE C 159 -16.15 -19.67 1.75
N LYS C 160 -15.88 -18.82 2.75
CA LYS C 160 -15.03 -17.65 2.56
C LYS C 160 -13.71 -18.01 1.90
N GLU C 161 -12.93 -18.87 2.55
CA GLU C 161 -11.76 -19.46 1.94
C GLU C 161 -12.21 -20.70 1.18
N GLY C 162 -11.87 -20.76 -0.10
CA GLY C 162 -12.51 -21.67 -1.02
C GLY C 162 -12.39 -23.14 -0.71
N VAL C 163 -13.48 -23.75 -0.26
CA VAL C 163 -13.57 -25.19 -0.11
C VAL C 163 -14.69 -25.79 -0.95
N PHE C 164 -15.53 -24.97 -1.56
CA PHE C 164 -16.63 -25.45 -2.39
C PHE C 164 -16.45 -24.88 -3.80
N ARG C 165 -16.21 -25.76 -4.76
CA ARG C 165 -15.91 -25.34 -6.12
C ARG C 165 -17.17 -25.03 -6.91
N THR C 166 -18.04 -26.03 -7.07
CA THR C 166 -19.30 -25.82 -7.77
C THR C 166 -20.29 -25.15 -6.83
N ARG C 167 -21.54 -24.99 -7.30
CA ARG C 167 -22.59 -24.47 -6.45
C ARG C 167 -23.39 -25.58 -5.80
N GLU C 168 -23.61 -26.69 -6.52
CA GLU C 168 -24.39 -27.79 -5.96
C GLU C 168 -23.72 -28.42 -4.76
N GLU C 169 -22.38 -28.45 -4.75
CA GLU C 169 -21.67 -29.04 -3.61
C GLU C 169 -21.87 -28.21 -2.35
N MET C 170 -21.85 -26.88 -2.48
CA MET C 170 -22.07 -26.02 -1.32
C MET C 170 -23.48 -26.18 -0.79
N GLU C 171 -24.46 -26.26 -1.69
CA GLU C 171 -25.84 -26.47 -1.24
C GLU C 171 -26.00 -27.81 -0.54
N GLU C 172 -25.35 -28.85 -1.07
CA GLU C 172 -25.44 -30.17 -0.44
C GLU C 172 -24.83 -30.16 0.96
N TYR C 173 -23.64 -29.58 1.09
CA TYR C 173 -23.01 -29.48 2.39
C TYR C 173 -23.85 -28.64 3.35
N ARG C 174 -24.44 -27.55 2.84
CA ARG C 174 -25.32 -26.73 3.65
C ARG C 174 -26.47 -27.53 4.21
N HIS C 175 -27.12 -28.33 3.36
CA HIS C 175 -28.30 -29.08 3.80
C HIS C 175 -27.91 -30.14 4.82
N SER C 176 -26.85 -30.90 4.53
CA SER C 176 -26.42 -31.94 5.46
C SER C 176 -26.01 -31.35 6.80
N ARG C 177 -25.28 -30.24 6.78
CA ARG C 177 -24.88 -29.61 8.03
C ARG C 177 -26.06 -29.02 8.77
N LEU C 178 -27.04 -28.44 8.06
CA LEU C 178 -28.24 -27.96 8.74
C LEU C 178 -28.90 -29.07 9.52
N GLN C 179 -29.19 -30.19 8.86
CA GLN C 179 -29.86 -31.29 9.52
C GLN C 179 -29.04 -31.80 10.71
N GLU C 180 -27.79 -32.19 10.44
CA GLU C 180 -26.98 -32.81 11.49
C GLU C 180 -26.73 -31.85 12.63
N GLY C 181 -26.56 -30.55 12.34
CA GLY C 181 -26.28 -29.60 13.38
C GLY C 181 -27.49 -29.29 14.23
N ALA C 182 -28.66 -29.13 13.61
CA ALA C 182 -29.88 -29.02 14.40
C ALA C 182 -29.98 -30.17 15.37
N LYS C 183 -29.84 -31.40 14.87
CA LYS C 183 -29.98 -32.56 15.73
C LYS C 183 -28.94 -32.55 16.86
N VAL C 184 -27.67 -32.32 16.52
CA VAL C 184 -26.61 -32.50 17.51
C VAL C 184 -26.61 -31.37 18.53
N TYR C 185 -26.92 -30.13 18.10
CA TYR C 185 -26.95 -29.04 19.06
C TYR C 185 -28.16 -29.15 19.98
N ALA C 186 -29.31 -29.57 19.43
CA ALA C 186 -30.45 -29.83 20.28
C ALA C 186 -30.12 -30.92 21.31
N GLU C 187 -29.41 -31.96 20.88
CA GLU C 187 -29.06 -33.04 21.80
C GLU C 187 -28.09 -32.56 22.86
N GLN C 188 -27.10 -31.75 22.48
CA GLN C 188 -26.12 -31.27 23.44
C GLN C 188 -26.76 -30.34 24.47
N PHE C 189 -27.59 -29.40 24.01
CA PHE C 189 -28.26 -28.49 24.92
C PHE C 189 -29.45 -29.13 25.62
N GLY C 190 -29.63 -30.44 25.51
CA GLY C 190 -30.68 -31.12 26.22
C GLY C 190 -32.09 -30.80 25.77
N ILE C 191 -32.25 -30.20 24.61
CA ILE C 191 -33.57 -29.79 24.11
C ILE C 191 -34.04 -30.80 23.09
N ASP C 192 -35.35 -31.03 23.05
CA ASP C 192 -35.94 -31.94 22.08
C ASP C 192 -35.75 -31.34 20.68
N PRO C 193 -35.16 -32.07 19.74
CA PRO C 193 -34.93 -31.49 18.40
C PRO C 193 -36.20 -31.37 17.57
N GLU C 194 -37.36 -31.58 18.19
CA GLU C 194 -38.63 -31.49 17.50
C GLU C 194 -39.56 -30.42 18.07
N ASP C 195 -39.39 -30.06 19.35
CA ASP C 195 -40.29 -29.10 19.98
C ASP C 195 -40.35 -27.80 19.18
N VAL C 196 -41.58 -27.39 18.84
CA VAL C 196 -41.80 -26.32 17.88
C VAL C 196 -41.06 -25.05 18.24
N ASP C 197 -40.92 -24.76 19.54
CA ASP C 197 -40.31 -23.50 19.95
C ASP C 197 -38.83 -23.46 19.57
N TYR C 198 -38.13 -24.59 19.72
CA TYR C 198 -36.72 -24.64 19.34
C TYR C 198 -36.54 -24.32 17.85
N GLN C 199 -37.46 -24.79 17.02
CA GLN C 199 -37.34 -24.55 15.59
C GLN C 199 -37.69 -23.12 15.22
N ARG C 200 -38.57 -22.48 15.99
CA ARG C 200 -38.89 -21.08 15.72
C ARG C 200 -37.66 -20.19 15.86
N GLY C 201 -36.68 -20.62 16.64
CA GLY C 201 -35.44 -19.90 16.75
C GLY C 201 -34.40 -20.40 15.78
N PHE C 202 -34.28 -21.73 15.65
CA PHE C 202 -33.30 -22.30 14.74
C PHE C 202 -33.63 -22.02 13.29
N ASN C 203 -34.91 -21.86 12.95
CA ASN C 203 -35.33 -21.52 11.60
C ASN C 203 -35.76 -20.08 11.48
N GLY C 204 -35.42 -19.24 12.47
CA GLY C 204 -35.93 -17.90 12.59
C GLY C 204 -35.90 -17.07 11.33
N ASP C 205 -34.69 -16.78 10.83
CA ASP C 205 -34.50 -16.02 9.61
C ASP C 205 -33.68 -16.91 8.68
N ILE C 206 -34.38 -17.75 7.91
CA ILE C 206 -33.71 -18.78 7.11
C ILE C 206 -33.45 -18.29 5.69
N THR C 207 -34.42 -17.64 5.06
CA THR C 207 -34.24 -17.22 3.67
C THR C 207 -33.15 -16.17 3.56
N GLU C 208 -33.06 -15.25 4.52
CA GLU C 208 -32.04 -14.22 4.46
C GLU C 208 -30.64 -14.80 4.67
N ARG C 209 -30.52 -15.79 5.57
CA ARG C 209 -29.22 -16.43 5.76
C ARG C 209 -28.82 -17.22 4.53
N ASN C 210 -29.79 -17.88 3.87
CA ASN C 210 -29.49 -18.55 2.61
C ASN C 210 -29.07 -17.55 1.54
N ILE C 211 -29.71 -16.38 1.53
CA ILE C 211 -29.32 -15.32 0.61
C ILE C 211 -27.87 -14.90 0.86
N SER C 212 -27.51 -14.71 2.12
CA SER C 212 -26.15 -14.31 2.46
C SER C 212 -25.14 -15.35 1.99
N LEU C 213 -25.41 -16.62 2.28
CA LEU C 213 -24.47 -17.67 1.88
C LEU C 213 -24.36 -17.76 0.37
N TYR C 214 -25.49 -17.71 -0.34
CA TYR C 214 -25.46 -17.77 -1.79
C TYR C 214 -24.67 -16.60 -2.36
N GLY C 215 -24.82 -15.41 -1.77
CA GLY C 215 -24.07 -14.27 -2.25
C GLY C 215 -22.57 -14.42 -2.06
N ALA C 216 -22.16 -14.82 -0.85
CA ALA C 216 -20.73 -14.97 -0.61
C ALA C 216 -20.13 -16.07 -1.49
N HIS C 217 -20.80 -17.21 -1.56
CA HIS C 217 -20.27 -18.30 -2.37
C HIS C 217 -20.28 -17.96 -3.85
N ASP C 218 -21.24 -17.17 -4.31
CA ASP C 218 -21.25 -16.76 -5.71
C ASP C 218 -20.14 -15.76 -6.00
N ASN C 219 -19.83 -14.88 -5.04
CA ASN C 219 -18.66 -14.02 -5.18
C ASN C 219 -17.40 -14.84 -5.34
N PHE C 220 -17.21 -15.84 -4.47
CA PHE C 220 -16.01 -16.67 -4.57
C PHE C 220 -16.00 -17.46 -5.87
N LEU C 221 -17.16 -17.95 -6.31
CA LEU C 221 -17.22 -18.73 -7.54
C LEU C 221 -16.87 -17.87 -8.75
N SER C 222 -17.36 -16.63 -8.77
CA SER C 222 -16.97 -15.72 -9.84
C SER C 222 -15.47 -15.45 -9.82
N GLN C 223 -14.90 -15.28 -8.63
CA GLN C 223 -13.46 -15.04 -8.54
C GLN C 223 -12.68 -16.23 -9.09
N GLN C 224 -13.08 -17.45 -8.73
CA GLN C 224 -12.31 -18.60 -9.20
C GLN C 224 -12.55 -18.86 -10.68
N ALA C 225 -13.74 -18.49 -11.19
CA ALA C 225 -13.97 -18.61 -12.62
C ALA C 225 -13.12 -17.61 -13.40
N GLN C 226 -12.95 -16.41 -12.86
CA GLN C 226 -12.04 -15.44 -13.45
C GLN C 226 -10.61 -15.99 -13.49
N LYS C 227 -10.12 -16.44 -12.33
CA LYS C 227 -8.78 -16.99 -12.26
C LYS C 227 -8.63 -18.21 -13.18
N GLY C 228 -9.70 -19.00 -13.32
CA GLY C 228 -9.62 -20.18 -14.15
C GLY C 228 -9.61 -19.85 -15.63
N ALA C 229 -10.35 -18.81 -16.02
CA ALA C 229 -10.25 -18.35 -17.41
C ALA C 229 -8.85 -17.84 -17.70
N ILE C 230 -8.28 -17.08 -16.77
CA ILE C 230 -6.92 -16.58 -16.96
C ILE C 230 -5.94 -17.73 -17.10
N MET C 231 -6.05 -18.74 -16.23
CA MET C 231 -5.10 -19.84 -16.24
C MET C 231 -5.35 -20.79 -17.41
N ASN C 232 -6.59 -20.86 -17.89
CA ASN C 232 -6.94 -21.76 -18.98
C ASN C 232 -6.53 -21.18 -20.33
N SER C 233 -6.73 -19.88 -20.53
CA SER C 233 -6.35 -19.34 -21.81
C SER C 233 -4.86 -19.19 -21.95
N ARG C 234 -4.08 -19.72 -21.03
CA ARG C 234 -2.64 -19.83 -21.20
C ARG C 234 -2.23 -21.21 -21.71
N VAL C 235 -2.92 -22.26 -21.27
CA VAL C 235 -2.65 -23.59 -21.80
C VAL C 235 -3.05 -23.67 -23.26
N GLU C 236 -4.22 -23.11 -23.60
CA GLU C 236 -4.66 -23.12 -25.00
C GLU C 236 -3.66 -22.40 -25.90
N LEU C 237 -3.03 -21.34 -25.40
CA LEU C 237 -2.00 -20.67 -26.19
C LEU C 237 -0.71 -21.47 -26.21
N ASN C 238 -0.34 -22.07 -25.08
CA ASN C 238 0.88 -22.86 -25.00
C ASN C 238 0.79 -24.16 -25.78
N GLY C 239 -0.30 -24.39 -26.51
CA GLY C 239 -0.34 -25.52 -27.41
C GLY C 239 0.31 -25.23 -28.75
N VAL C 240 0.31 -23.96 -29.19
CA VAL C 240 0.91 -23.59 -30.45
C VAL C 240 1.84 -22.40 -30.27
N LEU C 241 2.23 -22.13 -29.03
CA LEU C 241 3.21 -21.08 -28.74
C LEU C 241 4.35 -21.55 -27.86
N GLN C 242 4.37 -22.82 -27.47
CA GLN C 242 5.48 -23.35 -26.66
C GLN C 242 6.62 -23.84 -27.53
N ASP C 243 6.32 -24.36 -28.70
CA ASP C 243 7.35 -24.83 -29.61
C ASP C 243 8.20 -23.66 -30.10
N PRO C 244 9.49 -23.62 -29.79
CA PRO C 244 10.32 -22.50 -30.26
C PRO C 244 10.44 -22.43 -31.77
N ASP C 245 9.98 -23.45 -32.50
CA ASP C 245 10.02 -23.41 -33.95
C ASP C 245 8.69 -22.97 -34.56
N MET C 246 7.57 -23.42 -33.99
CA MET C 246 6.27 -22.97 -34.45
C MET C 246 6.03 -21.49 -34.17
N LEU C 247 6.69 -20.95 -33.15
CA LEU C 247 6.43 -19.56 -32.75
C LEU C 247 6.87 -18.59 -33.85
N ARG C 248 8.10 -18.71 -34.31
CA ARG C 248 8.60 -17.71 -35.25
C ARG C 248 8.02 -17.83 -36.64
N ARG C 249 7.07 -18.71 -36.92
CA ARG C 249 6.42 -18.71 -38.22
C ARG C 249 5.58 -17.45 -38.37
N PRO C 250 5.42 -16.95 -39.60
CA PRO C 250 4.71 -15.68 -39.80
C PRO C 250 3.20 -15.77 -39.57
N ASP C 251 2.67 -16.92 -39.18
CA ASP C 251 1.24 -17.06 -38.94
C ASP C 251 0.87 -17.07 -37.46
N SER C 252 1.85 -17.19 -36.56
CA SER C 252 1.54 -17.23 -35.14
C SER C 252 0.87 -15.93 -34.68
N ALA C 253 1.35 -14.79 -35.18
CA ALA C 253 0.69 -13.53 -34.87
C ALA C 253 -0.75 -13.52 -35.36
N ASP C 254 -0.99 -14.08 -36.55
CA ASP C 254 -2.34 -14.17 -37.06
C ASP C 254 -3.22 -15.03 -36.16
N PHE C 255 -2.70 -16.16 -35.70
CA PHE C 255 -3.48 -17.01 -34.81
C PHE C 255 -3.79 -16.31 -33.51
N PHE C 256 -2.80 -15.59 -32.96
CA PHE C 256 -3.03 -14.89 -31.69
C PHE C 256 -4.08 -13.81 -31.84
N GLU C 257 -3.99 -13.01 -32.91
CA GLU C 257 -4.99 -11.97 -33.12
C GLU C 257 -6.37 -12.57 -33.34
N LYS C 258 -6.47 -13.63 -34.14
CA LYS C 258 -7.76 -14.28 -34.36
C LYS C 258 -8.32 -14.83 -33.05
N TYR C 259 -7.45 -15.37 -32.19
CA TYR C 259 -7.92 -15.94 -30.93
C TYR C 259 -8.48 -14.85 -30.02
N ILE C 260 -7.76 -13.74 -29.87
CA ILE C 260 -8.28 -12.66 -29.03
C ILE C 260 -9.57 -12.11 -29.61
N ASP C 261 -9.63 -11.93 -30.93
CA ASP C 261 -10.83 -11.38 -31.55
C ASP C 261 -12.03 -12.30 -31.32
N ASN C 262 -11.87 -13.60 -31.60
CA ASN C 262 -12.97 -14.54 -31.40
C ASN C 262 -13.38 -14.59 -29.94
N GLY C 263 -12.44 -14.90 -29.04
CA GLY C 263 -12.76 -15.00 -27.63
C GLY C 263 -13.28 -13.71 -27.03
N LEU C 264 -13.10 -12.58 -27.71
CA LEU C 264 -13.68 -11.33 -27.27
C LEU C 264 -15.05 -11.07 -27.88
N VAL C 265 -15.34 -11.66 -29.04
CA VAL C 265 -16.65 -11.50 -29.66
C VAL C 265 -17.60 -12.61 -29.25
N THR C 266 -17.15 -13.87 -29.30
CA THR C 266 -18.03 -14.97 -28.96
C THR C 266 -18.34 -15.00 -27.46
N GLY C 267 -17.30 -14.98 -26.63
CA GLY C 267 -17.52 -15.02 -25.19
C GLY C 267 -16.52 -15.88 -24.45
N ALA C 268 -15.59 -16.51 -25.18
CA ALA C 268 -14.57 -17.31 -24.54
C ALA C 268 -13.73 -16.49 -23.57
N ILE C 269 -13.46 -15.24 -23.91
CA ILE C 269 -12.77 -14.31 -23.02
C ILE C 269 -13.75 -13.20 -22.68
N PRO C 270 -14.60 -13.38 -21.67
CA PRO C 270 -15.74 -12.47 -21.48
C PRO C 270 -15.34 -11.06 -21.09
N SER C 271 -14.55 -10.93 -20.04
CA SER C 271 -14.30 -9.63 -19.43
C SER C 271 -13.35 -8.83 -20.31
N ASP C 272 -13.86 -7.74 -20.90
CA ASP C 272 -12.98 -6.84 -21.65
C ASP C 272 -11.87 -6.30 -20.75
N ALA C 273 -12.15 -6.14 -19.46
CA ALA C 273 -11.12 -5.68 -18.54
C ALA C 273 -10.05 -6.74 -18.32
N GLN C 274 -10.42 -8.02 -18.38
CA GLN C 274 -9.45 -9.08 -18.17
C GLN C 274 -8.65 -9.39 -19.42
N ALA C 275 -9.12 -8.96 -20.60
CA ALA C 275 -8.35 -9.18 -21.81
C ALA C 275 -6.97 -8.54 -21.72
N THR C 276 -6.85 -7.47 -20.93
CA THR C 276 -5.54 -6.87 -20.70
C THR C 276 -4.63 -7.83 -19.96
N GLN C 277 -5.14 -8.47 -18.90
CA GLN C 277 -4.34 -9.44 -18.17
C GLN C 277 -3.95 -10.61 -19.05
N LEU C 278 -4.90 -11.11 -19.85
CA LEU C 278 -4.61 -12.23 -20.75
C LEU C 278 -3.53 -11.84 -21.76
N ILE C 279 -3.66 -10.65 -22.35
CA ILE C 279 -2.68 -10.21 -23.34
C ILE C 279 -1.30 -10.06 -22.71
N SER C 280 -1.23 -9.40 -21.55
CA SER C 280 0.05 -9.21 -20.88
C SER C 280 0.68 -10.54 -20.48
N GLN C 281 -0.14 -11.49 -20.04
CA GLN C 281 0.40 -12.78 -19.62
C GLN C 281 0.93 -13.56 -20.81
N ALA C 282 0.16 -13.59 -21.91
CA ALA C 282 0.63 -14.28 -23.11
C ALA C 282 1.90 -13.63 -23.64
N PHE C 283 2.01 -12.31 -23.56
CA PHE C 283 3.22 -11.63 -24.00
C PHE C 283 4.41 -12.02 -23.13
N SER C 284 4.29 -11.79 -21.81
CA SER C 284 5.38 -12.14 -20.90
C SER C 284 5.79 -13.60 -21.06
N ASP C 285 4.84 -14.48 -21.39
CA ASP C 285 5.21 -15.85 -21.75
C ASP C 285 6.07 -15.87 -23.01
N ALA C 286 5.51 -15.37 -24.12
CA ALA C 286 6.27 -15.34 -25.37
C ALA C 286 7.47 -14.40 -25.28
N SER C 287 7.53 -13.54 -24.28
CA SER C 287 8.69 -12.68 -24.11
C SER C 287 9.92 -13.50 -23.73
N SER C 288 9.86 -14.19 -22.59
CA SER C 288 11.00 -14.92 -22.08
C SER C 288 11.02 -16.36 -22.59
N ARG C 289 10.95 -16.53 -23.90
CA ARG C 289 11.05 -17.84 -24.51
C ARG C 289 11.67 -17.68 -25.89
N ALA C 290 12.28 -18.77 -26.36
CA ALA C 290 13.07 -18.71 -27.59
C ALA C 290 12.24 -18.20 -28.76
N GLY C 291 12.88 -17.44 -29.63
CA GLY C 291 12.24 -16.95 -30.84
C GLY C 291 11.15 -15.92 -30.61
N GLY C 292 10.86 -15.62 -29.35
CA GLY C 292 9.77 -14.70 -29.03
C GLY C 292 9.90 -13.34 -29.67
N ALA C 293 11.12 -12.92 -29.98
CA ALA C 293 11.32 -11.60 -30.59
C ALA C 293 10.57 -11.48 -31.91
N ASP C 294 10.65 -12.51 -32.75
CA ASP C 294 9.93 -12.49 -34.02
C ASP C 294 8.43 -12.39 -33.80
N PHE C 295 7.89 -13.20 -32.89
CA PHE C 295 6.47 -13.20 -32.64
C PHE C 295 5.99 -11.84 -32.16
N LEU C 296 6.74 -11.22 -31.25
CA LEU C 296 6.34 -9.91 -30.76
C LEU C 296 6.42 -8.85 -31.85
N MET C 297 7.55 -8.79 -32.57
CA MET C 297 7.70 -7.79 -33.62
C MET C 297 6.70 -7.97 -34.74
N ARG C 298 6.15 -9.18 -34.90
CA ARG C 298 5.13 -9.38 -35.93
C ARG C 298 3.73 -9.07 -35.40
N VAL C 299 3.45 -9.38 -34.14
CA VAL C 299 2.12 -9.11 -33.60
C VAL C 299 1.94 -7.65 -33.25
N GLY C 300 3.02 -6.88 -33.16
CA GLY C 300 2.91 -5.49 -32.78
C GLY C 300 2.27 -4.57 -33.79
N ASP C 301 1.62 -5.11 -34.82
CA ASP C 301 0.99 -4.28 -35.84
C ASP C 301 -0.38 -4.81 -36.24
N LYS C 302 -0.98 -5.67 -35.43
CA LYS C 302 -2.32 -6.15 -35.71
C LYS C 302 -3.35 -5.20 -35.10
N LYS C 303 -4.62 -5.60 -35.08
CA LYS C 303 -5.70 -4.78 -34.57
C LYS C 303 -6.43 -5.53 -33.47
N VAL C 304 -6.60 -4.88 -32.33
CA VAL C 304 -7.34 -5.43 -31.21
C VAL C 304 -8.23 -4.34 -30.63
N THR C 305 -9.49 -4.69 -30.37
CA THR C 305 -10.45 -3.76 -29.80
C THR C 305 -10.52 -3.99 -28.29
N LEU C 306 -10.46 -2.91 -27.53
CA LEU C 306 -10.54 -3.00 -26.06
C LEU C 306 -11.10 -1.70 -25.53
N ASN C 307 -12.20 -1.78 -24.80
CA ASN C 307 -12.83 -0.61 -24.18
C ASN C 307 -13.23 0.43 -25.23
N GLY C 308 -14.11 0.01 -26.14
CA GLY C 308 -14.69 0.94 -27.08
C GLY C 308 -13.75 1.38 -28.18
N ALA C 309 -12.61 1.96 -27.80
CA ALA C 309 -11.65 2.43 -28.79
C ALA C 309 -10.87 1.26 -29.37
N THR C 310 -10.47 1.42 -30.62
CA THR C 310 -9.72 0.39 -31.34
C THR C 310 -8.32 0.89 -31.62
N THR C 311 -7.32 0.09 -31.25
CA THR C 311 -5.94 0.49 -31.44
C THR C 311 -5.09 -0.67 -31.94
N THR C 312 -3.78 -0.48 -31.98
CA THR C 312 -2.83 -1.52 -32.34
C THR C 312 -2.09 -1.97 -31.09
N TYR C 313 -1.72 -3.27 -31.06
CA TYR C 313 -1.12 -3.85 -29.88
C TYR C 313 0.07 -3.04 -29.38
N ARG C 314 0.94 -2.61 -30.30
CA ARG C 314 2.06 -1.77 -29.91
C ARG C 314 1.62 -0.49 -29.23
N GLU C 315 0.39 -0.05 -29.48
CA GLU C 315 -0.12 1.17 -28.86
C GLU C 315 -1.02 0.89 -27.67
N LEU C 316 -1.47 -0.35 -27.48
CA LEU C 316 -2.24 -0.69 -26.29
C LEU C 316 -1.41 -0.51 -25.04
N ILE C 317 -0.34 -1.29 -24.91
CA ILE C 317 0.64 -1.06 -23.86
C ILE C 317 1.57 0.06 -24.30
N GLY C 318 2.02 0.85 -23.34
CA GLY C 318 2.75 2.07 -23.65
C GLY C 318 4.01 1.80 -24.45
N GLU C 319 4.44 2.83 -25.18
CA GLU C 319 5.59 2.67 -26.06
C GLU C 319 6.85 2.34 -25.28
N GLU C 320 7.05 2.98 -24.12
CA GLU C 320 8.20 2.62 -23.29
C GLU C 320 8.05 1.22 -22.73
N GLN C 321 6.83 0.83 -22.36
CA GLN C 321 6.58 -0.55 -21.97
C GLN C 321 6.86 -1.50 -23.12
N TRP C 322 6.53 -1.09 -24.35
CA TRP C 322 6.81 -1.94 -25.50
C TRP C 322 8.30 -2.09 -25.71
N ASN C 323 9.06 -1.02 -25.55
CA ASN C 323 10.51 -1.10 -25.72
C ASN C 323 11.12 -2.01 -24.66
N ALA C 324 10.67 -1.87 -23.40
CA ALA C 324 11.19 -2.74 -22.35
C ALA C 324 10.83 -4.20 -22.62
N LEU C 325 9.60 -4.46 -23.05
CA LEU C 325 9.18 -5.82 -23.35
C LEU C 325 10.01 -6.40 -24.50
N MET C 326 10.29 -5.59 -25.52
CA MET C 326 11.09 -6.08 -26.64
C MET C 326 12.52 -6.37 -26.21
N VAL C 327 13.09 -5.50 -25.37
CA VAL C 327 14.44 -5.75 -24.87
C VAL C 327 14.49 -7.05 -24.08
N THR C 328 13.47 -7.28 -23.24
CA THR C 328 13.41 -8.54 -22.50
C THR C 328 13.25 -9.73 -23.43
N ALA C 329 12.42 -9.59 -24.47
CA ALA C 329 12.18 -10.70 -25.38
C ALA C 329 13.41 -11.00 -26.22
N GLN C 330 14.28 -10.01 -26.41
CA GLN C 330 15.50 -10.26 -27.16
C GLN C 330 16.65 -10.72 -26.27
N ARG C 331 16.59 -10.44 -24.96
CA ARG C 331 17.57 -11.00 -24.05
C ARG C 331 17.17 -12.39 -23.58
N SER C 332 15.92 -12.77 -23.81
CA SER C 332 15.44 -14.08 -23.38
C SER C 332 16.32 -15.21 -23.89
N GLN C 333 16.41 -15.33 -25.22
CA GLN C 333 17.18 -16.42 -25.87
C GLN C 333 18.60 -16.51 -25.32
N PHE C 334 19.15 -15.39 -24.83
CA PHE C 334 20.51 -15.40 -24.33
C PHE C 334 20.55 -15.54 -22.82
N GLU C 335 19.40 -15.57 -22.16
CA GLU C 335 19.33 -15.87 -20.73
C GLU C 335 18.53 -17.14 -20.45
N THR C 336 18.26 -17.96 -21.46
CA THR C 336 17.54 -19.21 -21.27
C THR C 336 18.27 -20.43 -21.83
N ASP C 337 18.95 -20.29 -22.96
CA ASP C 337 19.71 -21.37 -23.57
C ASP C 337 21.19 -21.03 -23.46
N ALA C 338 21.81 -21.44 -22.35
CA ALA C 338 23.19 -21.06 -22.07
C ALA C 338 24.14 -21.48 -23.19
N LYS C 339 23.82 -22.55 -23.92
CA LYS C 339 24.71 -23.01 -24.98
C LYS C 339 24.90 -21.93 -26.04
N LEU C 340 23.84 -21.20 -26.37
CA LEU C 340 23.95 -20.17 -27.39
C LEU C 340 24.82 -19.02 -26.91
N ASN C 341 24.72 -18.69 -25.62
CA ASN C 341 25.60 -17.68 -25.03
C ASN C 341 27.05 -18.08 -25.19
N GLU C 342 27.38 -19.33 -24.84
CA GLU C 342 28.74 -19.82 -25.02
C GLU C 342 29.17 -19.73 -26.47
N GLN C 343 28.30 -20.14 -27.39
CA GLN C 343 28.67 -20.16 -28.80
C GLN C 343 29.02 -18.75 -29.28
N TYR C 344 28.15 -17.77 -29.01
CA TYR C 344 28.41 -16.43 -29.51
C TYR C 344 29.59 -15.79 -28.80
N ARG C 345 29.77 -16.01 -27.50
CA ARG C 345 30.91 -15.40 -26.83
C ARG C 345 32.22 -15.99 -27.33
N LEU C 346 32.28 -17.31 -27.49
CA LEU C 346 33.49 -17.93 -27.99
C LEU C 346 33.79 -17.51 -29.42
N LYS C 347 32.75 -17.34 -30.26
CA LYS C 347 33.00 -16.94 -31.63
C LYS C 347 33.43 -15.48 -31.71
N ILE C 348 32.86 -14.62 -30.85
CA ILE C 348 33.33 -13.24 -30.78
C ILE C 348 34.79 -13.19 -30.36
N ASN C 349 35.17 -14.02 -29.39
CA ASN C 349 36.56 -14.05 -28.96
C ASN C 349 37.49 -14.54 -30.06
N SER C 350 37.08 -15.61 -30.75
CA SER C 350 37.90 -16.13 -31.84
C SER C 350 38.06 -15.12 -32.96
N ALA C 351 37.00 -14.39 -33.29
CA ALA C 351 37.09 -13.35 -34.30
C ALA C 351 38.03 -12.24 -33.84
N LEU C 352 37.88 -11.79 -32.60
CA LEU C 352 38.69 -10.69 -32.09
C LEU C 352 40.17 -11.04 -32.01
N ASN C 353 40.51 -12.33 -31.97
CA ASN C 353 41.87 -12.75 -31.69
C ASN C 353 42.61 -13.26 -32.92
N GLN C 354 42.11 -12.96 -34.12
CA GLN C 354 42.85 -13.32 -35.32
C GLN C 354 44.08 -12.42 -35.46
N GLU C 355 45.02 -12.88 -36.29
CA GLU C 355 46.29 -12.15 -36.42
C GLU C 355 46.14 -10.95 -37.34
N ASP C 356 45.35 -11.09 -38.41
CA ASP C 356 45.14 -9.99 -39.34
C ASP C 356 43.75 -9.38 -39.14
N PRO C 357 43.65 -8.17 -38.58
CA PRO C 357 42.32 -7.62 -38.27
C PRO C 357 41.38 -7.52 -39.47
N ARG C 358 41.92 -7.44 -40.68
CA ARG C 358 41.05 -7.31 -41.86
C ARG C 358 40.08 -8.49 -41.96
N THR C 359 40.55 -9.69 -41.63
CA THR C 359 39.63 -10.83 -41.59
C THR C 359 38.75 -10.80 -40.34
N ALA C 360 39.24 -10.16 -39.27
CA ALA C 360 38.42 -10.05 -38.07
C ALA C 360 37.20 -9.15 -38.32
N TRP C 361 37.35 -8.13 -39.16
CA TRP C 361 36.21 -7.32 -39.56
C TRP C 361 35.15 -8.18 -40.24
N GLU C 362 35.57 -9.02 -41.18
CA GLU C 362 34.61 -9.89 -41.88
C GLU C 362 33.97 -10.87 -40.92
N MET C 363 34.74 -11.41 -39.96
CA MET C 363 34.18 -12.35 -39.01
C MET C 363 33.15 -11.69 -38.11
N LEU C 364 33.45 -10.48 -37.61
CA LEU C 364 32.49 -9.77 -36.78
C LEU C 364 31.25 -9.38 -37.58
N GLN C 365 31.43 -9.02 -38.85
CA GLN C 365 30.28 -8.68 -39.68
C GLN C 365 29.40 -9.90 -39.89
N GLY C 366 30.00 -11.06 -40.14
CA GLY C 366 29.23 -12.28 -40.24
C GLY C 366 28.50 -12.61 -38.95
N ILE C 367 29.16 -12.39 -37.81
CA ILE C 367 28.52 -12.63 -36.52
C ILE C 367 27.30 -11.74 -36.36
N LYS C 368 27.44 -10.46 -36.70
CA LYS C 368 26.30 -9.55 -36.55
C LYS C 368 25.18 -9.91 -37.53
N ALA C 369 25.54 -10.32 -38.75
CA ALA C 369 24.53 -10.73 -39.71
C ALA C 369 23.76 -11.95 -39.23
N GLU C 370 24.46 -12.90 -38.61
CA GLU C 370 23.77 -14.07 -38.07
C GLU C 370 22.96 -13.71 -36.84
N LEU C 371 23.41 -12.74 -36.05
CA LEU C 371 22.72 -12.36 -34.82
C LEU C 371 21.46 -11.55 -35.10
N ASP C 372 21.38 -10.88 -36.24
CA ASP C 372 20.17 -10.15 -36.58
C ASP C 372 18.99 -11.09 -36.82
N LYS C 373 19.27 -12.36 -37.10
CA LYS C 373 18.19 -13.32 -37.34
C LYS C 373 17.66 -13.94 -36.05
N VAL C 374 18.28 -13.65 -34.90
CA VAL C 374 17.76 -14.05 -33.61
C VAL C 374 17.45 -12.86 -32.72
N GLN C 375 17.35 -11.67 -33.29
CA GLN C 375 17.01 -10.44 -32.58
C GLN C 375 16.54 -9.40 -33.58
N PRO C 376 15.40 -9.63 -34.24
CA PRO C 376 15.05 -8.79 -35.40
C PRO C 376 14.88 -7.32 -35.08
N ASP C 377 14.10 -6.98 -34.06
CA ASP C 377 13.83 -5.58 -33.79
C ASP C 377 15.12 -4.88 -33.36
N GLU C 378 15.17 -3.57 -33.60
CA GLU C 378 16.41 -2.80 -33.55
C GLU C 378 16.73 -2.27 -32.15
N GLN C 379 16.06 -2.77 -31.12
CA GLN C 379 16.33 -2.29 -29.77
C GLN C 379 17.74 -2.66 -29.34
N MET C 380 18.24 -1.93 -28.35
CA MET C 380 19.57 -2.17 -27.80
C MET C 380 19.50 -3.24 -26.72
N THR C 381 20.27 -4.30 -26.90
CA THR C 381 20.35 -5.41 -25.97
C THR C 381 21.78 -5.55 -25.46
N PRO C 382 21.98 -6.29 -24.36
CA PRO C 382 23.36 -6.52 -23.89
C PRO C 382 24.25 -7.27 -24.88
N GLN C 383 23.73 -7.66 -26.05
CA GLN C 383 24.53 -8.38 -27.04
C GLN C 383 25.07 -7.47 -28.12
N ARG C 384 24.24 -6.55 -28.62
CA ARG C 384 24.77 -5.50 -29.48
C ARG C 384 25.92 -4.78 -28.79
N GLU C 385 25.90 -4.70 -27.46
CA GLU C 385 27.02 -4.12 -26.74
C GLU C 385 28.26 -5.01 -26.81
N TRP C 386 28.07 -6.34 -26.80
CA TRP C 386 29.18 -7.24 -27.05
C TRP C 386 29.80 -6.96 -28.41
N LEU C 387 28.97 -6.86 -29.44
CA LEU C 387 29.49 -6.56 -30.77
C LEU C 387 30.15 -5.18 -30.82
N ILE C 388 29.64 -4.22 -30.05
CA ILE C 388 30.24 -2.90 -29.99
C ILE C 388 31.65 -2.99 -29.42
N SER C 389 31.79 -3.68 -28.30
CA SER C 389 33.13 -3.82 -27.69
C SER C 389 34.07 -4.58 -28.63
N ALA C 390 33.55 -5.61 -29.31
CA ALA C 390 34.39 -6.36 -30.22
C ALA C 390 34.87 -5.49 -31.37
N GLN C 391 33.98 -4.67 -31.93
CA GLN C 391 34.39 -3.80 -33.03
C GLN C 391 35.34 -2.71 -32.54
N GLU C 392 35.10 -2.20 -31.33
CA GLU C 392 36.04 -1.25 -30.72
C GLU C 392 37.44 -1.82 -30.66
N GLN C 393 37.56 -3.03 -30.09
CA GLN C 393 38.87 -3.62 -29.90
C GLN C 393 39.51 -4.03 -31.22
N VAL C 394 38.71 -4.50 -32.18
CA VAL C 394 39.30 -4.88 -33.46
C VAL C 394 39.74 -3.64 -34.23
N GLN C 395 39.07 -2.52 -34.04
CA GLN C 395 39.52 -1.29 -34.69
C GLN C 395 40.80 -0.78 -34.05
N ASN C 396 40.91 -0.85 -32.72
CA ASN C 396 42.17 -0.50 -32.07
C ASN C 396 43.31 -1.41 -32.56
N GLN C 397 43.03 -2.70 -32.68
CA GLN C 397 44.06 -3.63 -33.14
C GLN C 397 44.46 -3.35 -34.58
N MET C 398 43.49 -3.02 -35.44
CA MET C 398 43.81 -2.69 -36.82
C MET C 398 44.65 -1.42 -36.90
N ASN C 399 44.32 -0.43 -36.07
CA ASN C 399 45.12 0.79 -36.03
C ASN C 399 46.56 0.48 -35.61
N ALA C 400 46.71 -0.32 -34.56
CA ALA C 400 48.05 -0.66 -34.09
C ALA C 400 48.83 -1.45 -35.14
N TRP C 401 48.16 -2.36 -35.85
CA TRP C 401 48.83 -3.19 -36.83
C TRP C 401 49.21 -2.39 -38.07
N THR C 402 48.37 -1.42 -38.46
CA THR C 402 48.73 -0.54 -39.57
C THR C 402 49.87 0.38 -39.18
N LYS C 403 49.90 0.86 -37.94
CA LYS C 403 51.00 1.70 -37.49
C LYS C 403 52.30 0.92 -37.42
N ALA C 404 52.23 -0.35 -37.02
CA ALA C 404 53.42 -1.19 -36.98
C ALA C 404 53.76 -1.80 -38.33
N GLN C 405 52.90 -1.63 -39.33
CA GLN C 405 53.23 -2.09 -40.68
C GLN C 405 54.30 -1.21 -41.32
N ALA C 406 54.43 0.04 -40.89
CA ALA C 406 55.45 0.93 -41.44
C ALA C 406 56.86 0.40 -41.18
N LYS C 407 57.03 -0.38 -40.11
CA LYS C 407 58.35 -0.97 -39.83
C LYS C 407 58.70 -2.06 -40.82
N ALA C 408 57.74 -2.52 -41.64
CA ALA C 408 58.05 -3.47 -42.68
C ALA C 408 58.62 -2.80 -43.93
N LEU C 409 58.70 -1.47 -43.93
CA LEU C 409 59.24 -0.74 -45.07
C LEU C 409 60.75 -0.58 -44.96
N LYS D 94 -50.05 7.76 33.89
CA LYS D 94 -48.86 8.60 33.90
C LYS D 94 -47.60 7.75 34.08
N GLU D 95 -47.74 6.44 33.88
CA GLU D 95 -46.60 5.54 34.01
C GLU D 95 -45.52 5.85 32.97
N GLN D 96 -45.91 6.47 31.85
CA GLN D 96 -44.92 6.81 30.83
C GLN D 96 -44.03 7.96 31.28
N ARG D 97 -44.50 8.78 32.23
CA ARG D 97 -43.71 9.93 32.67
C ARG D 97 -42.87 9.61 33.89
N ALA D 98 -43.43 8.87 34.86
CA ALA D 98 -42.69 8.56 36.07
C ALA D 98 -41.42 7.78 35.75
N ARG D 99 -41.52 6.80 34.85
CA ARG D 99 -40.33 6.08 34.41
C ARG D 99 -39.43 6.97 33.56
N ASP D 100 -40.02 7.91 32.81
CA ASP D 100 -39.20 8.83 32.03
C ASP D 100 -38.33 9.70 32.93
N LEU D 101 -38.88 10.17 34.05
CA LEU D 101 -38.08 10.92 35.00
C LEU D 101 -37.06 10.01 35.69
N ALA D 102 -37.39 8.73 35.84
CA ALA D 102 -36.47 7.78 36.45
C ALA D 102 -35.20 7.65 35.62
N ASP D 103 -35.32 7.66 34.30
CA ASP D 103 -34.14 7.57 33.46
C ASP D 103 -33.23 8.78 33.66
N GLU D 104 -33.82 9.98 33.73
CA GLU D 104 -33.03 11.18 33.95
C GLU D 104 -32.33 11.14 35.31
N ARG D 105 -33.05 10.72 36.35
CA ARG D 105 -32.43 10.63 37.67
C ARG D 105 -31.31 9.60 37.68
N SER D 106 -31.50 8.47 37.00
CA SER D 106 -30.45 7.47 36.90
C SER D 106 -29.22 8.03 36.21
N ASN D 107 -29.43 8.76 35.12
CA ASN D 107 -28.29 9.34 34.40
C ASN D 107 -27.55 10.34 35.27
N GLU D 108 -28.29 11.14 36.04
CA GLU D 108 -27.62 12.09 36.92
C GLU D 108 -26.83 11.36 38.00
N ILE D 109 -27.39 10.29 38.54
CA ILE D 109 -26.68 9.50 39.56
C ILE D 109 -25.39 8.93 38.99
N ILE D 110 -25.47 8.33 37.80
CA ILE D 110 -24.31 7.66 37.24
C ILE D 110 -23.29 8.63 36.67
N ARG D 111 -23.67 9.89 36.42
CA ARG D 111 -22.66 10.86 36.01
C ARG D 111 -22.00 11.53 37.20
N LYS D 112 -22.80 11.99 38.16
CA LYS D 112 -22.27 12.78 39.26
C LYS D 112 -21.44 11.98 40.26
N LEU D 113 -21.23 10.68 40.12
CA LEU D 113 -20.48 9.92 41.11
C LEU D 113 -19.56 8.92 40.41
N THR D 114 -18.53 8.49 41.15
CA THR D 114 -17.54 7.51 40.75
C THR D 114 -17.98 6.11 41.17
N PRO D 115 -17.37 5.05 40.63
CA PRO D 115 -17.70 3.71 41.11
C PRO D 115 -17.36 3.47 42.57
N GLU D 116 -16.66 4.40 43.22
CA GLU D 116 -16.30 4.24 44.62
C GLU D 116 -17.26 5.00 45.54
N GLN D 117 -17.43 6.30 45.29
CA GLN D 117 -18.29 7.12 46.13
C GLN D 117 -19.70 6.54 46.22
N ARG D 118 -20.18 5.92 45.15
CA ARG D 118 -21.55 5.39 45.16
C ARG D 118 -21.68 4.26 46.17
N ARG D 119 -20.67 3.39 46.26
CA ARG D 119 -20.71 2.33 47.26
C ARG D 119 -20.65 2.90 48.67
N GLU D 120 -19.79 3.89 48.89
CA GLU D 120 -19.68 4.51 50.20
C GLU D 120 -20.98 5.19 50.60
N ALA D 121 -21.72 5.74 49.63
CA ALA D 121 -22.95 6.46 49.90
C ALA D 121 -24.20 5.60 49.80
N LEU D 122 -24.09 4.38 49.25
CA LEU D 122 -25.28 3.54 49.15
C LEU D 122 -25.66 2.97 50.51
N ASN D 123 -24.67 2.57 51.32
CA ASN D 123 -24.97 2.06 52.65
C ASN D 123 -25.21 3.17 53.66
N ASN D 124 -24.77 4.39 53.37
CA ASN D 124 -25.08 5.54 54.22
C ASN D 124 -26.43 6.17 53.89
N GLY D 125 -27.15 5.65 52.89
CA GLY D 125 -28.44 6.21 52.52
C GLY D 125 -28.38 7.68 52.14
N THR D 126 -27.40 8.05 51.31
CA THR D 126 -27.21 9.45 50.96
C THR D 126 -27.02 9.65 49.46
N LEU D 127 -27.60 8.78 48.64
CA LEU D 127 -27.63 9.03 47.21
C LEU D 127 -28.54 10.21 46.90
N LEU D 128 -28.53 10.64 45.64
CA LEU D 128 -29.32 11.80 45.26
C LEU D 128 -30.80 11.48 45.10
N TYR D 129 -31.15 10.24 44.77
CA TYR D 129 -32.55 9.86 44.59
C TYR D 129 -32.81 8.49 45.20
N GLN D 130 -32.27 8.24 46.40
CA GLN D 130 -32.50 6.97 47.08
C GLN D 130 -33.98 6.75 47.37
N ASP D 131 -34.73 7.83 47.61
CA ASP D 131 -36.14 7.71 47.97
C ASP D 131 -36.95 7.10 46.82
N ASP D 132 -36.80 7.64 45.63
CA ASP D 132 -37.59 7.16 44.49
C ASP D 132 -37.17 5.74 44.14
N PRO D 133 -38.11 4.79 44.07
CA PRO D 133 -37.72 3.42 43.71
C PRO D 133 -37.40 3.26 42.24
N TYR D 134 -38.13 3.96 41.35
CA TYR D 134 -37.85 3.86 39.93
C TYR D 134 -36.47 4.39 39.58
N ALA D 135 -36.01 5.43 40.29
CA ALA D 135 -34.66 5.93 40.06
C ALA D 135 -33.62 4.88 40.37
N MET D 136 -33.74 4.22 41.53
CA MET D 136 -32.80 3.17 41.89
C MET D 136 -32.89 2.00 40.92
N GLU D 137 -34.10 1.70 40.45
CA GLU D 137 -34.27 0.59 39.51
C GLU D 137 -33.58 0.88 38.19
N ALA D 138 -33.73 2.11 37.68
CA ALA D 138 -33.04 2.48 36.45
C ALA D 138 -31.53 2.51 36.65
N LEU D 139 -31.07 2.99 37.81
CA LEU D 139 -29.64 3.00 38.09
C LEU D 139 -29.09 1.57 38.11
N ARG D 140 -29.85 0.63 38.65
CA ARG D 140 -29.39 -0.75 38.70
C ARG D 140 -29.39 -1.37 37.31
N VAL D 141 -30.49 -1.23 36.56
CA VAL D 141 -30.54 -1.82 35.23
C VAL D 141 -29.51 -1.19 34.31
N LYS D 142 -29.03 0.02 34.61
CA LYS D 142 -27.97 0.60 33.80
C LYS D 142 -26.60 0.13 34.26
N THR D 143 -26.35 0.14 35.57
CA THR D 143 -25.03 -0.26 36.07
C THR D 143 -24.74 -1.73 35.82
N GLY D 144 -25.68 -2.48 35.26
CA GLY D 144 -25.43 -3.85 34.87
C GLY D 144 -25.01 -3.95 33.43
N ARG D 145 -25.71 -3.21 32.56
CA ARG D 145 -25.31 -3.15 31.15
C ARG D 145 -23.89 -2.63 31.01
N ASN D 146 -23.40 -1.89 32.01
CA ASN D 146 -22.01 -1.47 32.01
C ASN D 146 -21.07 -2.65 32.22
N ALA D 147 -21.27 -3.39 33.31
CA ALA D 147 -20.39 -4.50 33.63
C ALA D 147 -20.45 -5.58 32.55
N ALA D 148 -21.63 -5.78 31.97
CA ALA D 148 -21.75 -6.72 30.86
C ALA D 148 -20.82 -6.33 29.72
N TYR D 149 -20.83 -5.04 29.36
CA TYR D 149 -19.94 -4.60 28.29
C TYR D 149 -18.48 -4.69 28.70
N LEU D 150 -18.16 -4.44 29.96
CA LEU D 150 -16.76 -4.55 30.39
C LEU D 150 -16.24 -5.98 30.24
N VAL D 151 -17.01 -6.95 30.74
CA VAL D 151 -16.53 -8.34 30.65
C VAL D 151 -16.53 -8.81 29.20
N ASP D 152 -17.52 -8.39 28.41
CA ASP D 152 -17.54 -8.75 27.00
C ASP D 152 -16.36 -8.14 26.25
N ASP D 153 -16.00 -6.90 26.59
CA ASP D 153 -14.86 -6.27 25.94
C ASP D 153 -13.56 -6.95 26.32
N ASP D 154 -13.42 -7.34 27.58
CA ASP D 154 -12.25 -8.11 27.99
C ASP D 154 -12.12 -9.39 27.17
N VAL D 155 -13.21 -10.16 27.08
CA VAL D 155 -13.13 -11.43 26.37
C VAL D 155 -12.90 -11.21 24.88
N MET D 156 -13.63 -10.27 24.27
CA MET D 156 -13.45 -10.01 22.85
C MET D 156 -12.05 -9.49 22.54
N GLN D 157 -11.46 -8.73 23.46
CA GLN D 157 -10.13 -8.19 23.24
C GLN D 157 -9.08 -9.28 23.33
N LYS D 158 -9.26 -10.23 24.26
CA LYS D 158 -8.32 -11.35 24.29
C LYS D 158 -8.60 -12.35 23.16
N ILE D 159 -9.77 -12.26 22.53
CA ILE D 159 -10.03 -13.12 21.38
C ILE D 159 -9.42 -12.53 20.11
N LYS D 160 -9.52 -11.22 19.93
CA LYS D 160 -9.08 -10.57 18.69
C LYS D 160 -7.64 -10.95 18.36
N GLU D 161 -6.71 -10.64 19.26
CA GLU D 161 -5.36 -11.15 19.16
C GLU D 161 -5.31 -12.51 19.83
N GLY D 162 -4.84 -13.52 19.10
CA GLY D 162 -5.07 -14.90 19.46
C GLY D 162 -4.53 -15.35 20.81
N VAL D 163 -5.43 -15.56 21.77
CA VAL D 163 -5.08 -16.18 23.03
C VAL D 163 -5.87 -17.46 23.29
N PHE D 164 -6.86 -17.77 22.46
CA PHE D 164 -7.66 -18.98 22.59
C PHE D 164 -7.51 -19.81 21.33
N ARG D 165 -6.91 -20.98 21.45
CA ARG D 165 -6.61 -21.82 20.30
C ARG D 165 -7.81 -22.65 19.87
N THR D 166 -8.32 -23.50 20.77
CA THR D 166 -9.49 -24.29 20.46
C THR D 166 -10.75 -23.43 20.64
N ARG D 167 -11.91 -24.06 20.50
CA ARG D 167 -13.16 -23.37 20.76
C ARG D 167 -13.65 -23.60 22.18
N GLU D 168 -13.44 -24.80 22.72
CA GLU D 168 -13.90 -25.09 24.07
C GLU D 168 -13.20 -24.23 25.11
N GLU D 169 -11.92 -23.90 24.88
CA GLU D 169 -11.19 -23.08 25.84
C GLU D 169 -11.77 -21.67 25.90
N MET D 170 -12.14 -21.10 24.75
CA MET D 170 -12.74 -19.77 24.74
C MET D 170 -14.08 -19.78 25.45
N GLU D 171 -14.89 -20.81 25.21
CA GLU D 171 -16.18 -20.90 25.89
C GLU D 171 -15.99 -21.02 27.40
N GLU D 172 -15.00 -21.82 27.82
CA GLU D 172 -14.75 -21.98 29.25
C GLU D 172 -14.33 -20.66 29.89
N TYR D 173 -13.39 -19.96 29.26
CA TYR D 173 -12.97 -18.67 29.78
C TYR D 173 -14.12 -17.68 29.79
N ARG D 174 -14.96 -17.71 28.75
CA ARG D 174 -16.13 -16.85 28.71
C ARG D 174 -17.03 -17.08 29.90
N HIS D 175 -17.31 -18.35 30.20
CA HIS D 175 -18.23 -18.66 31.29
C HIS D 175 -17.65 -18.24 32.64
N SER D 176 -16.39 -18.60 32.88
CA SER D 176 -15.76 -18.25 34.15
C SER D 176 -15.71 -16.73 34.32
N ARG D 177 -15.35 -16.00 33.26
CA ARG D 177 -15.29 -14.55 33.36
C ARG D 177 -16.67 -13.95 33.54
N LEU D 178 -17.70 -14.50 32.87
CA LEU D 178 -19.05 -14.00 33.10
C LEU D 178 -19.41 -14.08 34.56
N GLN D 179 -19.28 -15.27 35.15
CA GLN D 179 -19.65 -15.43 36.55
C GLN D 179 -18.85 -14.50 37.45
N GLU D 180 -17.51 -14.60 37.38
CA GLU D 180 -16.66 -13.83 38.28
C GLU D 180 -16.85 -12.34 38.09
N GLY D 181 -17.05 -11.90 36.85
CA GLY D 181 -17.19 -10.48 36.60
C GLY D 181 -18.52 -9.94 37.06
N ALA D 182 -19.61 -10.67 36.82
CA ALA D 182 -20.88 -10.27 37.40
C ALA D 182 -20.73 -10.07 38.91
N LYS D 183 -20.17 -11.07 39.59
CA LYS D 183 -20.03 -10.98 41.04
C LYS D 183 -19.17 -9.77 41.44
N VAL D 184 -18.00 -9.61 40.81
CA VAL D 184 -17.05 -8.61 41.29
C VAL D 184 -17.51 -7.20 40.93
N TYR D 185 -18.13 -7.01 39.77
CA TYR D 185 -18.60 -5.68 39.42
C TYR D 185 -19.81 -5.29 40.25
N ALA D 186 -20.71 -6.24 40.52
CA ALA D 186 -21.81 -5.96 41.43
C ALA D 186 -21.27 -5.58 42.81
N GLU D 187 -20.22 -6.27 43.28
CA GLU D 187 -19.66 -5.97 44.59
C GLU D 187 -19.00 -4.59 44.60
N GLN D 188 -18.28 -4.25 43.52
CA GLN D 188 -17.60 -2.96 43.47
C GLN D 188 -18.60 -1.81 43.41
N PHE D 189 -19.62 -1.93 42.56
CA PHE D 189 -20.63 -0.89 42.47
C PHE D 189 -21.64 -0.93 43.61
N GLY D 190 -21.39 -1.73 44.65
CA GLY D 190 -22.25 -1.77 45.80
C GLY D 190 -23.64 -2.34 45.58
N ILE D 191 -23.85 -3.03 44.47
CA ILE D 191 -25.17 -3.57 44.14
C ILE D 191 -25.20 -5.05 44.48
N ASP D 192 -26.36 -5.53 44.91
CA ASP D 192 -26.53 -6.93 45.22
C ASP D 192 -26.39 -7.75 43.94
N PRO D 193 -25.52 -8.74 43.89
CA PRO D 193 -25.33 -9.49 42.64
C PRO D 193 -26.47 -10.45 42.34
N GLU D 194 -27.57 -10.34 43.08
CA GLU D 194 -28.73 -11.18 42.88
C GLU D 194 -29.99 -10.41 42.51
N ASP D 195 -30.09 -9.14 42.89
CA ASP D 195 -31.29 -8.36 42.65
C ASP D 195 -31.66 -8.38 41.17
N VAL D 196 -32.91 -8.77 40.90
CA VAL D 196 -33.35 -9.11 39.54
C VAL D 196 -33.09 -7.96 38.56
N ASP D 197 -33.18 -6.72 39.01
CA ASP D 197 -33.03 -5.59 38.10
C ASP D 197 -31.61 -5.50 37.56
N TYR D 198 -30.61 -5.77 38.41
CA TYR D 198 -29.22 -5.75 37.96
C TYR D 198 -28.99 -6.77 36.86
N GLN D 199 -29.63 -7.93 36.96
CA GLN D 199 -29.43 -8.96 35.95
C GLN D 199 -30.17 -8.64 34.66
N ARG D 200 -31.28 -7.90 34.73
CA ARG D 200 -31.98 -7.52 33.51
C ARG D 200 -31.10 -6.64 32.63
N GLY D 201 -30.13 -5.96 33.22
CA GLY D 201 -29.19 -5.18 32.44
C GLY D 201 -27.95 -5.97 32.11
N PHE D 202 -27.42 -6.71 33.09
CA PHE D 202 -26.22 -7.50 32.85
C PHE D 202 -26.46 -8.65 31.88
N ASN D 203 -27.69 -9.17 31.83
CA ASN D 203 -28.04 -10.24 30.89
C ASN D 203 -28.87 -9.71 29.74
N GLY D 204 -28.92 -8.39 29.55
CA GLY D 204 -29.83 -7.74 28.63
C GLY D 204 -29.92 -8.37 27.26
N ASP D 205 -28.82 -8.32 26.51
CA ASP D 205 -28.74 -8.91 25.18
C ASP D 205 -27.59 -9.92 25.22
N ILE D 206 -27.91 -11.15 25.61
CA ILE D 206 -26.87 -12.15 25.86
C ILE D 206 -26.62 -13.02 24.64
N THR D 207 -27.68 -13.46 23.96
CA THR D 207 -27.49 -14.35 22.81
C THR D 207 -26.77 -13.64 21.68
N GLU D 208 -27.07 -12.36 21.46
CA GLU D 208 -26.41 -11.63 20.38
C GLU D 208 -24.94 -11.38 20.69
N ARG D 209 -24.61 -11.11 21.95
CA ARG D 209 -23.21 -10.95 22.31
C ARG D 209 -22.45 -12.27 22.20
N ASN D 210 -23.10 -13.38 22.56
CA ASN D 210 -22.47 -14.68 22.36
C ASN D 210 -22.27 -14.96 20.87
N ILE D 211 -23.23 -14.53 20.04
CA ILE D 211 -23.09 -14.67 18.59
C ILE D 211 -21.88 -13.89 18.10
N SER D 212 -21.73 -12.65 18.58
CA SER D 212 -20.60 -11.83 18.17
C SER D 212 -19.27 -12.47 18.55
N LEU D 213 -19.17 -12.94 19.79
CA LEU D 213 -17.92 -13.56 20.23
C LEU D 213 -17.63 -14.83 19.45
N TYR D 214 -18.64 -15.66 19.24
CA TYR D 214 -18.43 -16.89 18.48
C TYR D 214 -17.98 -16.58 17.07
N GLY D 215 -18.55 -15.53 16.46
CA GLY D 215 -18.14 -15.16 15.11
C GLY D 215 -16.70 -14.70 15.04
N ALA D 216 -16.32 -13.80 15.94
CA ALA D 216 -14.94 -13.30 15.92
C ALA D 216 -13.95 -14.42 16.20
N HIS D 217 -14.22 -15.24 17.22
CA HIS D 217 -13.30 -16.31 17.55
C HIS D 217 -13.25 -17.37 16.46
N ASP D 218 -14.35 -17.61 15.76
CA ASP D 218 -14.34 -18.55 14.66
C ASP D 218 -13.56 -18.00 13.47
N ASN D 219 -13.65 -16.70 13.22
CA ASN D 219 -12.79 -16.07 12.22
C ASN D 219 -11.33 -16.30 12.54
N PHE D 220 -10.94 -16.03 13.79
CA PHE D 220 -9.54 -16.23 14.17
C PHE D 220 -9.14 -17.70 14.08
N LEU D 221 -10.04 -18.60 14.47
CA LEU D 221 -9.73 -20.02 14.43
C LEU D 221 -9.54 -20.51 13.00
N SER D 222 -10.38 -20.03 12.08
CA SER D 222 -10.17 -20.35 10.67
C SER D 222 -8.84 -19.81 10.17
N GLN D 223 -8.48 -18.60 10.57
CA GLN D 223 -7.20 -18.05 10.14
C GLN D 223 -6.04 -18.90 10.64
N GLN D 224 -6.08 -19.31 11.91
CA GLN D 224 -4.95 -20.08 12.43
C GLN D 224 -4.95 -21.48 11.86
N ALA D 225 -6.12 -22.03 11.52
CA ALA D 225 -6.15 -23.33 10.88
C ALA D 225 -5.57 -23.26 9.47
N GLN D 226 -5.84 -22.16 8.76
CA GLN D 226 -5.21 -21.94 7.47
C GLN D 226 -3.70 -21.88 7.60
N LYS D 227 -3.21 -21.02 8.51
CA LYS D 227 -1.77 -20.90 8.73
C LYS D 227 -1.17 -22.22 9.18
N GLY D 228 -1.92 -23.01 9.95
CA GLY D 228 -1.40 -24.27 10.43
C GLY D 228 -1.33 -25.32 9.35
N ALA D 229 -2.30 -25.32 8.44
CA ALA D 229 -2.21 -26.21 7.28
C ALA D 229 -1.02 -25.84 6.42
N ILE D 230 -0.80 -24.54 6.20
CA ILE D 230 0.36 -24.10 5.42
C ILE D 230 1.65 -24.53 6.08
N MET D 231 1.76 -24.34 7.40
CA MET D 231 3.00 -24.67 8.10
C MET D 231 3.18 -26.17 8.27
N ASN D 232 2.08 -26.93 8.31
CA ASN D 232 2.14 -28.37 8.50
C ASN D 232 2.49 -29.08 7.21
N SER D 233 1.92 -28.65 6.09
CA SER D 233 2.26 -29.35 4.86
C SER D 233 3.64 -29.01 4.35
N ARG D 234 4.44 -28.31 5.15
CA ARG D 234 5.85 -28.13 4.86
C ARG D 234 6.71 -29.15 5.61
N VAL D 235 6.35 -29.48 6.84
CA VAL D 235 7.06 -30.52 7.57
C VAL D 235 6.86 -31.87 6.91
N GLU D 236 5.63 -32.17 6.50
CA GLU D 236 5.36 -33.44 5.84
C GLU D 236 6.17 -33.57 4.55
N LEU D 237 6.40 -32.47 3.83
CA LEU D 237 7.24 -32.52 2.66
C LEU D 237 8.71 -32.60 3.03
N ASN D 238 9.13 -31.87 4.06
CA ASN D 238 10.52 -31.90 4.50
C ASN D 238 10.92 -33.21 5.15
N GLY D 239 10.03 -34.21 5.14
CA GLY D 239 10.43 -35.54 5.56
C GLY D 239 11.11 -36.33 4.46
N VAL D 240 10.75 -36.05 3.20
CA VAL D 240 11.34 -36.77 2.07
C VAL D 240 11.84 -35.78 1.03
N LEU D 241 12.00 -34.51 1.42
CA LEU D 241 12.56 -33.50 0.53
C LEU D 241 13.70 -32.72 1.17
N GLN D 242 14.07 -33.01 2.41
CA GLN D 242 15.18 -32.33 3.05
C GLN D 242 16.51 -33.01 2.75
N ASP D 243 16.52 -34.32 2.58
CA ASP D 243 17.74 -35.05 2.25
C ASP D 243 18.22 -34.63 0.88
N PRO D 244 19.41 -34.03 0.75
CA PRO D 244 19.89 -33.65 -0.58
C PRO D 244 20.16 -34.83 -1.50
N ASP D 245 20.09 -36.06 -0.99
CA ASP D 245 20.28 -37.24 -1.82
C ASP D 245 18.96 -37.86 -2.26
N MET D 246 17.98 -37.89 -1.36
CA MET D 246 16.65 -38.39 -1.71
C MET D 246 15.94 -37.48 -2.69
N LEU D 247 16.29 -36.19 -2.71
CA LEU D 247 15.59 -35.23 -3.56
C LEU D 247 15.81 -35.53 -5.04
N ARG D 248 17.05 -35.68 -5.45
CA ARG D 248 17.33 -35.81 -6.87
C ARG D 248 16.96 -37.17 -7.43
N ARG D 249 16.37 -38.08 -6.67
CA ARG D 249 15.89 -39.33 -7.27
C ARG D 249 14.72 -39.05 -8.20
N PRO D 250 14.55 -39.85 -9.25
CA PRO D 250 13.51 -39.56 -10.24
C PRO D 250 12.09 -39.80 -9.74
N ASP D 251 11.90 -40.19 -8.49
CA ASP D 251 10.56 -40.42 -7.96
C ASP D 251 10.06 -39.30 -7.06
N SER D 252 10.92 -38.37 -6.67
CA SER D 252 10.49 -37.29 -5.79
C SER D 252 9.41 -36.44 -6.45
N ALA D 253 9.57 -36.16 -7.74
CA ALA D 253 8.53 -35.43 -8.47
C ALA D 253 7.21 -36.21 -8.44
N ASP D 254 7.29 -37.53 -8.60
CA ASP D 254 6.08 -38.34 -8.54
C ASP D 254 5.43 -38.24 -7.18
N PHE D 255 6.21 -38.30 -6.10
CA PHE D 255 5.64 -38.20 -4.77
C PHE D 255 5.00 -36.83 -4.56
N PHE D 256 5.64 -35.78 -5.04
CA PHE D 256 5.09 -34.44 -4.86
C PHE D 256 3.77 -34.28 -5.61
N GLU D 257 3.72 -34.75 -6.86
CA GLU D 257 2.49 -34.66 -7.62
C GLU D 257 1.38 -35.49 -6.97
N LYS D 258 1.71 -36.71 -6.54
CA LYS D 258 0.71 -37.54 -5.88
C LYS D 258 0.22 -36.89 -4.59
N TYR D 259 1.10 -36.22 -3.85
CA TYR D 259 0.70 -35.58 -2.61
C TYR D 259 -0.26 -34.44 -2.88
N ILE D 260 0.08 -33.56 -3.83
CA ILE D 260 -0.84 -32.47 -4.15
C ILE D 260 -2.17 -33.00 -4.64
N ASP D 261 -2.14 -34.02 -5.50
CA ASP D 261 -3.38 -34.56 -6.05
C ASP D 261 -4.26 -35.14 -4.94
N ASN D 262 -3.68 -35.98 -4.08
CA ASN D 262 -4.45 -36.56 -2.98
C ASN D 262 -4.98 -35.48 -2.05
N GLY D 263 -4.10 -34.67 -1.49
CA GLY D 263 -4.51 -33.62 -0.57
C GLY D 263 -5.47 -32.62 -1.19
N LEU D 264 -5.57 -32.57 -2.51
CA LEU D 264 -6.55 -31.72 -3.15
C LEU D 264 -7.87 -32.45 -3.43
N VAL D 265 -7.83 -33.77 -3.53
CA VAL D 265 -9.05 -34.55 -3.75
C VAL D 265 -9.66 -35.00 -2.43
N THR D 266 -8.84 -35.57 -1.54
CA THR D 266 -9.37 -36.05 -0.26
C THR D 266 -9.81 -34.91 0.64
N GLY D 267 -8.93 -33.95 0.88
CA GLY D 267 -9.27 -32.83 1.74
C GLY D 267 -8.14 -32.39 2.64
N ALA D 268 -7.00 -33.07 2.56
CA ALA D 268 -5.84 -32.69 3.38
C ALA D 268 -5.40 -31.27 3.07
N ILE D 269 -5.51 -30.85 1.81
CA ILE D 269 -5.24 -29.47 1.41
C ILE D 269 -6.54 -28.89 0.90
N PRO D 270 -7.40 -28.36 1.78
CA PRO D 270 -8.77 -28.04 1.37
C PRO D 270 -8.87 -26.91 0.36
N SER D 271 -8.26 -25.76 0.68
CA SER D 271 -8.49 -24.54 -0.09
C SER D 271 -7.75 -24.63 -1.41
N ASP D 272 -8.50 -24.71 -2.51
CA ASP D 272 -7.86 -24.65 -3.82
C ASP D 272 -7.09 -23.35 -4.00
N ALA D 273 -7.54 -22.27 -3.35
CA ALA D 273 -6.80 -21.02 -3.43
C ALA D 273 -5.48 -21.11 -2.66
N GLN D 274 -5.43 -21.89 -1.58
CA GLN D 274 -4.21 -21.98 -0.80
C GLN D 274 -3.23 -22.98 -1.40
N ALA D 275 -3.67 -23.85 -2.31
CA ALA D 275 -2.75 -24.78 -2.96
C ALA D 275 -1.66 -24.02 -3.70
N THR D 276 -1.96 -22.80 -4.16
CA THR D 276 -0.93 -21.98 -4.78
C THR D 276 0.15 -21.61 -3.77
N GLN D 277 -0.24 -21.19 -2.57
CA GLN D 277 0.73 -20.86 -1.54
C GLN D 277 1.55 -22.09 -1.15
N LEU D 278 0.89 -23.24 -1.00
CA LEU D 278 1.61 -24.45 -0.65
C LEU D 278 2.61 -24.83 -1.74
N ILE D 279 2.20 -24.75 -3.00
CA ILE D 279 3.09 -25.09 -4.11
C ILE D 279 4.27 -24.15 -4.15
N SER D 280 4.02 -22.84 -4.05
CA SER D 280 5.11 -21.87 -4.11
C SER D 280 6.06 -22.03 -2.94
N GLN D 281 5.53 -22.36 -1.75
CA GLN D 281 6.39 -22.52 -0.58
C GLN D 281 7.26 -23.77 -0.72
N ALA D 282 6.66 -24.88 -1.15
CA ALA D 282 7.45 -26.10 -1.35
C ALA D 282 8.51 -25.89 -2.42
N PHE D 283 8.18 -25.12 -3.47
CA PHE D 283 9.18 -24.84 -4.50
C PHE D 283 10.32 -24.01 -3.95
N SER D 284 10.01 -22.84 -3.38
CA SER D 284 11.04 -21.99 -2.80
C SER D 284 11.89 -22.74 -1.80
N ASP D 285 11.31 -23.70 -1.08
CA ASP D 285 12.12 -24.59 -0.24
C ASP D 285 13.06 -25.42 -1.10
N ALA D 286 12.51 -26.24 -1.99
CA ALA D 286 13.34 -27.06 -2.86
C ALA D 286 14.19 -26.21 -3.81
N SER D 287 13.87 -24.93 -3.97
CA SER D 287 14.68 -24.05 -4.80
C SER D 287 16.05 -23.84 -4.18
N SER D 288 16.08 -23.26 -2.99
CA SER D 288 17.34 -22.92 -2.33
C SER D 288 17.85 -24.04 -1.45
N ARG D 289 17.97 -25.24 -2.03
CA ARG D 289 18.54 -26.38 -1.32
C ARG D 289 19.23 -27.27 -2.34
N ALA D 290 20.19 -28.06 -1.85
CA ALA D 290 21.04 -28.84 -2.72
C ALA D 290 20.23 -29.77 -3.61
N GLY D 291 20.69 -29.94 -4.85
CA GLY D 291 20.07 -30.85 -5.79
C GLY D 291 18.70 -30.43 -6.27
N GLY D 292 18.19 -29.31 -5.76
CA GLY D 292 16.86 -28.87 -6.10
C GLY D 292 16.63 -28.68 -7.59
N ALA D 293 17.69 -28.42 -8.35
CA ALA D 293 17.52 -28.20 -9.78
C ALA D 293 16.93 -29.43 -10.46
N ASP D 294 17.40 -30.63 -10.11
CA ASP D 294 16.86 -31.85 -10.69
C ASP D 294 15.38 -32.00 -10.34
N PHE D 295 15.03 -31.79 -9.07
CA PHE D 295 13.64 -31.96 -8.65
C PHE D 295 12.72 -31.00 -9.40
N LEU D 296 13.15 -29.74 -9.55
CA LEU D 296 12.32 -28.77 -10.25
C LEU D 296 12.18 -29.13 -11.73
N MET D 297 13.31 -29.41 -12.39
CA MET D 297 13.25 -29.74 -13.81
C MET D 297 12.48 -31.01 -14.08
N ARG D 298 12.35 -31.89 -13.10
CA ARG D 298 11.56 -33.09 -13.30
C ARG D 298 10.08 -32.86 -12.97
N VAL D 299 9.79 -32.05 -11.97
CA VAL D 299 8.38 -31.80 -11.62
C VAL D 299 7.73 -30.83 -12.58
N GLY D 300 8.51 -30.09 -13.36
CA GLY D 300 7.94 -29.11 -14.26
C GLY D 300 7.15 -29.65 -15.44
N ASP D 301 6.81 -30.93 -15.43
CA ASP D 301 6.07 -31.52 -16.54
C ASP D 301 4.97 -32.47 -16.07
N LYS D 302 4.59 -32.39 -14.80
CA LYS D 302 3.50 -33.21 -14.29
C LYS D 302 2.17 -32.48 -14.52
N LYS D 303 1.09 -33.00 -13.93
CA LYS D 303 -0.24 -32.44 -14.10
C LYS D 303 -0.82 -32.09 -12.73
N VAL D 304 -1.30 -30.87 -12.59
CA VAL D 304 -1.95 -30.40 -11.38
C VAL D 304 -3.18 -29.61 -11.77
N THR D 305 -4.29 -29.89 -11.09
CA THR D 305 -5.55 -29.19 -11.33
C THR D 305 -5.70 -28.08 -10.30
N LEU D 306 -6.06 -26.89 -10.77
CA LEU D 306 -6.27 -25.75 -9.87
C LEU D 306 -7.25 -24.80 -10.52
N ASN D 307 -8.35 -24.51 -9.82
CA ASN D 307 -9.38 -23.59 -10.30
C ASN D 307 -9.96 -24.03 -11.64
N GLY D 308 -10.56 -25.21 -11.63
CA GLY D 308 -11.30 -25.68 -12.79
C GLY D 308 -10.43 -26.13 -13.94
N ALA D 309 -9.57 -25.23 -14.44
CA ALA D 309 -8.70 -25.57 -15.54
C ALA D 309 -7.54 -26.44 -15.07
N THR D 310 -7.07 -27.29 -15.97
CA THR D 310 -5.97 -28.21 -15.68
C THR D 310 -4.77 -27.83 -16.53
N THR D 311 -3.62 -27.67 -15.87
CA THR D 311 -2.41 -27.27 -16.58
C THR D 311 -1.20 -28.05 -16.08
N THR D 312 -0.02 -27.65 -16.53
CA THR D 312 1.24 -28.22 -16.08
C THR D 312 1.95 -27.22 -15.16
N TYR D 313 2.68 -27.76 -14.18
CA TYR D 313 3.31 -26.91 -13.17
C TYR D 313 4.13 -25.80 -13.80
N ARG D 314 4.91 -26.12 -14.83
CA ARG D 314 5.69 -25.09 -15.51
C ARG D 314 4.79 -24.00 -16.08
N GLU D 315 3.52 -24.30 -16.34
CA GLU D 315 2.60 -23.32 -16.88
C GLU D 315 1.71 -22.69 -15.81
N LEU D 316 1.64 -23.28 -14.61
CA LEU D 316 0.89 -22.66 -13.53
C LEU D 316 1.50 -21.31 -13.15
N ILE D 317 2.72 -21.33 -12.66
CA ILE D 317 3.48 -20.10 -12.46
C ILE D 317 4.06 -19.66 -13.80
N GLY D 318 4.14 -18.34 -14.00
CA GLY D 318 4.49 -17.81 -15.30
C GLY D 318 5.85 -18.29 -15.77
N GLU D 319 6.01 -18.27 -17.10
CA GLU D 319 7.24 -18.78 -17.69
C GLU D 319 8.46 -17.98 -17.24
N GLU D 320 8.32 -16.65 -17.15
CA GLU D 320 9.43 -15.86 -16.64
C GLU D 320 9.66 -16.14 -15.17
N GLN D 321 8.58 -16.33 -14.41
CA GLN D 321 8.74 -16.76 -13.02
C GLN D 321 9.42 -18.11 -12.95
N TRP D 322 9.11 -19.01 -13.89
CA TRP D 322 9.75 -20.32 -13.89
C TRP D 322 11.23 -20.19 -14.18
N ASN D 323 11.61 -19.32 -15.12
CA ASN D 323 13.02 -19.13 -15.43
C ASN D 323 13.77 -18.54 -14.24
N ALA D 324 13.16 -17.56 -13.57
CA ALA D 324 13.81 -16.99 -12.38
C ALA D 324 13.95 -18.04 -11.27
N LEU D 325 12.91 -18.83 -11.06
CA LEU D 325 12.96 -19.87 -10.04
C LEU D 325 14.03 -20.91 -10.37
N MET D 326 14.17 -21.27 -11.64
CA MET D 326 15.19 -22.23 -12.03
C MET D 326 16.59 -21.66 -11.85
N VAL D 327 16.78 -20.38 -12.20
CA VAL D 327 18.07 -19.75 -11.99
C VAL D 327 18.42 -19.74 -10.51
N THR D 328 17.45 -19.43 -9.66
CA THR D 328 17.71 -19.45 -8.21
C THR D 328 18.01 -20.87 -7.73
N ALA D 329 17.29 -21.86 -8.25
CA ALA D 329 17.51 -23.23 -7.82
C ALA D 329 18.86 -23.76 -8.28
N GLN D 330 19.39 -23.20 -9.36
CA GLN D 330 20.71 -23.63 -9.82
C GLN D 330 21.83 -22.83 -9.18
N ARG D 331 21.55 -21.62 -8.68
CA ARG D 331 22.56 -20.89 -7.92
C ARG D 331 22.56 -21.31 -6.45
N SER D 332 21.51 -22.02 -6.02
CA SER D 332 21.42 -22.44 -4.63
C SER D 332 22.65 -23.20 -4.18
N GLN D 333 22.91 -24.34 -4.83
CA GLN D 333 24.05 -25.23 -4.46
C GLN D 333 25.36 -24.45 -4.37
N PHE D 334 25.48 -23.34 -5.10
CA PHE D 334 26.71 -22.58 -5.09
C PHE D 334 26.64 -21.39 -4.16
N GLU D 335 25.49 -21.16 -3.54
CA GLU D 335 25.36 -20.15 -2.49
C GLU D 335 24.96 -20.75 -1.15
N THR D 336 25.07 -22.07 -0.99
CA THR D 336 24.75 -22.72 0.27
C THR D 336 25.87 -23.60 0.80
N ASP D 337 26.60 -24.30 -0.07
CA ASP D 337 27.72 -25.15 0.31
C ASP D 337 29.00 -24.51 -0.21
N ALA D 338 29.58 -23.64 0.62
CA ALA D 338 30.75 -22.87 0.20
C ALA D 338 31.89 -23.76 -0.28
N LYS D 339 32.00 -24.98 0.25
CA LYS D 339 33.09 -25.86 -0.15
C LYS D 339 33.06 -26.15 -1.64
N LEU D 340 31.87 -26.33 -2.20
CA LEU D 340 31.77 -26.62 -3.62
C LEU D 340 32.18 -25.42 -4.46
N ASN D 341 31.84 -24.21 -3.99
CA ASN D 341 32.30 -23.00 -4.66
C ASN D 341 33.82 -22.97 -4.71
N GLU D 342 34.48 -23.22 -3.58
CA GLU D 342 35.93 -23.26 -3.55
C GLU D 342 36.46 -24.31 -4.51
N GLN D 343 35.87 -25.50 -4.51
CA GLN D 343 36.37 -26.58 -5.36
C GLN D 343 36.32 -26.18 -6.83
N TYR D 344 35.18 -25.69 -7.29
CA TYR D 344 35.06 -25.36 -8.71
C TYR D 344 35.91 -24.15 -9.08
N ARG D 345 36.00 -23.14 -8.21
CA ARG D 345 36.82 -21.99 -8.56
C ARG D 345 38.29 -22.36 -8.63
N LEU D 346 38.77 -23.15 -7.66
CA LEU D 346 40.17 -23.57 -7.67
C LEU D 346 40.46 -24.45 -8.87
N LYS D 347 39.52 -25.31 -9.25
CA LYS D 347 39.78 -26.19 -10.39
C LYS D 347 39.74 -25.42 -11.70
N ILE D 348 38.86 -24.43 -11.82
CA ILE D 348 38.87 -23.55 -12.98
C ILE D 348 40.19 -22.82 -13.08
N ASN D 349 40.70 -22.33 -11.95
CA ASN D 349 41.97 -21.62 -11.97
C ASN D 349 43.11 -22.55 -12.36
N SER D 350 43.14 -23.76 -11.80
CA SER D 350 44.19 -24.71 -12.14
C SER D 350 44.15 -25.09 -13.61
N ALA D 351 42.96 -25.26 -14.17
CA ALA D 351 42.83 -25.55 -15.59
C ALA D 351 43.33 -24.39 -16.43
N LEU D 352 42.92 -23.17 -16.08
CA LEU D 352 43.30 -22.00 -16.84
C LEU D 352 44.79 -21.72 -16.81
N ASN D 353 45.51 -22.24 -15.82
CA ASN D 353 46.90 -21.87 -15.59
C ASN D 353 47.88 -22.96 -16.01
N GLN D 354 47.44 -23.92 -16.82
CA GLN D 354 48.37 -24.91 -17.33
C GLN D 354 49.28 -24.27 -18.39
N GLU D 355 50.40 -24.93 -18.66
CA GLU D 355 51.38 -24.36 -19.57
C GLU D 355 50.98 -24.56 -21.03
N ASP D 356 50.38 -25.71 -21.35
CA ASP D 356 49.94 -25.99 -22.70
C ASP D 356 48.43 -25.87 -22.80
N PRO D 357 47.90 -24.83 -23.45
CA PRO D 357 46.44 -24.63 -23.47
C PRO D 357 45.66 -25.80 -24.02
N ARG D 358 46.26 -26.65 -24.87
CA ARG D 358 45.52 -27.77 -25.44
C ARG D 358 44.98 -28.69 -24.36
N THR D 359 45.75 -28.91 -23.29
CA THR D 359 45.24 -29.67 -22.16
C THR D 359 44.27 -28.85 -21.33
N ALA D 360 44.41 -27.53 -21.34
CA ALA D 360 43.47 -26.68 -20.62
C ALA D 360 42.08 -26.75 -21.23
N TRP D 361 41.99 -26.89 -22.56
CA TRP D 361 40.70 -27.11 -23.19
C TRP D 361 40.04 -28.38 -22.66
N GLU D 362 40.80 -29.47 -22.58
CA GLU D 362 40.23 -30.72 -22.07
C GLU D 362 39.82 -30.58 -20.61
N MET D 363 40.62 -29.88 -19.82
CA MET D 363 40.28 -29.70 -18.41
C MET D 363 39.00 -28.88 -18.26
N LEU D 364 38.87 -27.79 -19.02
CA LEU D 364 37.65 -27.00 -18.94
C LEU D 364 36.44 -27.78 -19.44
N GLN D 365 36.62 -28.59 -20.48
CA GLN D 365 35.53 -29.41 -20.97
C GLN D 365 35.09 -30.43 -19.93
N GLY D 366 36.05 -31.05 -19.25
CA GLY D 366 35.70 -31.95 -18.16
C GLY D 366 34.98 -31.23 -17.03
N ILE D 367 35.42 -30.01 -16.71
CA ILE D 367 34.74 -29.23 -15.67
C ILE D 367 33.29 -28.96 -16.06
N LYS D 368 33.06 -28.56 -17.32
CA LYS D 368 31.69 -28.28 -17.74
C LYS D 368 30.86 -29.56 -17.77
N ALA D 369 31.45 -30.67 -18.17
CA ALA D 369 30.72 -31.93 -18.19
C ALA D 369 30.32 -32.34 -16.77
N GLU D 370 31.20 -32.12 -15.80
CA GLU D 370 30.85 -32.44 -14.42
C GLU D 370 29.84 -31.45 -13.86
N LEU D 371 29.90 -30.20 -14.31
CA LEU D 371 29.00 -29.18 -13.80
C LEU D 371 27.58 -29.32 -14.35
N ASP D 372 27.42 -29.95 -15.51
CA ASP D 372 26.08 -30.17 -16.04
C ASP D 372 25.29 -31.14 -15.18
N LYS D 373 25.97 -31.95 -14.36
CA LYS D 373 25.28 -32.89 -13.50
C LYS D 373 24.82 -32.27 -12.18
N VAL D 374 25.19 -31.02 -11.91
CA VAL D 374 24.68 -30.28 -10.76
C VAL D 374 23.95 -29.03 -11.17
N GLN D 375 23.54 -28.93 -12.43
CA GLN D 375 22.77 -27.81 -12.96
C GLN D 375 22.11 -28.26 -14.26
N PRO D 376 21.16 -29.19 -14.22
CA PRO D 376 20.70 -29.82 -15.46
C PRO D 376 20.06 -28.87 -16.44
N ASP D 377 19.11 -28.05 -16.00
CA ASP D 377 18.39 -27.19 -16.93
C ASP D 377 19.35 -26.15 -17.52
N GLU D 378 19.02 -25.69 -18.73
CA GLU D 378 19.95 -24.95 -19.56
C GLU D 378 19.94 -23.44 -19.28
N GLN D 379 19.35 -23.01 -18.17
CA GLN D 379 19.32 -21.59 -17.87
C GLN D 379 20.72 -21.05 -17.61
N MET D 380 20.86 -19.74 -17.76
CA MET D 380 22.14 -19.07 -17.53
C MET D 380 22.28 -18.72 -16.06
N THR D 381 23.35 -19.20 -15.46
CA THR D 381 23.67 -18.97 -14.06
C THR D 381 25.01 -18.27 -13.95
N PRO D 382 25.32 -17.68 -12.79
CA PRO D 382 26.64 -17.04 -12.62
C PRO D 382 27.81 -18.01 -12.74
N GLN D 383 27.57 -19.30 -12.96
CA GLN D 383 28.65 -20.28 -13.08
C GLN D 383 29.00 -20.58 -14.53
N ARG D 384 27.99 -20.74 -15.38
CA ARG D 384 28.26 -20.79 -16.80
C ARG D 384 29.05 -19.57 -17.25
N GLU D 385 28.86 -18.44 -16.56
CA GLU D 385 29.67 -17.26 -16.86
C GLU D 385 31.12 -17.46 -16.43
N TRP D 386 31.34 -18.16 -15.32
CA TRP D 386 32.70 -18.53 -14.95
C TRP D 386 33.35 -19.36 -16.05
N LEU D 387 32.64 -20.38 -16.53
CA LEU D 387 33.18 -21.19 -17.62
C LEU D 387 33.39 -20.36 -18.88
N ILE D 388 32.52 -19.38 -19.13
CA ILE D 388 32.68 -18.52 -20.30
C ILE D 388 33.97 -17.73 -20.19
N SER D 389 34.22 -17.11 -19.04
CA SER D 389 35.45 -16.35 -18.85
C SER D 389 36.67 -17.24 -18.94
N ALA D 390 36.58 -18.45 -18.39
CA ALA D 390 37.70 -19.39 -18.45
C ALA D 390 38.01 -19.77 -19.89
N GLN D 391 36.98 -20.05 -20.69
CA GLN D 391 37.21 -20.42 -22.08
C GLN D 391 37.72 -19.23 -22.87
N GLU D 392 37.21 -18.03 -22.59
CA GLU D 392 37.74 -16.81 -23.19
C GLU D 392 39.23 -16.69 -22.97
N GLN D 393 39.66 -16.80 -21.71
CA GLN D 393 41.06 -16.59 -21.39
C GLN D 393 41.93 -17.72 -21.92
N VAL D 394 41.42 -18.96 -21.90
CA VAL D 394 42.23 -20.05 -22.42
C VAL D 394 42.36 -19.95 -23.93
N GLN D 395 41.35 -19.41 -24.61
CA GLN D 395 41.47 -19.21 -26.05
C GLN D 395 42.46 -18.11 -26.37
N ASN D 396 42.43 -17.01 -25.60
CA ASN D 396 43.45 -15.98 -25.77
C ASN D 396 44.85 -16.55 -25.53
N GLN D 397 45.01 -17.36 -24.50
CA GLN D 397 46.31 -17.95 -24.21
C GLN D 397 46.76 -18.90 -25.32
N MET D 398 45.83 -19.69 -25.86
CA MET D 398 46.18 -20.59 -26.95
C MET D 398 46.59 -19.80 -28.19
N ASN D 399 45.89 -18.71 -28.47
CA ASN D 399 46.28 -17.86 -29.60
C ASN D 399 47.68 -17.30 -29.41
N ALA D 400 47.96 -16.78 -28.21
CA ALA D 400 49.28 -16.23 -27.94
C ALA D 400 50.36 -17.29 -28.04
N TRP D 401 50.08 -18.51 -27.55
CA TRP D 401 51.08 -19.57 -27.56
C TRP D 401 51.32 -20.08 -28.97
N THR D 402 50.28 -20.13 -29.80
CA THR D 402 50.47 -20.52 -31.20
C THR D 402 51.23 -19.44 -31.96
N LYS D 403 50.96 -18.17 -31.67
CA LYS D 403 51.70 -17.10 -32.32
C LYS D 403 53.16 -17.10 -31.91
N ALA D 404 53.45 -17.42 -30.65
CA ALA D 404 54.82 -17.51 -30.18
C ALA D 404 55.47 -18.84 -30.50
N GLN D 405 54.72 -19.81 -31.01
CA GLN D 405 55.31 -21.06 -31.46
C GLN D 405 56.12 -20.88 -32.74
N ALA D 406 55.82 -19.86 -33.54
CA ALA D 406 56.57 -19.61 -34.76
C ALA D 406 58.03 -19.30 -34.47
N LYS D 407 58.33 -18.76 -33.30
CA LYS D 407 59.71 -18.49 -32.92
C LYS D 407 60.50 -19.76 -32.67
N ALA D 408 59.82 -20.91 -32.55
CA ALA D 408 60.51 -22.18 -32.41
C ALA D 408 60.97 -22.73 -33.76
N LEU D 409 60.66 -22.04 -34.85
CA LEU D 409 61.05 -22.49 -36.18
C LEU D 409 62.43 -21.93 -36.55
N LYS E 94 -53.32 19.10 22.55
CA LYS E 94 -52.46 19.84 21.64
C LYS E 94 -51.03 19.87 22.16
N GLU E 95 -50.74 19.02 23.15
CA GLU E 95 -49.40 18.97 23.72
C GLU E 95 -48.37 18.54 22.68
N GLN E 96 -48.80 17.83 21.63
CA GLN E 96 -47.87 17.40 20.59
C GLN E 96 -47.42 18.58 19.73
N ARG E 97 -48.22 19.65 19.69
CA ARG E 97 -47.88 20.79 18.84
C ARG E 97 -47.11 21.86 19.61
N ALA E 98 -47.52 22.15 20.85
CA ALA E 98 -46.85 23.19 21.63
C ALA E 98 -45.37 22.85 21.82
N ARG E 99 -45.07 21.59 22.14
CA ARG E 99 -43.68 21.17 22.24
C ARG E 99 -43.01 21.14 20.87
N ASP E 100 -43.77 20.85 19.82
CA ASP E 100 -43.20 20.87 18.47
C ASP E 100 -42.74 22.27 18.10
N LEU E 101 -43.53 23.29 18.44
CA LEU E 101 -43.09 24.66 18.21
C LEU E 101 -41.93 25.04 19.11
N ALA E 102 -41.87 24.43 20.31
CA ALA E 102 -40.77 24.69 21.22
C ALA E 102 -39.44 24.28 20.61
N ASP E 103 -39.42 23.16 19.90
CA ASP E 103 -38.18 22.72 19.26
C ASP E 103 -37.72 23.72 18.22
N GLU E 104 -38.65 24.23 17.41
CA GLU E 104 -38.29 25.22 16.41
C GLU E 104 -37.76 26.50 17.05
N ARG E 105 -38.43 26.96 18.11
CA ARG E 105 -37.95 28.17 18.78
C ARG E 105 -36.58 27.96 19.40
N SER E 106 -36.34 26.78 19.97
CA SER E 106 -35.03 26.46 20.51
C SER E 106 -33.97 26.47 19.43
N ASN E 107 -34.27 25.89 18.28
CA ASN E 107 -33.30 25.88 17.19
C ASN E 107 -32.99 27.29 16.71
N GLU E 108 -34.02 28.14 16.63
CA GLU E 108 -33.78 29.52 16.23
C GLU E 108 -32.91 30.25 17.26
N ILE E 109 -33.17 30.01 18.54
CA ILE E 109 -32.37 30.64 19.59
C ILE E 109 -30.91 30.20 19.47
N ILE E 110 -30.68 28.90 19.32
CA ILE E 110 -29.31 28.40 19.32
C ILE E 110 -28.59 28.68 18.01
N ARG E 111 -29.30 29.00 16.94
CA ARG E 111 -28.61 29.41 15.72
C ARG E 111 -28.31 30.91 15.71
N LYS E 112 -29.31 31.73 16.03
CA LYS E 112 -29.17 33.17 15.89
C LYS E 112 -28.25 33.81 16.92
N LEU E 113 -27.64 33.08 17.86
CA LEU E 113 -26.80 33.72 18.87
C LEU E 113 -25.55 32.88 19.10
N THR E 114 -24.51 33.53 19.65
CA THR E 114 -23.24 32.96 20.02
C THR E 114 -23.26 32.49 21.47
N PRO E 115 -22.31 31.67 21.91
CA PRO E 115 -22.27 31.30 23.33
C PRO E 115 -22.02 32.48 24.26
N GLU E 116 -21.72 33.66 23.74
CA GLU E 116 -21.48 34.83 24.58
C GLU E 116 -22.71 35.74 24.65
N GLN E 117 -23.24 36.13 23.49
CA GLN E 117 -24.40 37.02 23.48
C GLN E 117 -25.57 36.44 24.28
N ARG E 118 -25.72 35.11 24.28
CA ARG E 118 -26.84 34.51 24.98
C ARG E 118 -26.74 34.75 26.48
N ARG E 119 -25.52 34.65 27.04
CA ARG E 119 -25.35 34.93 28.46
C ARG E 119 -25.62 36.39 28.76
N GLU E 120 -25.12 37.29 27.91
CA GLU E 120 -25.36 38.71 28.11
C GLU E 120 -26.83 39.06 28.04
N ALA E 121 -27.59 38.34 27.21
CA ALA E 121 -29.01 38.62 27.02
C ALA E 121 -29.91 37.78 27.91
N LEU E 122 -29.38 36.74 28.58
CA LEU E 122 -30.23 35.93 29.44
C LEU E 122 -30.56 36.67 30.73
N ASN E 123 -29.59 37.38 31.31
CA ASN E 123 -29.86 38.15 32.51
C ASN E 123 -30.53 39.48 32.22
N ASN E 124 -30.47 39.97 30.98
CA ASN E 124 -31.21 41.16 30.59
C ASN E 124 -32.63 40.86 30.16
N GLY E 125 -33.05 39.60 30.18
CA GLY E 125 -34.40 39.24 29.78
C GLY E 125 -34.75 39.68 28.38
N THR E 126 -33.86 39.43 27.41
CA THR E 126 -34.07 39.89 26.05
C THR E 126 -33.79 38.80 25.03
N LEU E 127 -33.99 37.54 25.39
CA LEU E 127 -33.93 36.48 24.40
C LEU E 127 -35.13 36.59 23.45
N LEU E 128 -35.12 35.76 22.41
CA LEU E 128 -36.18 35.83 21.42
C LEU E 128 -37.46 35.16 21.88
N TYR E 129 -37.38 34.17 22.78
CA TYR E 129 -38.56 33.48 23.27
C TYR E 129 -38.45 33.21 24.76
N GLN E 130 -38.00 34.22 25.51
CA GLN E 130 -37.90 34.08 26.97
C GLN E 130 -39.26 33.85 27.60
N ASP E 131 -40.33 34.38 27.00
CA ASP E 131 -41.66 34.26 27.58
C ASP E 131 -42.11 32.80 27.61
N ASP E 132 -42.01 32.12 26.49
CA ASP E 132 -42.49 30.75 26.40
C ASP E 132 -41.62 29.85 27.27
N PRO E 133 -42.20 29.07 28.19
CA PRO E 133 -41.38 28.18 29.01
C PRO E 133 -40.88 26.98 28.26
N TYR E 134 -41.69 26.41 27.36
CA TYR E 134 -41.24 25.25 26.60
C TYR E 134 -40.06 25.59 25.69
N ALA E 135 -40.02 26.81 25.16
CA ALA E 135 -38.87 27.21 24.35
C ALA E 135 -37.60 27.21 25.17
N MET E 136 -37.64 27.81 26.36
CA MET E 136 -36.46 27.82 27.23
C MET E 136 -36.09 26.40 27.65
N GLU E 137 -37.09 25.55 27.88
CA GLU E 137 -36.80 24.17 28.29
C GLU E 137 -36.10 23.41 27.18
N ALA E 138 -36.56 23.57 25.94
CA ALA E 138 -35.90 22.92 24.82
C ALA E 138 -34.49 23.48 24.62
N LEU E 139 -34.34 24.80 24.76
CA LEU E 139 -33.01 25.40 24.63
C LEU E 139 -32.06 24.85 25.68
N ARG E 140 -32.55 24.63 26.90
CA ARG E 140 -31.68 24.08 27.94
C ARG E 140 -31.35 22.62 27.68
N VAL E 141 -32.35 21.80 27.36
CA VAL E 141 -32.07 20.39 27.12
C VAL E 141 -31.19 20.21 25.90
N LYS E 142 -31.16 21.19 25.00
CA LYS E 142 -30.24 21.07 23.86
C LYS E 142 -28.85 21.58 24.22
N THR E 143 -28.76 22.72 24.89
CA THR E 143 -27.44 23.27 25.23
C THR E 143 -26.69 22.41 26.21
N GLY E 144 -27.28 21.33 26.69
CA GLY E 144 -26.59 20.38 27.55
C GLY E 144 -26.01 19.24 26.73
N ARG E 145 -26.81 18.72 25.80
CA ARG E 145 -26.30 17.70 24.90
C ARG E 145 -25.09 18.20 24.11
N ASN E 146 -24.97 19.52 23.97
CA ASN E 146 -23.77 20.09 23.34
C ASN E 146 -22.55 19.91 24.22
N ALA E 147 -22.63 20.39 25.47
CA ALA E 147 -21.48 20.32 26.37
C ALA E 147 -21.09 18.87 26.65
N ALA E 148 -22.09 17.99 26.73
CA ALA E 148 -21.79 16.57 26.91
C ALA E 148 -20.92 16.07 25.77
N TYR E 149 -21.28 16.41 24.53
CA TYR E 149 -20.46 15.98 23.41
C TYR E 149 -19.10 16.64 23.41
N LEU E 150 -19.00 17.90 23.84
CA LEU E 150 -17.70 18.55 23.89
C LEU E 150 -16.76 17.83 24.86
N VAL E 151 -17.23 17.56 26.07
CA VAL E 151 -16.35 16.92 27.05
C VAL E 151 -16.04 15.48 26.62
N ASP E 152 -17.03 14.80 26.05
CA ASP E 152 -16.78 13.44 25.57
C ASP E 152 -15.77 13.44 24.42
N ASP E 153 -15.84 14.43 23.54
CA ASP E 153 -14.89 14.50 22.43
C ASP E 153 -13.50 14.80 22.93
N ASP E 154 -13.38 15.69 23.92
CA ASP E 154 -12.08 15.94 24.53
C ASP E 154 -11.48 14.65 25.09
N VAL E 155 -12.26 13.91 25.88
CA VAL E 155 -11.72 12.71 26.50
C VAL E 155 -11.41 11.64 25.46
N MET E 156 -12.32 11.43 24.50
CA MET E 156 -12.09 10.43 23.46
C MET E 156 -10.90 10.79 22.60
N GLN E 157 -10.67 12.08 22.37
CA GLN E 157 -9.55 12.51 21.54
C GLN E 157 -8.23 12.31 22.27
N LYS E 158 -8.20 12.55 23.58
CA LYS E 158 -6.99 12.26 24.33
C LYS E 158 -6.82 10.76 24.56
N ILE E 159 -7.88 9.97 24.37
CA ILE E 159 -7.74 8.52 24.47
C ILE E 159 -7.21 7.93 23.18
N LYS E 160 -7.70 8.40 22.04
CA LYS E 160 -7.33 7.83 20.75
C LYS E 160 -5.82 7.73 20.58
N GLU E 161 -5.14 8.86 20.64
CA GLU E 161 -3.69 8.88 20.72
C GLU E 161 -3.31 8.76 22.19
N GLY E 162 -2.47 7.77 22.50
CA GLY E 162 -2.29 7.32 23.87
C GLY E 162 -1.79 8.34 24.86
N VAL E 163 -2.68 8.79 25.74
CA VAL E 163 -2.30 9.62 26.89
C VAL E 163 -2.67 8.99 28.21
N PHE E 164 -3.42 7.89 28.20
CA PHE E 164 -3.82 7.19 29.41
C PHE E 164 -3.30 5.77 29.35
N ARG E 165 -2.38 5.43 30.25
CA ARG E 165 -1.72 4.14 30.23
C ARG E 165 -2.56 3.07 30.91
N THR E 166 -2.86 3.25 32.19
CA THR E 166 -3.71 2.30 32.89
C THR E 166 -5.17 2.55 32.55
N ARG E 167 -6.06 1.82 33.21
CA ARG E 167 -7.49 2.06 33.05
C ARG E 167 -8.03 3.00 34.13
N GLU E 168 -7.51 2.90 35.35
CA GLU E 168 -8.01 3.75 36.42
C GLU E 168 -7.71 5.22 36.16
N GLU E 169 -6.59 5.53 35.51
CA GLU E 169 -6.26 6.92 35.23
C GLU E 169 -7.24 7.52 34.25
N MET E 170 -7.64 6.75 33.22
CA MET E 170 -8.61 7.26 32.26
C MET E 170 -9.96 7.50 32.92
N GLU E 171 -10.39 6.59 33.79
CA GLU E 171 -11.65 6.78 34.50
C GLU E 171 -11.58 8.00 35.40
N GLU E 172 -10.46 8.21 36.08
CA GLU E 172 -10.31 9.38 36.95
C GLU E 172 -10.40 10.67 36.15
N TYR E 173 -9.65 10.74 35.05
CA TYR E 173 -9.71 11.93 34.21
C TYR E 173 -11.11 12.14 33.65
N ARG E 174 -11.78 11.05 33.26
CA ARG E 174 -13.14 11.14 32.77
C ARG E 174 -14.05 11.78 33.80
N HIS E 175 -13.95 11.33 35.05
CA HIS E 175 -14.85 11.83 36.09
C HIS E 175 -14.57 13.30 36.38
N SER E 176 -13.29 13.64 36.55
CA SER E 176 -12.94 15.03 36.84
C SER E 176 -13.38 15.95 35.71
N ARG E 177 -13.15 15.53 34.46
CA ARG E 177 -13.55 16.35 33.32
C ARG E 177 -15.05 16.45 33.21
N LEU E 178 -15.78 15.37 33.49
CA LEU E 178 -17.24 15.45 33.49
C LEU E 178 -17.72 16.53 34.44
N GLN E 179 -17.29 16.46 35.69
CA GLN E 179 -17.74 17.44 36.68
C GLN E 179 -17.36 18.86 36.26
N GLU E 180 -16.06 19.08 36.03
CA GLU E 180 -15.59 20.43 35.75
C GLU E 180 -16.21 20.97 34.46
N GLY E 181 -16.40 20.12 33.46
CA GLY E 181 -16.94 20.59 32.20
C GLY E 181 -18.41 20.91 32.29
N ALA E 182 -19.19 20.06 32.97
CA ALA E 182 -20.59 20.41 33.22
C ALA E 182 -20.66 21.79 33.86
N LYS E 183 -19.89 22.00 34.94
CA LYS E 183 -19.94 23.28 35.63
C LYS E 183 -19.55 24.43 34.70
N VAL E 184 -18.42 24.30 34.00
CA VAL E 184 -17.88 25.44 33.26
C VAL E 184 -18.71 25.74 32.01
N TYR E 185 -19.23 24.71 31.34
CA TYR E 185 -20.05 24.97 30.17
C TYR E 185 -21.40 25.54 30.55
N ALA E 186 -21.98 25.05 31.65
CA ALA E 186 -23.21 25.68 32.15
C ALA E 186 -22.96 27.14 32.49
N GLU E 187 -21.81 27.44 33.11
CA GLU E 187 -21.52 28.82 33.46
C GLU E 187 -21.31 29.69 32.23
N GLN E 188 -20.63 29.16 31.22
CA GLN E 188 -20.38 29.94 30.01
C GLN E 188 -21.67 30.22 29.26
N PHE E 189 -22.50 29.19 29.08
CA PHE E 189 -23.76 29.38 28.38
C PHE E 189 -24.83 30.04 29.26
N GLY E 190 -24.45 30.55 30.43
CA GLY E 190 -25.39 31.27 31.27
C GLY E 190 -26.49 30.44 31.88
N ILE E 191 -26.38 29.12 31.88
CA ILE E 191 -27.41 28.24 32.39
C ILE E 191 -27.03 27.78 33.79
N ASP E 192 -28.01 27.60 34.64
CA ASP E 192 -27.78 27.11 35.98
C ASP E 192 -27.27 25.67 35.89
N PRO E 193 -26.12 25.35 36.50
CA PRO E 193 -25.58 23.99 36.38
C PRO E 193 -26.34 22.97 37.22
N GLU E 194 -27.49 23.36 37.75
CA GLU E 194 -28.31 22.46 38.56
C GLU E 194 -29.70 22.24 37.99
N ASP E 195 -30.22 23.16 37.18
CA ASP E 195 -31.58 23.04 36.66
C ASP E 195 -31.76 21.71 35.95
N VAL E 196 -32.79 20.97 36.35
CA VAL E 196 -32.95 19.57 35.96
C VAL E 196 -32.95 19.40 34.44
N ASP E 197 -33.47 20.38 33.70
CA ASP E 197 -33.58 20.23 32.25
C ASP E 197 -32.20 20.20 31.60
N TYR E 198 -31.27 21.02 32.08
CA TYR E 198 -29.92 21.01 31.54
C TYR E 198 -29.27 19.65 31.71
N GLN E 199 -29.53 18.98 32.83
CA GLN E 199 -28.92 17.68 33.07
C GLN E 199 -29.57 16.59 32.24
N ARG E 200 -30.86 16.74 31.91
CA ARG E 200 -31.51 15.75 31.06
C ARG E 200 -30.86 15.68 29.69
N GLY E 201 -30.21 16.76 29.27
CA GLY E 201 -29.48 16.75 28.03
C GLY E 201 -28.02 16.39 28.23
N PHE E 202 -27.40 16.96 29.27
CA PHE E 202 -26.00 16.68 29.53
C PHE E 202 -25.77 15.24 29.96
N ASN E 203 -26.76 14.61 30.61
CA ASN E 203 -26.67 13.22 31.02
C ASN E 203 -27.51 12.31 30.12
N GLY E 204 -27.92 12.81 28.96
CA GLY E 204 -28.89 12.14 28.11
C GLY E 204 -28.63 10.67 27.87
N ASP E 205 -27.52 10.36 27.21
CA ASP E 205 -27.13 8.98 26.93
C ASP E 205 -25.74 8.81 27.54
N ILE E 206 -25.70 8.45 28.81
CA ILE E 206 -24.44 8.40 29.55
C ILE E 206 -23.81 7.02 29.53
N THR E 207 -24.60 5.96 29.72
CA THR E 207 -24.02 4.62 29.76
C THR E 207 -23.44 4.23 28.42
N GLU E 208 -24.09 4.61 27.32
CA GLU E 208 -23.58 4.26 26.00
C GLU E 208 -22.30 5.01 25.69
N ARG E 209 -22.20 6.28 26.09
CA ARG E 209 -20.96 7.02 25.88
C ARG E 209 -19.84 6.46 26.73
N ASN E 210 -20.15 6.03 27.96
CA ASN E 210 -19.13 5.37 28.77
C ASN E 210 -18.71 4.05 28.13
N ILE E 211 -19.64 3.32 27.53
CA ILE E 211 -19.32 2.10 26.81
C ILE E 211 -18.36 2.39 25.67
N SER E 212 -18.65 3.45 24.90
CA SER E 212 -17.80 3.81 23.77
C SER E 212 -16.38 4.14 24.24
N LEU E 213 -16.27 4.97 25.29
CA LEU E 213 -14.94 5.34 25.78
C LEU E 213 -14.19 4.13 26.32
N TYR E 214 -14.88 3.28 27.09
CA TYR E 214 -14.21 2.09 27.61
C TYR E 214 -13.74 1.19 26.48
N GLY E 215 -14.53 1.07 25.42
CA GLY E 215 -14.11 0.25 24.29
C GLY E 215 -12.89 0.79 23.59
N ALA E 216 -12.90 2.09 23.28
CA ALA E 216 -11.75 2.67 22.60
C ALA E 216 -10.50 2.59 23.46
N HIS E 217 -10.61 2.95 24.73
CA HIS E 217 -9.44 2.92 25.60
C HIS E 217 -8.96 1.51 25.83
N ASP E 218 -9.85 0.53 25.85
CA ASP E 218 -9.43 -0.86 26.02
C ASP E 218 -8.74 -1.36 24.76
N ASN E 219 -9.19 -0.93 23.58
CA ASN E 219 -8.47 -1.24 22.35
C ASN E 219 -7.05 -0.71 22.42
N PHE E 220 -6.89 0.56 22.81
CA PHE E 220 -5.56 1.14 22.91
C PHE E 220 -4.71 0.43 23.97
N LEU E 221 -5.34 0.06 25.08
CA LEU E 221 -4.59 -0.61 26.15
C LEU E 221 -4.11 -1.98 25.72
N SER E 222 -4.96 -2.71 24.99
CA SER E 222 -4.51 -3.99 24.43
C SER E 222 -3.36 -3.79 23.45
N GLN E 223 -3.44 -2.76 22.62
CA GLN E 223 -2.37 -2.51 21.68
C GLN E 223 -1.05 -2.22 22.41
N GLN E 224 -1.10 -1.39 23.45
CA GLN E 224 0.15 -1.06 24.13
C GLN E 224 0.65 -2.24 24.96
N ALA E 225 -0.25 -3.09 25.45
CA ALA E 225 0.18 -4.28 26.15
C ALA E 225 0.86 -5.26 25.19
N GLN E 226 0.35 -5.37 23.97
CA GLN E 226 1.01 -6.16 22.94
C GLN E 226 2.40 -5.62 22.67
N LYS E 227 2.51 -4.33 22.38
CA LYS E 227 3.80 -3.72 22.11
C LYS E 227 4.74 -3.86 23.31
N GLY E 228 4.18 -3.81 24.52
CA GLY E 228 5.02 -3.91 25.71
C GLY E 228 5.51 -5.31 25.94
N ALA E 229 4.69 -6.31 25.64
CA ALA E 229 5.17 -7.69 25.69
C ALA E 229 6.29 -7.91 24.67
N ILE E 230 6.11 -7.38 23.46
CA ILE E 230 7.15 -7.51 22.44
C ILE E 230 8.44 -6.86 22.91
N MET E 231 8.35 -5.63 23.45
CA MET E 231 9.55 -4.92 23.86
C MET E 231 10.16 -5.47 25.14
N ASN E 232 9.34 -6.11 25.99
CA ASN E 232 9.82 -6.66 27.24
C ASN E 232 10.52 -7.99 27.03
N SER E 233 9.96 -8.84 26.18
CA SER E 233 10.63 -10.12 25.99
C SER E 233 11.88 -10.01 25.17
N ARG E 234 12.34 -8.79 24.88
CA ARG E 234 13.65 -8.59 24.29
C ARG E 234 14.70 -8.26 25.35
N VAL E 235 14.32 -7.50 26.38
CA VAL E 235 15.25 -7.24 27.47
C VAL E 235 15.53 -8.52 28.25
N GLU E 236 14.51 -9.32 28.51
CA GLU E 236 14.71 -10.58 29.22
C GLU E 236 15.66 -11.50 28.45
N LEU E 237 15.60 -11.47 27.12
CA LEU E 237 16.55 -12.26 26.33
C LEU E 237 17.93 -11.61 26.32
N ASN E 238 17.98 -10.28 26.22
CA ASN E 238 19.26 -9.58 26.21
C ASN E 238 19.98 -9.61 27.55
N GLY E 239 19.44 -10.33 28.53
CA GLY E 239 20.18 -10.55 29.75
C GLY E 239 21.18 -11.69 29.64
N VAL E 240 20.90 -12.68 28.80
CA VAL E 240 21.79 -13.82 28.63
C VAL E 240 22.08 -14.06 27.16
N LEU E 241 21.79 -13.06 26.31
CA LEU E 241 22.11 -13.15 24.90
C LEU E 241 22.87 -11.93 24.37
N GLN E 242 23.18 -10.96 25.24
CA GLN E 242 23.96 -9.81 24.82
C GLN E 242 25.46 -10.05 24.93
N ASP E 243 25.87 -10.85 25.90
CA ASP E 243 27.29 -11.17 26.05
C ASP E 243 27.77 -11.99 24.86
N PRO E 244 28.71 -11.47 24.07
CA PRO E 244 29.21 -12.26 22.92
C PRO E 244 29.91 -13.54 23.33
N ASP E 245 30.18 -13.75 24.61
CA ASP E 245 30.81 -14.99 25.07
C ASP E 245 29.79 -15.99 25.59
N MET E 246 28.77 -15.51 26.32
CA MET E 246 27.72 -16.39 26.79
C MET E 246 26.87 -16.93 25.64
N LEU E 247 26.80 -16.21 24.53
CA LEU E 247 25.93 -16.61 23.43
C LEU E 247 26.40 -17.93 22.81
N ARG E 248 27.66 -18.02 22.44
CA ARG E 248 28.12 -19.21 21.71
C ARG E 248 28.25 -20.44 22.57
N ARG E 249 27.88 -20.43 23.85
CA ARG E 249 27.88 -21.66 24.62
C ARG E 249 26.78 -22.59 24.11
N PRO E 250 26.98 -23.91 24.20
CA PRO E 250 26.00 -24.85 23.64
C PRO E 250 24.69 -24.92 24.40
N ASP E 251 24.49 -24.12 25.44
CA ASP E 251 23.24 -24.15 26.19
C ASP E 251 22.33 -22.97 25.88
N SER E 252 22.82 -21.95 25.17
CA SER E 252 21.98 -20.80 24.87
C SER E 252 20.78 -21.19 24.04
N ALA E 253 20.97 -22.08 23.06
CA ALA E 253 19.84 -22.57 22.28
C ALA E 253 18.84 -23.29 23.18
N ASP E 254 19.33 -24.06 24.15
CA ASP E 254 18.43 -24.73 25.08
C ASP E 254 17.63 -23.72 25.90
N PHE E 255 18.29 -22.67 26.37
CA PHE E 255 17.57 -21.65 27.14
C PHE E 255 16.52 -20.96 26.29
N PHE E 256 16.85 -20.66 25.03
CA PHE E 256 15.90 -19.98 24.17
C PHE E 256 14.69 -20.86 23.89
N GLU E 257 14.91 -22.14 23.59
CA GLU E 257 13.80 -23.04 23.34
C GLU E 257 12.94 -23.20 24.59
N LYS E 258 13.58 -23.37 25.76
CA LYS E 258 12.82 -23.49 26.99
C LYS E 258 12.01 -22.24 27.27
N TYR E 259 12.58 -21.07 26.96
CA TYR E 259 11.87 -19.83 27.21
C TYR E 259 10.63 -19.71 26.33
N ILE E 260 10.78 -19.98 25.03
CA ILE E 260 9.61 -19.92 24.16
C ILE E 260 8.58 -20.94 24.58
N ASP E 261 9.00 -22.16 24.91
CA ASP E 261 8.05 -23.19 25.30
C ASP E 261 7.29 -22.79 26.56
N ASN E 262 8.00 -22.35 27.59
CA ASN E 262 7.33 -21.94 28.83
C ASN E 262 6.40 -20.76 28.59
N GLY E 263 6.93 -19.66 28.04
CA GLY E 263 6.11 -18.49 27.79
C GLY E 263 4.96 -18.73 26.84
N LEU E 264 5.00 -19.83 26.09
CA LEU E 264 3.88 -20.19 25.24
C LEU E 264 2.88 -21.11 25.95
N VAL E 265 3.33 -21.86 26.95
CA VAL E 265 2.44 -22.74 27.69
C VAL E 265 1.87 -22.04 28.91
N THR E 266 2.71 -21.37 29.71
CA THR E 266 2.24 -20.70 30.91
C THR E 266 1.37 -19.49 30.58
N GLY E 267 1.88 -18.58 29.75
CA GLY E 267 1.12 -17.40 29.39
C GLY E 267 1.96 -16.15 29.32
N ALA E 268 3.27 -16.26 29.59
CA ALA E 268 4.14 -15.09 29.50
C ALA E 268 4.15 -14.52 28.08
N ILE E 269 4.08 -15.38 27.08
CA ILE E 269 3.95 -14.95 25.68
C ILE E 269 2.59 -15.41 25.19
N PRO E 270 1.53 -14.64 25.43
CA PRO E 270 0.16 -15.17 25.22
C PRO E 270 -0.18 -15.46 23.76
N SER E 271 0.02 -14.48 22.89
CA SER E 271 -0.49 -14.55 21.52
C SER E 271 0.38 -15.49 20.71
N ASP E 272 -0.19 -16.64 20.32
CA ASP E 272 0.53 -17.53 19.42
C ASP E 272 0.89 -16.82 18.12
N ALA E 273 0.07 -15.87 17.70
CA ALA E 273 0.38 -15.11 16.49
C ALA E 273 1.57 -14.17 16.71
N GLN E 274 1.75 -13.67 17.93
CA GLN E 274 2.85 -12.76 18.20
C GLN E 274 4.15 -13.50 18.49
N ALA E 275 4.09 -14.80 18.77
CA ALA E 275 5.31 -15.57 18.98
C ALA E 275 6.19 -15.53 17.74
N THR E 276 5.58 -15.37 16.56
CA THR E 276 6.37 -15.20 15.35
C THR E 276 7.17 -13.91 15.39
N GLN E 277 6.53 -12.80 15.79
CA GLN E 277 7.26 -11.54 15.90
C GLN E 277 8.37 -11.63 16.94
N LEU E 278 8.07 -12.24 18.08
CA LEU E 278 9.09 -12.39 19.12
C LEU E 278 10.27 -13.21 18.62
N ILE E 279 9.99 -14.32 17.93
CA ILE E 279 11.06 -15.18 17.43
C ILE E 279 11.89 -14.43 16.40
N SER E 280 11.24 -13.76 15.45
CA SER E 280 11.98 -13.05 14.41
C SER E 280 12.81 -11.92 15.01
N GLN E 281 12.28 -11.24 16.03
CA GLN E 281 13.02 -10.14 16.63
C GLN E 281 14.23 -10.65 17.39
N ALA E 282 14.06 -11.71 18.18
CA ALA E 282 15.19 -12.29 18.89
C ALA E 282 16.25 -12.80 17.92
N PHE E 283 15.81 -13.36 16.79
CA PHE E 283 16.78 -13.82 15.79
C PHE E 283 17.54 -12.65 15.19
N SER E 284 16.83 -11.68 14.62
CA SER E 284 17.48 -10.51 14.05
C SER E 284 18.41 -9.84 15.04
N ASP E 285 18.08 -9.87 16.34
CA ASP E 285 19.03 -9.42 17.35
C ASP E 285 20.27 -10.31 17.36
N ALA E 286 20.09 -11.60 17.63
CA ALA E 286 21.22 -12.52 17.64
C ALA E 286 21.86 -12.66 16.27
N SER E 287 21.18 -12.23 15.21
CA SER E 287 21.77 -12.26 13.88
C SER E 287 22.93 -11.29 13.77
N SER E 288 22.66 -10.01 13.96
CA SER E 288 23.68 -8.97 13.79
C SER E 288 24.42 -8.68 15.09
N ARG E 289 24.95 -9.73 15.72
CA ARG E 289 25.76 -9.58 16.91
C ARG E 289 26.80 -10.68 16.94
N ALA E 290 27.90 -10.42 17.64
CA ALA E 290 29.05 -11.32 17.62
C ALA E 290 28.64 -12.73 18.04
N GLY E 291 29.28 -13.72 17.41
CA GLY E 291 29.06 -15.11 17.76
C GLY E 291 27.69 -15.65 17.42
N GLY E 292 26.81 -14.80 16.90
CA GLY E 292 25.45 -15.20 16.61
C GLY E 292 25.34 -16.39 15.69
N ALA E 293 26.33 -16.61 14.84
CA ALA E 293 26.27 -17.74 13.91
C ALA E 293 26.15 -19.06 14.64
N ASP E 294 26.93 -19.25 15.71
CA ASP E 294 26.85 -20.48 16.49
C ASP E 294 25.47 -20.66 17.09
N PHE E 295 24.93 -19.59 17.70
CA PHE E 295 23.64 -19.68 18.34
C PHE E 295 22.55 -20.04 17.33
N LEU E 296 22.58 -19.43 16.16
CA LEU E 296 21.57 -19.75 15.15
C LEU E 296 21.71 -21.18 14.65
N MET E 297 22.93 -21.58 14.27
CA MET E 297 23.14 -22.92 13.76
C MET E 297 22.82 -23.99 14.81
N ARG E 298 22.87 -23.65 16.09
CA ARG E 298 22.50 -24.61 17.12
C ARG E 298 21.01 -24.61 17.40
N VAL E 299 20.36 -23.45 17.35
CA VAL E 299 18.93 -23.39 17.63
C VAL E 299 18.11 -23.87 16.45
N GLY E 300 18.70 -23.95 15.27
CA GLY E 300 17.96 -24.33 14.09
C GLY E 300 17.50 -25.79 14.02
N ASP E 301 17.58 -26.51 15.14
CA ASP E 301 17.17 -27.91 15.15
C ASP E 301 16.37 -28.27 16.39
N LYS E 302 15.85 -27.30 17.11
CA LYS E 302 15.02 -27.57 18.27
C LYS E 302 13.56 -27.72 17.83
N LYS E 303 12.64 -27.77 18.78
CA LYS E 303 11.23 -27.97 18.50
C LYS E 303 10.43 -26.82 19.10
N VAL E 304 9.59 -26.21 18.27
CA VAL E 304 8.70 -25.14 18.71
C VAL E 304 7.33 -25.38 18.10
N THR E 305 6.30 -25.24 18.92
CA THR E 305 4.92 -25.42 18.48
C THR E 305 4.32 -24.05 18.18
N LEU E 306 3.66 -23.93 17.03
CA LEU E 306 3.02 -22.67 16.65
C LEU E 306 1.87 -22.98 15.71
N ASN E 307 0.67 -22.54 16.09
CA ASN E 307 -0.53 -22.73 15.28
C ASN E 307 -0.80 -24.21 15.01
N GLY E 308 -1.01 -24.95 16.10
CA GLY E 308 -1.44 -26.32 15.98
C GLY E 308 -0.36 -27.28 15.53
N ALA E 309 0.23 -27.02 14.36
CA ALA E 309 1.27 -27.88 13.85
C ALA E 309 2.59 -27.63 14.57
N THR E 310 3.39 -28.68 14.67
CA THR E 310 4.68 -28.63 15.36
C THR E 310 5.79 -28.82 14.35
N THR E 311 6.76 -27.92 14.34
CA THR E 311 7.86 -27.98 13.39
C THR E 311 9.19 -27.65 14.05
N THR E 312 10.23 -27.51 13.24
CA THR E 312 11.54 -27.11 13.71
C THR E 312 11.80 -25.68 13.27
N TYR E 313 12.56 -24.95 14.09
CA TYR E 313 12.79 -23.52 13.84
C TYR E 313 13.29 -23.27 12.43
N ARG E 314 14.24 -24.08 11.96
CA ARG E 314 14.72 -23.93 10.59
C ARG E 314 13.61 -24.09 9.57
N GLU E 315 12.53 -24.77 9.93
CA GLU E 315 11.41 -24.96 9.02
C GLU E 315 10.26 -23.99 9.28
N LEU E 316 10.25 -23.32 10.43
CA LEU E 316 9.23 -22.30 10.68
C LEU E 316 9.35 -21.16 9.69
N ILE E 317 10.47 -20.45 9.72
CA ILE E 317 10.77 -19.48 8.69
C ILE E 317 11.33 -20.22 7.48
N GLY E 318 11.03 -19.69 6.30
CA GLY E 318 11.34 -20.41 5.07
C GLY E 318 12.81 -20.69 4.92
N GLU E 319 13.11 -21.74 4.13
CA GLU E 319 14.49 -22.17 3.97
C GLU E 319 15.34 -21.08 3.33
N GLU E 320 14.80 -20.37 2.33
CA GLU E 320 15.55 -19.28 1.75
C GLU E 320 15.70 -18.13 2.75
N GLN E 321 14.66 -17.88 3.54
CA GLN E 321 14.78 -16.91 4.62
C GLN E 321 15.84 -17.36 5.62
N TRP E 322 15.92 -18.67 5.90
CA TRP E 322 16.93 -19.15 6.81
C TRP E 322 18.33 -18.95 6.25
N ASN E 323 18.50 -19.19 4.95
CA ASN E 323 19.82 -19.00 4.35
C ASN E 323 20.22 -17.52 4.38
N ALA E 324 19.28 -16.63 4.08
CA ALA E 324 19.58 -15.20 4.15
C ALA E 324 19.92 -14.78 5.58
N LEU E 325 19.15 -15.26 6.55
CA LEU E 325 19.43 -14.94 7.95
C LEU E 325 20.79 -15.44 8.39
N MET E 326 21.16 -16.65 7.95
CA MET E 326 22.46 -17.19 8.31
C MET E 326 23.59 -16.39 7.66
N VAL E 327 23.41 -15.99 6.40
CA VAL E 327 24.43 -15.17 5.74
C VAL E 327 24.60 -13.86 6.48
N THR E 328 23.49 -13.24 6.90
CA THR E 328 23.58 -12.00 7.66
C THR E 328 24.26 -12.23 9.01
N ALA E 329 23.93 -13.34 9.67
CA ALA E 329 24.51 -13.61 10.98
C ALA E 329 26.00 -13.92 10.88
N GLN E 330 26.45 -14.39 9.73
CA GLN E 330 27.87 -14.65 9.56
C GLN E 330 28.63 -13.44 9.04
N ARG E 331 27.94 -12.49 8.39
CA ARG E 331 28.58 -11.24 8.03
C ARG E 331 28.56 -10.23 9.17
N SER E 332 27.74 -10.49 10.19
CA SER E 332 27.62 -9.59 11.32
C SER E 332 28.98 -9.28 11.94
N GLN E 333 29.65 -10.32 12.45
CA GLN E 333 30.96 -10.17 13.14
C GLN E 333 31.95 -9.37 12.30
N PHE E 334 31.80 -9.39 10.97
CA PHE E 334 32.73 -8.69 10.11
C PHE E 334 32.20 -7.33 9.68
N GLU E 335 30.97 -7.00 10.07
CA GLU E 335 30.42 -5.66 9.86
C GLU E 335 30.09 -4.96 11.17
N THR E 336 30.59 -5.45 12.30
CA THR E 336 30.35 -4.83 13.59
C THR E 336 31.63 -4.55 14.38
N ASP E 337 32.61 -5.43 14.30
CA ASP E 337 33.89 -5.25 14.98
C ASP E 337 34.96 -5.03 13.92
N ALA E 338 35.17 -3.76 13.56
CA ALA E 338 36.08 -3.42 12.47
C ALA E 338 37.48 -3.98 12.70
N LYS E 339 37.89 -4.13 13.95
CA LYS E 339 39.24 -4.61 14.23
C LYS E 339 39.47 -5.99 13.64
N LEU E 340 38.45 -6.86 13.72
CA LEU E 340 38.59 -8.21 13.19
C LEU E 340 38.71 -8.19 11.67
N ASN E 341 37.96 -7.28 11.02
CA ASN E 341 38.10 -7.11 9.57
C ASN E 341 39.53 -6.74 9.21
N GLU E 342 40.11 -5.76 9.91
CA GLU E 342 41.50 -5.39 9.68
C GLU E 342 42.42 -6.57 9.88
N GLN E 343 42.22 -7.32 10.96
CA GLN E 343 43.12 -8.44 11.27
C GLN E 343 43.11 -9.47 10.14
N TYR E 344 41.92 -9.90 9.71
CA TYR E 344 41.87 -10.93 8.69
C TYR E 344 42.33 -10.41 7.33
N ARG E 345 42.02 -9.16 6.99
CA ARG E 345 42.48 -8.67 5.69
C ARG E 345 43.99 -8.53 5.67
N LEU E 346 44.58 -8.00 6.73
CA LEU E 346 46.03 -7.86 6.79
C LEU E 346 46.71 -9.23 6.79
N LYS E 347 46.12 -10.21 7.46
CA LYS E 347 46.76 -11.53 7.49
C LYS E 347 46.62 -12.23 6.14
N ILE E 348 45.50 -12.05 5.45
CA ILE E 348 45.36 -12.57 4.10
C ILE E 348 46.40 -11.95 3.19
N ASN E 349 46.60 -10.64 3.31
CA ASN E 349 47.60 -9.97 2.48
C ASN E 349 49.00 -10.47 2.78
N SER E 350 49.34 -10.61 4.06
CA SER E 350 50.67 -11.10 4.44
C SER E 350 50.90 -12.51 3.92
N ALA E 351 49.88 -13.37 4.01
CA ALA E 351 50.00 -14.72 3.48
C ALA E 351 50.21 -14.69 1.97
N LEU E 352 49.41 -13.90 1.26
CA LEU E 352 49.47 -13.85 -0.18
C LEU E 352 50.80 -13.30 -0.68
N ASN E 353 51.54 -12.56 0.14
CA ASN E 353 52.72 -11.84 -0.31
C ASN E 353 54.03 -12.48 0.14
N GLN E 354 53.99 -13.73 0.56
CA GLN E 354 55.23 -14.42 0.88
C GLN E 354 56.01 -14.73 -0.40
N GLU E 355 57.30 -15.00 -0.24
CA GLU E 355 58.15 -15.22 -1.40
C GLU E 355 57.98 -16.63 -1.97
N ASP E 356 57.81 -17.63 -1.09
CA ASP E 356 57.62 -19.00 -1.54
C ASP E 356 56.17 -19.40 -1.39
N PRO E 357 55.41 -19.56 -2.47
CA PRO E 357 53.98 -19.84 -2.35
C PRO E 357 53.65 -21.08 -1.55
N ARG E 358 54.57 -22.06 -1.46
CA ARG E 358 54.28 -23.28 -0.73
C ARG E 358 53.94 -22.99 0.73
N THR E 359 54.62 -22.01 1.35
CA THR E 359 54.24 -21.60 2.69
C THR E 359 52.99 -20.75 2.68
N ALA E 360 52.72 -20.05 1.57
CA ALA E 360 51.49 -19.27 1.48
C ALA E 360 50.26 -20.17 1.47
N TRP E 361 50.36 -21.36 0.88
CA TRP E 361 49.27 -22.33 0.96
C TRP E 361 48.98 -22.70 2.41
N GLU E 362 50.03 -22.99 3.19
CA GLU E 362 49.82 -23.33 4.58
C GLU E 362 49.23 -22.17 5.36
N MET E 363 49.69 -20.95 5.07
CA MET E 363 49.16 -19.79 5.78
C MET E 363 47.69 -19.58 5.46
N LEU E 364 47.31 -19.69 4.18
CA LEU E 364 45.90 -19.54 3.83
C LEU E 364 45.06 -20.65 4.43
N GLN E 365 45.60 -21.87 4.47
CA GLN E 365 44.85 -22.97 5.09
C GLN E 365 44.64 -22.73 6.57
N GLY E 366 45.67 -22.24 7.26
CA GLY E 366 45.49 -21.87 8.66
C GLY E 366 44.47 -20.77 8.85
N ILE E 367 44.47 -19.78 7.94
CA ILE E 367 43.49 -18.71 8.03
C ILE E 367 42.08 -19.27 7.89
N LYS E 368 41.87 -20.15 6.91
CA LYS E 368 40.54 -20.72 6.73
C LYS E 368 40.14 -21.59 7.91
N ALA E 369 41.10 -22.34 8.47
CA ALA E 369 40.78 -23.17 9.63
C ALA E 369 40.39 -22.31 10.82
N GLU E 370 41.04 -21.17 11.01
CA GLU E 370 40.67 -20.27 12.09
C GLU E 370 39.34 -19.58 11.81
N LEU E 371 39.06 -19.30 10.53
CA LEU E 371 37.84 -18.60 10.17
C LEU E 371 36.61 -19.49 10.27
N ASP E 372 36.77 -20.81 10.16
CA ASP E 372 35.63 -21.70 10.32
C ASP E 372 35.08 -21.68 11.75
N LYS E 373 35.88 -21.23 12.71
CA LYS E 373 35.43 -21.17 14.09
C LYS E 373 34.67 -19.89 14.40
N VAL E 374 34.61 -18.94 13.47
CA VAL E 374 33.78 -17.76 13.61
C VAL E 374 32.74 -17.65 12.52
N GLN E 375 32.46 -18.75 11.82
CA GLN E 375 31.44 -18.82 10.79
C GLN E 375 31.10 -20.28 10.55
N PRO E 376 30.48 -20.96 11.53
CA PRO E 376 30.37 -22.42 11.44
C PRO E 376 29.57 -22.92 10.25
N ASP E 377 28.38 -22.39 10.02
CA ASP E 377 27.54 -22.90 8.95
C ASP E 377 28.19 -22.63 7.60
N GLU E 378 27.86 -23.48 6.63
CA GLU E 378 28.60 -23.56 5.38
C GLU E 378 28.10 -22.58 4.31
N GLN E 379 27.29 -21.59 4.70
CA GLN E 379 26.79 -20.64 3.72
C GLN E 379 27.92 -19.79 3.15
N MET E 380 27.68 -19.22 1.98
CA MET E 380 28.65 -18.37 1.31
C MET E 380 28.53 -16.95 1.82
N THR E 381 29.62 -16.41 2.33
CA THR E 381 29.70 -15.06 2.84
C THR E 381 30.73 -14.26 2.06
N PRO E 382 30.73 -12.93 2.16
CA PRO E 382 31.76 -12.14 1.50
C PRO E 382 33.18 -12.42 1.97
N GLN E 383 33.38 -13.31 2.94
CA GLN E 383 34.70 -13.63 3.44
C GLN E 383 35.28 -14.88 2.83
N ARG E 384 34.46 -15.93 2.68
CA ARG E 384 34.89 -17.07 1.88
C ARG E 384 35.30 -16.61 0.49
N GLU E 385 34.71 -15.52 -0.02
CA GLU E 385 35.15 -14.98 -1.29
C GLU E 385 36.53 -14.35 -1.19
N TRP E 386 36.84 -13.72 -0.04
CA TRP E 386 38.21 -13.26 0.19
C TRP E 386 39.18 -14.42 0.11
N LEU E 387 38.87 -15.51 0.81
CA LEU E 387 39.75 -16.68 0.76
C LEU E 387 39.83 -17.26 -0.64
N ILE E 388 38.73 -17.18 -1.41
CA ILE E 388 38.74 -17.67 -2.78
C ILE E 388 39.72 -16.86 -3.63
N SER E 389 39.63 -15.53 -3.54
CA SER E 389 40.54 -14.68 -4.30
C SER E 389 41.98 -14.89 -3.86
N ALA E 390 42.20 -15.07 -2.55
CA ALA E 390 43.55 -15.30 -2.06
C ALA E 390 44.12 -16.60 -2.60
N GLN E 391 43.31 -17.67 -2.62
CA GLN E 391 43.79 -18.94 -3.14
C GLN E 391 44.00 -18.88 -4.64
N GLU E 392 43.13 -18.16 -5.35
CA GLU E 392 43.30 -17.92 -6.78
C GLU E 392 44.67 -17.29 -7.05
N GLN E 393 44.96 -16.19 -6.35
CA GLN E 393 46.19 -15.47 -6.62
C GLN E 393 47.42 -16.24 -6.17
N VAL E 394 47.32 -16.99 -5.06
CA VAL E 394 48.48 -17.75 -4.63
C VAL E 394 48.73 -18.92 -5.57
N GLN E 395 47.67 -19.47 -6.18
CA GLN E 395 47.88 -20.53 -7.16
C GLN E 395 48.51 -19.98 -8.43
N ASN E 396 48.07 -18.80 -8.89
CA ASN E 396 48.73 -18.17 -10.02
C ASN E 396 50.21 -17.90 -9.71
N GLN E 397 50.49 -17.41 -8.50
CA GLN E 397 51.88 -17.13 -8.13
C GLN E 397 52.70 -18.41 -8.07
N MET E 398 52.13 -19.49 -7.54
CA MET E 398 52.85 -20.76 -7.49
C MET E 398 53.13 -21.28 -8.90
N ASN E 399 52.16 -21.14 -9.80
CA ASN E 399 52.38 -21.55 -11.19
C ASN E 399 53.52 -20.75 -11.81
N ALA E 400 53.50 -19.43 -11.62
CA ALA E 400 54.55 -18.59 -12.18
C ALA E 400 55.92 -18.93 -11.60
N TRP E 401 55.97 -19.21 -10.29
CA TRP E 401 57.24 -19.49 -9.64
C TRP E 401 57.78 -20.86 -10.05
N THR E 402 56.89 -21.83 -10.26
CA THR E 402 57.33 -23.13 -10.76
C THR E 402 57.81 -23.03 -12.20
N LYS E 403 57.13 -22.21 -13.01
CA LYS E 403 57.56 -22.03 -14.39
C LYS E 403 58.91 -21.31 -14.46
N ALA E 404 59.14 -20.36 -13.56
CA ALA E 404 60.43 -19.66 -13.52
C ALA E 404 61.49 -20.42 -12.73
N GLN E 405 61.12 -21.53 -12.08
CA GLN E 405 62.12 -22.38 -11.43
C GLN E 405 62.97 -23.14 -12.45
N ALA E 406 62.44 -23.36 -13.66
CA ALA E 406 63.22 -24.06 -14.68
C ALA E 406 64.47 -23.29 -15.07
N LYS E 407 64.45 -21.97 -14.92
CA LYS E 407 65.65 -21.17 -15.21
C LYS E 407 66.75 -21.40 -14.19
N ALA E 408 66.44 -22.05 -13.06
CA ALA E 408 67.48 -22.41 -12.10
C ALA E 408 68.23 -23.66 -12.50
N LEU E 409 67.83 -24.31 -13.59
CA LEU E 409 68.49 -25.52 -14.06
C LEU E 409 69.65 -25.20 -14.98
N LYS F 94 -58.71 14.53 7.70
CA LYS F 94 -58.02 14.37 6.42
C LYS F 94 -56.73 15.18 6.40
N GLU F 95 -56.30 15.64 7.58
CA GLU F 95 -55.07 16.43 7.66
C GLU F 95 -53.86 15.62 7.23
N GLN F 96 -53.94 14.29 7.31
CA GLN F 96 -52.82 13.46 6.89
C GLN F 96 -52.66 13.45 5.38
N ARG F 97 -53.73 13.75 4.65
CA ARG F 97 -53.68 13.71 3.19
C ARG F 97 -53.36 15.08 2.59
N ALA F 98 -53.97 16.14 3.13
CA ALA F 98 -53.73 17.47 2.58
C ALA F 98 -52.26 17.85 2.66
N ARG F 99 -51.62 17.55 3.81
CA ARG F 99 -50.19 17.78 3.92
C ARG F 99 -49.40 16.80 3.05
N ASP F 100 -49.91 15.59 2.86
CA ASP F 100 -49.24 14.64 1.98
C ASP F 100 -49.19 15.15 0.55
N LEU F 101 -50.28 15.74 0.07
CA LEU F 101 -50.27 16.35 -1.26
C LEU F 101 -49.39 17.58 -1.29
N ALA F 102 -49.27 18.28 -0.15
CA ALA F 102 -48.41 19.45 -0.09
C ALA F 102 -46.95 19.08 -0.35
N ASP F 103 -46.51 17.93 0.16
CA ASP F 103 -45.14 17.51 -0.08
C ASP F 103 -44.90 17.25 -1.57
N GLU F 104 -45.86 16.61 -2.24
CA GLU F 104 -45.72 16.37 -3.67
C GLU F 104 -45.67 17.67 -4.45
N ARG F 105 -46.56 18.61 -4.11
CA ARG F 105 -46.55 19.90 -4.80
C ARG F 105 -45.24 20.65 -4.57
N SER F 106 -44.73 20.59 -3.34
CA SER F 106 -43.45 21.22 -3.05
C SER F 106 -42.33 20.61 -3.88
N ASN F 107 -42.31 19.27 -3.97
CA ASN F 107 -41.27 18.62 -4.76
C ASN F 107 -41.37 19.01 -6.23
N GLU F 108 -42.60 19.10 -6.75
CA GLU F 108 -42.75 19.53 -8.14
C GLU F 108 -42.27 20.95 -8.34
N ILE F 109 -42.58 21.84 -7.39
CA ILE F 109 -42.12 23.23 -7.48
C ILE F 109 -40.59 23.28 -7.49
N ILE F 110 -39.95 22.57 -6.56
CA ILE F 110 -38.51 22.66 -6.42
C ILE F 110 -37.77 21.90 -7.52
N ARG F 111 -38.44 21.00 -8.24
CA ARG F 111 -37.76 20.37 -9.37
C ARG F 111 -37.95 21.19 -10.65
N LYS F 112 -39.17 21.60 -10.94
CA LYS F 112 -39.48 22.25 -12.21
C LYS F 112 -38.91 23.66 -12.34
N LEU F 113 -38.20 24.24 -11.36
CA LEU F 113 -37.71 25.60 -11.48
C LEU F 113 -36.30 25.69 -10.93
N THR F 114 -35.58 26.74 -11.36
CA THR F 114 -34.24 27.08 -10.95
C THR F 114 -34.28 28.04 -9.76
N PRO F 115 -33.17 28.24 -9.05
CA PRO F 115 -33.16 29.24 -7.98
C PRO F 115 -33.39 30.66 -8.46
N GLU F 116 -33.41 30.90 -9.77
CA GLU F 116 -33.63 32.23 -10.30
C GLU F 116 -35.09 32.43 -10.74
N GLN F 117 -35.59 31.54 -11.59
CA GLN F 117 -36.96 31.68 -12.08
C GLN F 117 -37.96 31.74 -10.95
N ARG F 118 -37.70 31.04 -9.85
CA ARG F 118 -38.66 31.05 -8.74
C ARG F 118 -38.78 32.43 -8.13
N ARG F 119 -37.67 33.15 -7.98
CA ARG F 119 -37.74 34.50 -7.46
C ARG F 119 -38.47 35.42 -8.43
N GLU F 120 -38.19 35.29 -9.72
CA GLU F 120 -38.87 36.12 -10.71
C GLU F 120 -40.37 35.85 -10.73
N ALA F 121 -40.77 34.61 -10.45
CA ALA F 121 -42.18 34.23 -10.50
C ALA F 121 -42.87 34.31 -9.15
N LEU F 122 -42.12 34.48 -8.05
CA LEU F 122 -42.76 34.57 -6.74
C LEU F 122 -43.45 35.92 -6.56
N ASN F 123 -42.81 36.99 -7.02
CA ASN F 123 -43.43 38.31 -6.92
C ASN F 123 -44.45 38.57 -8.03
N ASN F 124 -44.40 37.80 -9.11
CA ASN F 124 -45.42 37.89 -10.15
C ASN F 124 -46.64 37.02 -9.85
N GLY F 125 -46.64 36.29 -8.75
CA GLY F 125 -47.76 35.44 -8.40
C GLY F 125 -48.08 34.40 -9.47
N THR F 126 -47.07 33.71 -9.97
CA THR F 126 -47.25 32.77 -11.07
C THR F 126 -46.54 31.44 -10.80
N LEU F 127 -46.38 31.06 -9.54
CA LEU F 127 -45.91 29.73 -9.23
C LEU F 127 -46.96 28.69 -9.60
N LEU F 128 -46.59 27.42 -9.51
CA LEU F 128 -47.51 26.36 -9.90
C LEU F 128 -48.56 26.08 -8.84
N TYR F 129 -48.27 26.35 -7.57
CA TYR F 129 -49.23 26.10 -6.50
C TYR F 129 -49.21 27.24 -5.48
N GLN F 130 -49.18 28.48 -5.98
CA GLN F 130 -49.19 29.63 -5.09
C GLN F 130 -50.47 29.69 -4.27
N ASP F 131 -51.58 29.19 -4.82
CA ASP F 131 -52.86 29.27 -4.13
C ASP F 131 -52.85 28.45 -2.85
N ASP F 132 -52.42 27.20 -2.94
CA ASP F 132 -52.44 26.32 -1.77
C ASP F 132 -51.43 26.81 -0.74
N PRO F 133 -51.86 27.03 0.51
CA PRO F 133 -50.89 27.48 1.52
C PRO F 133 -49.96 26.39 1.99
N TYR F 134 -50.45 25.15 2.11
CA TYR F 134 -49.59 24.04 2.54
C TYR F 134 -48.48 23.78 1.53
N ALA F 135 -48.76 23.95 0.23
CA ALA F 135 -47.73 23.78 -0.78
C ALA F 135 -46.60 24.78 -0.57
N MET F 136 -46.95 26.06 -0.40
CA MET F 136 -45.93 27.08 -0.16
C MET F 136 -45.19 26.82 1.15
N GLU F 137 -45.90 26.33 2.16
CA GLU F 137 -45.26 26.04 3.45
C GLU F 137 -44.23 24.93 3.31
N ALA F 138 -44.59 23.86 2.59
CA ALA F 138 -43.64 22.78 2.37
C ALA F 138 -42.47 23.25 1.52
N LEU F 139 -42.73 24.08 0.51
CA LEU F 139 -41.65 24.60 -0.32
C LEU F 139 -40.69 25.44 0.51
N ARG F 140 -41.22 26.22 1.46
CA ARG F 140 -40.34 27.03 2.30
C ARG F 140 -39.56 26.16 3.28
N VAL F 141 -40.22 25.23 3.97
CA VAL F 141 -39.50 24.40 4.92
C VAL F 141 -38.47 23.52 4.20
N LYS F 142 -38.64 23.26 2.91
CA LYS F 142 -37.62 22.51 2.19
C LYS F 142 -36.50 23.42 1.70
N THR F 143 -36.83 24.57 1.13
CA THR F 143 -35.80 25.45 0.60
C THR F 143 -34.92 26.04 1.70
N GLY F 144 -35.21 25.74 2.97
CA GLY F 144 -34.35 26.15 4.05
C GLY F 144 -33.36 25.06 4.41
N ARG F 145 -33.85 23.81 4.48
CA ARG F 145 -32.96 22.68 4.71
C ARG F 145 -31.90 22.60 3.63
N ASN F 146 -32.16 23.17 2.46
CA ASN F 146 -31.15 23.25 1.41
C ASN F 146 -30.03 24.20 1.81
N ALA F 147 -30.39 25.44 2.11
CA ALA F 147 -29.38 26.45 2.44
C ALA F 147 -28.60 26.06 3.69
N ALA F 148 -29.27 25.43 4.65
CA ALA F 148 -28.57 24.94 5.83
C ALA F 148 -27.47 23.97 5.43
N TYR F 149 -27.78 23.03 4.54
CA TYR F 149 -26.76 22.09 4.12
C TYR F 149 -25.67 22.77 3.30
N LEU F 150 -26.01 23.79 2.51
CA LEU F 150 -24.98 24.48 1.74
C LEU F 150 -23.98 25.17 2.67
N VAL F 151 -24.47 25.92 3.65
CA VAL F 151 -23.54 26.62 4.53
C VAL F 151 -22.77 25.64 5.39
N ASP F 152 -23.43 24.56 5.84
CA ASP F 152 -22.72 23.54 6.62
C ASP F 152 -21.65 22.86 5.78
N ASP F 153 -21.93 22.60 4.51
CA ASP F 153 -20.94 21.96 3.65
C ASP F 153 -19.76 22.89 3.40
N ASP F 154 -20.03 24.18 3.21
CA ASP F 154 -18.95 25.14 3.08
C ASP F 154 -18.04 25.11 4.31
N VAL F 155 -18.63 25.20 5.50
CA VAL F 155 -17.82 25.25 6.72
C VAL F 155 -17.09 23.93 6.93
N MET F 156 -17.78 22.80 6.77
CA MET F 156 -17.15 21.51 6.95
C MET F 156 -16.03 21.28 5.94
N GLN F 157 -16.19 21.79 4.72
CA GLN F 157 -15.17 21.61 3.70
C GLN F 157 -13.95 22.45 3.99
N LYS F 158 -14.13 23.65 4.52
CA LYS F 158 -12.97 24.44 4.92
C LYS F 158 -12.38 23.92 6.23
N ILE F 159 -13.12 23.10 6.98
CA ILE F 159 -12.55 22.50 8.18
C ILE F 159 -11.72 21.26 7.85
N LYS F 160 -12.22 20.44 6.92
CA LYS F 160 -11.56 19.17 6.60
C LYS F 160 -10.08 19.38 6.29
N GLU F 161 -9.78 20.16 5.26
CA GLU F 161 -8.43 20.61 5.00
C GLU F 161 -8.19 21.86 5.84
N GLY F 162 -7.13 21.84 6.64
CA GLY F 162 -6.96 22.79 7.73
C GLY F 162 -6.91 24.25 7.36
N VAL F 163 -7.99 24.98 7.64
CA VAL F 163 -8.00 26.44 7.53
C VAL F 163 -8.30 27.11 8.85
N PHE F 164 -8.68 26.36 9.88
CA PHE F 164 -8.97 26.91 11.20
C PHE F 164 -8.03 26.29 12.21
N ARG F 165 -7.15 27.10 12.80
CA ARG F 165 -6.13 26.60 13.69
C ARG F 165 -6.66 26.41 15.11
N THR F 166 -7.14 27.49 15.73
CA THR F 166 -7.73 27.37 17.06
C THR F 166 -9.15 26.85 16.96
N ARG F 167 -9.84 26.80 18.10
CA ARG F 167 -11.25 26.41 18.10
C ARG F 167 -12.16 27.63 18.04
N GLU F 168 -11.77 28.72 18.69
CA GLU F 168 -12.62 29.91 18.69
C GLU F 168 -12.76 30.51 17.30
N GLU F 169 -11.73 30.41 16.48
CA GLU F 169 -11.81 30.96 15.13
C GLU F 169 -12.82 30.20 14.28
N MET F 170 -12.85 28.88 14.42
CA MET F 170 -13.82 28.08 13.68
C MET F 170 -15.24 28.41 14.11
N GLU F 171 -15.46 28.55 15.42
CA GLU F 171 -16.78 28.91 15.92
C GLU F 171 -17.20 30.28 15.41
N GLU F 172 -16.27 31.24 15.39
CA GLU F 172 -16.58 32.58 14.90
C GLU F 172 -16.98 32.55 13.43
N TYR F 173 -16.17 31.85 12.61
CA TYR F 173 -16.50 31.74 11.19
C TYR F 173 -17.82 31.03 11.00
N ARG F 174 -18.09 29.99 11.79
CA ARG F 174 -19.36 29.29 11.72
C ARG F 174 -20.52 30.23 11.96
N HIS F 175 -20.42 31.05 13.00
CA HIS F 175 -21.53 31.94 13.34
C HIS F 175 -21.75 32.99 12.26
N SER F 176 -20.67 33.62 11.82
CA SER F 176 -20.79 34.64 10.78
C SER F 176 -21.37 34.06 9.50
N ARG F 177 -20.89 32.87 9.10
CA ARG F 177 -21.40 32.25 7.89
C ARG F 177 -22.85 31.82 8.06
N LEU F 178 -23.23 31.32 9.23
CA LEU F 178 -24.63 30.99 9.45
C LEU F 178 -25.51 32.19 9.20
N GLN F 179 -25.22 33.30 9.87
CA GLN F 179 -26.05 34.49 9.72
C GLN F 179 -26.09 34.95 8.25
N GLU F 180 -24.90 35.21 7.68
CA GLU F 180 -24.83 35.77 6.34
C GLU F 180 -25.45 34.83 5.32
N GLY F 181 -25.26 33.52 5.50
CA GLY F 181 -25.79 32.57 4.53
C GLY F 181 -27.28 32.43 4.61
N ALA F 182 -27.83 32.36 5.82
CA ALA F 182 -29.28 32.40 5.97
C ALA F 182 -29.85 33.59 5.21
N LYS F 183 -29.30 34.78 5.48
CA LYS F 183 -29.82 35.99 4.84
C LYS F 183 -29.70 35.90 3.32
N VAL F 184 -28.52 35.54 2.81
CA VAL F 184 -28.28 35.63 1.38
C VAL F 184 -29.01 34.54 0.62
N TYR F 185 -29.12 33.33 1.17
CA TYR F 185 -29.85 32.28 0.49
C TYR F 185 -31.35 32.54 0.51
N ALA F 186 -31.88 33.06 1.63
CA ALA F 186 -33.27 33.47 1.64
C ALA F 186 -33.52 34.55 0.60
N GLU F 187 -32.59 35.50 0.46
CA GLU F 187 -32.79 36.57 -0.52
C GLU F 187 -32.72 36.04 -1.95
N GLN F 188 -31.80 35.11 -2.21
CA GLN F 188 -31.67 34.57 -3.56
C GLN F 188 -32.89 33.75 -3.94
N PHE F 189 -33.36 32.88 -3.04
CA PHE F 189 -34.53 32.08 -3.32
C PHE F 189 -35.83 32.85 -3.16
N GLY F 190 -35.77 34.17 -3.01
CA GLY F 190 -36.96 34.99 -2.94
C GLY F 190 -37.82 34.80 -1.71
N ILE F 191 -37.29 34.17 -0.67
CA ILE F 191 -38.05 33.88 0.54
C ILE F 191 -37.70 34.89 1.60
N ASP F 192 -38.67 35.26 2.42
CA ASP F 192 -38.44 36.19 3.52
C ASP F 192 -37.50 35.53 4.52
N PRO F 193 -36.39 36.16 4.89
CA PRO F 193 -35.45 35.52 5.81
C PRO F 193 -35.94 35.50 7.26
N GLU F 194 -37.20 35.85 7.47
CA GLU F 194 -37.79 35.86 8.80
C GLU F 194 -38.97 34.92 8.95
N ASP F 195 -39.66 34.57 7.86
CA ASP F 195 -40.86 33.74 7.94
C ASP F 195 -40.55 32.44 8.66
N VAL F 196 -41.34 32.13 9.69
CA VAL F 196 -41.01 31.07 10.63
C VAL F 196 -40.80 29.73 9.93
N ASP F 197 -41.52 29.47 8.84
CA ASP F 197 -41.41 28.18 8.19
C ASP F 197 -40.03 27.96 7.58
N TYR F 198 -39.45 29.02 6.99
CA TYR F 198 -38.12 28.92 6.42
C TYR F 198 -37.10 28.54 7.49
N GLN F 199 -37.26 29.07 8.70
CA GLN F 199 -36.31 28.76 9.76
C GLN F 199 -36.51 27.37 10.31
N ARG F 200 -37.74 26.84 10.28
CA ARG F 200 -37.96 25.47 10.74
C ARG F 200 -37.17 24.48 9.91
N GLY F 201 -36.85 24.83 8.67
CA GLY F 201 -36.01 23.98 7.85
C GLY F 201 -34.54 24.35 7.96
N PHE F 202 -34.24 25.65 7.94
CA PHE F 202 -32.86 26.08 8.04
C PHE F 202 -32.25 25.78 9.39
N ASN F 203 -33.07 25.75 10.44
CA ASN F 203 -32.59 25.42 11.79
C ASN F 203 -33.01 24.01 12.19
N GLY F 204 -33.43 23.19 11.23
CA GLY F 204 -34.06 21.90 11.50
C GLY F 204 -33.33 21.04 12.50
N ASP F 205 -32.12 20.61 12.17
CA ASP F 205 -31.29 19.79 13.05
C ASP F 205 -29.99 20.56 13.24
N ILE F 206 -29.98 21.44 14.23
CA ILE F 206 -28.85 22.35 14.43
C ILE F 206 -27.83 21.81 15.41
N THR F 207 -28.27 21.23 16.53
CA THR F 207 -27.32 20.75 17.52
C THR F 207 -26.50 19.59 16.98
N GLU F 208 -27.13 18.70 16.20
CA GLU F 208 -26.38 17.57 15.65
C GLU F 208 -25.37 18.01 14.61
N ARG F 209 -25.71 19.01 13.79
CA ARG F 209 -24.74 19.52 12.83
C ARG F 209 -23.59 20.23 13.53
N ASN F 210 -23.89 20.96 14.61
CA ASN F 210 -22.81 21.55 15.40
C ASN F 210 -21.94 20.47 16.02
N ILE F 211 -22.54 19.38 16.46
CA ILE F 211 -21.78 18.25 16.99
C ILE F 211 -20.84 17.69 15.92
N SER F 212 -21.35 17.52 14.71
CA SER F 212 -20.54 16.98 13.62
C SER F 212 -19.36 17.90 13.33
N LEU F 213 -19.61 19.20 13.22
CA LEU F 213 -18.53 20.13 12.93
C LEU F 213 -17.50 20.17 14.05
N TYR F 214 -17.97 20.20 15.30
CA TYR F 214 -17.03 20.20 16.41
C TYR F 214 -16.19 18.94 16.42
N GLY F 215 -16.79 17.80 16.10
CA GLY F 215 -16.03 16.56 16.06
C GLY F 215 -14.96 16.57 14.98
N ALA F 216 -15.32 16.96 13.77
CA ALA F 216 -14.35 16.98 12.68
C ALA F 216 -13.23 17.98 12.97
N HIS F 217 -13.58 19.18 13.41
CA HIS F 217 -12.56 20.18 13.68
C HIS F 217 -11.69 19.79 14.86
N ASP F 218 -12.25 19.09 15.84
CA ASP F 218 -11.44 18.63 16.96
C ASP F 218 -10.49 17.52 16.54
N ASN F 219 -10.93 16.65 15.63
CA ASN F 219 -10.03 15.67 15.06
C ASN F 219 -8.85 16.36 14.37
N PHE F 220 -9.13 17.35 13.53
CA PHE F 220 -8.05 18.05 12.86
C PHE F 220 -7.15 18.80 13.85
N LEU F 221 -7.75 19.39 14.88
CA LEU F 221 -6.95 20.12 15.86
C LEU F 221 -6.03 19.19 16.64
N SER F 222 -6.52 18.01 17.01
CA SER F 222 -5.65 17.02 17.63
C SER F 222 -4.52 16.61 16.70
N GLN F 223 -4.83 16.41 15.42
CA GLN F 223 -3.79 16.04 14.48
C GLN F 223 -2.71 17.12 14.39
N GLN F 224 -3.12 18.38 14.31
CA GLN F 224 -2.11 19.43 14.17
C GLN F 224 -1.37 19.66 15.48
N ALA F 225 -2.01 19.40 16.61
CA ALA F 225 -1.31 19.49 17.88
C ALA F 225 -0.27 18.39 18.00
N GLN F 226 -0.59 17.19 17.52
CA GLN F 226 0.39 16.11 17.46
C GLN F 226 1.58 16.51 16.60
N LYS F 227 1.31 16.95 15.36
CA LYS F 227 2.38 17.37 14.47
C LYS F 227 3.17 18.53 15.05
N GLY F 228 2.50 19.42 15.79
CA GLY F 228 3.20 20.56 16.36
C GLY F 228 4.07 20.17 17.54
N ALA F 229 3.63 19.21 18.34
CA ALA F 229 4.50 18.70 19.38
C ALA F 229 5.74 18.02 18.78
N ILE F 230 5.54 17.24 17.71
CA ILE F 230 6.67 16.60 17.05
C ILE F 230 7.64 17.64 16.51
N MET F 231 7.12 18.69 15.85
CA MET F 231 7.99 19.68 15.25
C MET F 231 8.60 20.61 16.28
N ASN F 232 7.93 20.80 17.43
CA ASN F 232 8.42 21.68 18.47
C ASN F 232 9.51 21.03 19.30
N SER F 233 9.34 19.75 19.63
CA SER F 233 10.38 19.12 20.43
C SER F 233 11.62 18.81 19.63
N ARG F 234 11.71 19.30 18.39
CA ARG F 234 12.95 19.25 17.64
C ARG F 234 13.73 20.56 17.75
N VAL F 235 13.02 21.70 17.78
CA VAL F 235 13.70 22.97 17.98
C VAL F 235 14.29 23.04 19.39
N GLU F 236 13.54 22.59 20.39
CA GLU F 236 14.04 22.60 21.76
C GLU F 236 15.30 21.75 21.90
N LEU F 237 15.38 20.65 21.14
CA LEU F 237 16.60 19.85 21.15
C LEU F 237 17.70 20.51 20.35
N ASN F 238 17.36 21.11 19.21
CA ASN F 238 18.36 21.78 18.37
C ASN F 238 18.90 23.04 19.00
N GLY F 239 18.51 23.36 20.24
CA GLY F 239 19.15 24.45 20.94
C GLY F 239 20.45 24.06 21.60
N VAL F 240 20.58 22.78 21.99
CA VAL F 240 21.79 22.30 22.64
C VAL F 240 22.29 21.04 21.95
N LEU F 241 21.80 20.77 20.74
CA LEU F 241 22.29 19.64 19.96
C LEU F 241 22.69 20.02 18.54
N GLN F 242 22.59 21.29 18.17
CA GLN F 242 23.02 21.72 16.85
C GLN F 242 24.50 22.07 16.81
N ASP F 243 25.04 22.58 17.91
CA ASP F 243 26.45 22.91 17.97
C ASP F 243 27.28 21.65 17.87
N PRO F 244 28.10 21.48 16.84
CA PRO F 244 28.93 20.27 16.74
C PRO F 244 29.96 20.14 17.85
N ASP F 245 30.13 21.16 18.68
CA ASP F 245 31.05 21.08 19.81
C ASP F 245 30.34 20.75 21.11
N MET F 246 29.16 21.33 21.33
CA MET F 246 28.38 21.01 22.52
C MET F 246 27.87 19.57 22.49
N LEU F 247 27.70 18.99 21.30
CA LEU F 247 27.12 17.66 21.19
C LEU F 247 28.03 16.61 21.82
N ARG F 248 29.29 16.59 21.44
CA ARG F 248 30.16 15.51 21.90
C ARG F 248 30.58 15.63 23.36
N ARG F 249 30.09 16.61 24.12
CA ARG F 249 30.38 16.63 25.54
C ARG F 249 29.68 15.46 26.23
N PRO F 250 30.27 14.93 27.32
CA PRO F 250 29.70 13.73 27.96
C PRO F 250 28.39 13.98 28.70
N ASP F 251 27.85 15.20 28.67
CA ASP F 251 26.60 15.49 29.36
C ASP F 251 25.40 15.59 28.42
N SER F 252 25.63 15.63 27.11
CA SER F 252 24.52 15.75 26.17
C SER F 252 23.58 14.55 26.27
N ALA F 253 24.15 13.35 26.41
CA ALA F 253 23.31 12.17 26.60
C ALA F 253 22.48 12.30 27.88
N ASP F 254 23.08 12.84 28.94
CA ASP F 254 22.34 13.05 30.18
C ASP F 254 21.19 14.02 29.97
N PHE F 255 21.43 15.11 29.25
CA PHE F 255 20.36 16.07 29.00
C PHE F 255 19.25 15.45 28.18
N PHE F 256 19.61 14.64 27.18
CA PHE F 256 18.59 14.02 26.34
C PHE F 256 17.74 13.04 27.14
N GLU F 257 18.39 12.21 27.96
CA GLU F 257 17.63 11.26 28.78
C GLU F 257 16.74 12.00 29.78
N LYS F 258 17.27 13.03 30.42
CA LYS F 258 16.46 13.81 31.36
C LYS F 258 15.27 14.46 30.67
N TYR F 259 15.48 14.94 29.43
CA TYR F 259 14.40 15.58 28.71
C TYR F 259 13.29 14.59 28.37
N ILE F 260 13.65 13.43 27.84
CA ILE F 260 12.62 12.43 27.54
C ILE F 260 11.91 12.00 28.81
N ASP F 261 12.65 11.78 29.90
CA ASP F 261 12.04 11.34 31.14
C ASP F 261 11.05 12.38 31.66
N ASN F 262 11.47 13.64 31.73
CA ASN F 262 10.59 14.70 32.22
C ASN F 262 9.37 14.85 31.32
N GLY F 263 9.59 15.10 30.02
CA GLY F 263 8.49 15.26 29.10
C GLY F 263 7.58 14.06 29.00
N LEU F 264 8.02 12.89 29.46
CA LEU F 264 7.17 11.73 29.51
C LEU F 264 6.44 11.59 30.85
N VAL F 265 6.99 12.16 31.92
CA VAL F 265 6.33 12.11 33.22
C VAL F 265 5.45 13.33 33.44
N THR F 266 5.95 14.53 33.17
CA THR F 266 5.17 15.74 33.38
C THR F 266 4.01 15.84 32.40
N GLY F 267 4.30 15.75 31.10
CA GLY F 267 3.26 15.86 30.10
C GLY F 267 3.68 16.63 28.87
N ALA F 268 4.92 17.13 28.85
CA ALA F 268 5.41 17.86 27.68
C ALA F 268 5.38 16.98 26.44
N ILE F 269 5.68 15.70 26.59
CA ILE F 269 5.58 14.74 25.50
C ILE F 269 4.49 13.74 25.87
N PRO F 270 3.22 14.06 25.60
CA PRO F 270 2.13 13.27 26.17
C PRO F 270 2.05 11.83 25.67
N SER F 271 2.01 11.66 24.36
CA SER F 271 1.71 10.36 23.77
C SER F 271 2.91 9.44 23.91
N ASP F 272 2.76 8.39 24.73
CA ASP F 272 3.81 7.38 24.81
C ASP F 272 4.07 6.76 23.45
N ALA F 273 3.04 6.67 22.61
CA ALA F 273 3.24 6.14 21.27
C ALA F 273 4.05 7.09 20.40
N GLN F 274 3.93 8.41 20.62
CA GLN F 274 4.67 9.36 19.82
C GLN F 274 6.09 9.56 20.31
N ALA F 275 6.40 9.14 21.53
CA ALA F 275 7.77 9.23 22.02
C ALA F 275 8.72 8.45 21.12
N THR F 276 8.23 7.40 20.47
CA THR F 276 9.05 6.68 19.51
C THR F 276 9.41 7.57 18.33
N GLN F 277 8.42 8.29 17.78
CA GLN F 277 8.71 9.21 16.67
C GLN F 277 9.67 10.30 17.10
N LEU F 278 9.46 10.87 18.29
CA LEU F 278 10.36 11.91 18.77
C LEU F 278 11.78 11.39 18.93
N ILE F 279 11.93 10.19 19.50
CA ILE F 279 13.26 9.61 19.70
C ILE F 279 13.93 9.36 18.36
N SER F 280 13.21 8.74 17.43
CA SER F 280 13.78 8.42 16.13
C SER F 280 14.16 9.70 15.38
N GLN F 281 13.35 10.75 15.49
CA GLN F 281 13.64 11.99 14.79
C GLN F 281 14.87 12.66 15.38
N ALA F 282 14.95 12.74 16.71
CA ALA F 282 16.12 13.33 17.34
C ALA F 282 17.38 12.54 17.01
N PHE F 283 17.26 11.22 16.92
CA PHE F 283 18.42 10.40 16.55
C PHE F 283 18.85 10.70 15.12
N SER F 284 17.94 10.53 14.16
CA SER F 284 18.26 10.80 12.77
C SER F 284 18.83 12.20 12.59
N ASP F 285 18.39 13.16 13.40
CA ASP F 285 19.04 14.47 13.41
C ASP F 285 20.48 14.35 13.87
N ALA F 286 20.68 13.89 15.11
CA ALA F 286 22.02 13.72 15.63
C ALA F 286 22.82 12.68 14.85
N SER F 287 22.16 11.85 14.05
CA SER F 287 22.87 10.88 13.24
C SER F 287 23.68 11.58 12.16
N SER F 288 23.01 12.31 11.28
CA SER F 288 23.67 12.95 10.14
C SER F 288 24.14 14.36 10.48
N ARG F 289 24.90 14.48 11.56
CA ARG F 289 25.49 15.75 11.92
C ARG F 289 26.81 15.49 12.64
N ALA F 290 27.69 16.49 12.60
CA ALA F 290 29.06 16.31 13.08
C ALA F 290 29.07 15.84 14.54
N GLY F 291 30.04 14.99 14.86
CA GLY F 291 30.23 14.53 16.22
C GLY F 291 29.13 13.63 16.75
N GLY F 292 28.09 13.40 15.94
CA GLY F 292 26.96 12.62 16.39
C GLY F 292 27.32 11.22 16.86
N ALA F 293 28.42 10.67 16.38
CA ALA F 293 28.80 9.32 16.78
C ALA F 293 29.01 9.23 18.28
N ASP F 294 29.69 10.22 18.86
CA ASP F 294 29.92 10.22 20.31
C ASP F 294 28.60 10.29 21.07
N PHE F 295 27.70 11.18 20.64
CA PHE F 295 26.43 11.33 21.33
C PHE F 295 25.63 10.04 21.29
N LEU F 296 25.59 9.38 20.13
CA LEU F 296 24.84 8.14 20.03
C LEU F 296 25.46 7.04 20.88
N MET F 297 26.79 6.85 20.76
CA MET F 297 27.45 5.80 21.53
C MET F 297 27.36 6.04 23.03
N ARG F 298 27.17 7.29 23.45
CA ARG F 298 27.01 7.55 24.88
C ARG F 298 25.57 7.41 25.33
N VAL F 299 24.60 7.79 24.49
CA VAL F 299 23.20 7.68 24.89
C VAL F 299 22.69 6.26 24.78
N GLY F 300 23.41 5.39 24.08
CA GLY F 300 22.95 4.03 23.88
C GLY F 300 22.97 3.13 25.11
N ASP F 301 23.15 3.71 26.31
CA ASP F 301 23.19 2.91 27.52
C ASP F 301 22.42 3.56 28.67
N LYS F 302 21.54 4.51 28.37
CA LYS F 302 20.71 5.12 29.40
C LYS F 302 19.43 4.30 29.57
N LYS F 303 18.48 4.83 30.33
CA LYS F 303 17.23 4.15 30.61
C LYS F 303 16.05 5.00 30.16
N VAL F 304 15.16 4.41 29.38
CA VAL F 304 13.94 5.08 28.94
C VAL F 304 12.79 4.11 29.07
N THR F 305 11.68 4.58 29.63
CA THR F 305 10.48 3.78 29.79
C THR F 305 9.53 4.07 28.64
N LEU F 306 8.99 3.01 28.04
CA LEU F 306 8.04 3.17 26.94
C LEU F 306 7.14 1.93 26.91
N ASN F 307 5.83 2.15 27.00
CA ASN F 307 4.84 1.09 26.95
C ASN F 307 5.07 0.06 28.05
N GLY F 308 4.98 0.53 29.30
CA GLY F 308 5.02 -0.37 30.43
C GLY F 308 6.38 -0.94 30.73
N ALA F 309 6.98 -1.63 29.76
CA ALA F 309 8.29 -2.22 29.97
C ALA F 309 9.38 -1.15 29.90
N THR F 310 10.44 -1.39 30.65
CA THR F 310 11.57 -0.47 30.72
C THR F 310 12.79 -1.12 30.09
N THR F 311 13.43 -0.41 29.16
CA THR F 311 14.59 -0.96 28.48
C THR F 311 15.68 0.09 28.31
N THR F 312 16.70 -0.24 27.53
CA THR F 312 17.78 0.68 27.20
C THR F 312 17.63 1.11 25.76
N TYR F 313 18.03 2.35 25.46
CA TYR F 313 17.84 2.91 24.13
C TYR F 313 18.39 2.00 23.04
N ARG F 314 19.58 1.45 23.25
CA ARG F 314 20.14 0.52 22.28
C ARG F 314 19.24 -0.69 22.06
N GLU F 315 18.39 -1.02 23.03
CA GLU F 315 17.49 -2.15 22.91
C GLU F 315 16.08 -1.74 22.49
N LEU F 316 15.74 -0.45 22.59
CA LEU F 316 14.44 0.00 22.11
C LEU F 316 14.30 -0.22 20.61
N ILE F 317 15.14 0.45 19.84
CA ILE F 317 15.24 0.17 18.41
C ILE F 317 16.12 -1.06 18.23
N GLY F 318 15.80 -1.86 17.21
CA GLY F 318 16.45 -3.15 17.06
C GLY F 318 17.95 -3.05 16.91
N GLU F 319 18.62 -4.14 17.26
CA GLU F 319 20.09 -4.14 17.24
C GLU F 319 20.62 -3.90 15.83
N GLU F 320 20.01 -4.51 14.82
CA GLU F 320 20.44 -4.25 13.46
C GLU F 320 20.12 -2.81 13.06
N GLN F 321 18.98 -2.30 13.50
CA GLN F 321 18.68 -0.89 13.30
C GLN F 321 19.70 -0.02 13.99
N TRP F 322 20.15 -0.43 15.17
CA TRP F 322 21.17 0.35 15.88
C TRP F 322 22.49 0.35 15.13
N ASN F 323 22.86 -0.80 14.57
CA ASN F 323 24.11 -0.86 13.81
C ASN F 323 24.03 -0.01 12.56
N ALA F 324 22.90 -0.04 11.86
CA ALA F 324 22.74 0.81 10.68
C ALA F 324 22.78 2.29 11.06
N LEU F 325 22.10 2.65 12.15
CA LEU F 325 22.11 4.04 12.59
C LEU F 325 23.51 4.49 12.97
N MET F 326 24.27 3.63 13.63
CA MET F 326 25.63 3.99 14.01
C MET F 326 26.52 4.13 12.78
N VAL F 327 26.37 3.25 11.80
CA VAL F 327 27.14 3.37 10.56
C VAL F 327 26.82 4.70 9.87
N THR F 328 25.54 5.06 9.83
CA THR F 328 25.17 6.33 9.22
C THR F 328 25.73 7.50 10.02
N ALA F 329 25.70 7.41 11.35
CA ALA F 329 26.18 8.52 12.18
C ALA F 329 27.70 8.66 12.07
N GLN F 330 28.39 7.58 11.73
CA GLN F 330 29.83 7.67 11.55
C GLN F 330 30.23 8.04 10.13
N ARG F 331 29.36 7.81 9.15
CA ARG F 331 29.62 8.30 7.80
C ARG F 331 29.17 9.74 7.63
N SER F 332 28.37 10.24 8.57
CA SER F 332 27.85 11.61 8.48
C SER F 332 28.98 12.61 8.30
N GLN F 333 29.88 12.68 9.29
CA GLN F 333 30.99 13.67 9.29
C GLN F 333 31.77 13.63 7.97
N PHE F 334 31.78 12.48 7.29
CA PHE F 334 32.54 12.37 6.07
C PHE F 334 31.66 12.56 4.84
N GLU F 335 30.36 12.73 5.02
CA GLU F 335 29.46 13.08 3.94
C GLU F 335 28.78 14.43 4.16
N THR F 336 29.28 15.25 5.09
CA THR F 336 28.73 16.56 5.35
C THR F 336 29.77 17.67 5.29
N ASP F 337 30.98 17.43 5.76
CA ASP F 337 32.06 18.42 5.74
C ASP F 337 33.12 17.92 4.76
N ALA F 338 32.97 18.30 3.49
CA ALA F 338 33.83 17.80 2.43
C ALA F 338 35.31 18.08 2.72
N LYS F 339 35.61 19.15 3.45
CA LYS F 339 37.00 19.48 3.73
C LYS F 339 37.71 18.36 4.48
N LEU F 340 37.00 17.73 5.42
CA LEU F 340 37.61 16.64 6.20
C LEU F 340 37.87 15.43 5.32
N ASN F 341 36.96 15.16 4.38
CA ASN F 341 37.19 14.09 3.41
C ASN F 341 38.47 14.33 2.63
N GLU F 342 38.64 15.56 2.11
CA GLU F 342 39.86 15.90 1.40
C GLU F 342 41.08 15.71 2.28
N GLN F 343 41.00 16.18 3.53
CA GLN F 343 42.16 16.11 4.41
C GLN F 343 42.59 14.66 4.62
N TYR F 344 41.64 13.79 4.98
CA TYR F 344 42.02 12.40 5.26
C TYR F 344 42.45 11.66 4.01
N ARG F 345 41.80 11.92 2.87
CA ARG F 345 42.22 11.21 1.65
C ARG F 345 43.61 11.65 1.22
N LEU F 346 43.89 12.95 1.26
CA LEU F 346 45.22 13.43 0.90
C LEU F 346 46.28 12.92 1.86
N LYS F 347 45.96 12.84 3.15
CA LYS F 347 46.96 12.36 4.10
C LYS F 347 47.19 10.87 3.95
N ILE F 348 46.14 10.10 3.66
CA ILE F 348 46.31 8.68 3.36
C ILE F 348 47.20 8.50 2.14
N ASN F 349 46.98 9.32 1.11
CA ASN F 349 47.81 9.21 -0.09
C ASN F 349 49.26 9.58 0.20
N SER F 350 49.48 10.65 0.96
CA SER F 350 50.85 11.06 1.28
C SER F 350 51.55 9.98 2.10
N ALA F 351 50.85 9.36 3.05
CA ALA F 351 51.44 8.28 3.82
C ALA F 351 51.78 7.10 2.93
N LEU F 352 50.84 6.71 2.06
CA LEU F 352 51.05 5.56 1.19
C LEU F 352 52.20 5.75 0.21
N ASN F 353 52.58 6.99 -0.08
CA ASN F 353 53.52 7.29 -1.15
C ASN F 353 54.90 7.68 -0.65
N GLN F 354 55.22 7.38 0.61
CA GLN F 354 56.56 7.63 1.09
C GLN F 354 57.52 6.61 0.48
N GLU F 355 58.82 6.94 0.54
CA GLU F 355 59.81 6.08 -0.10
C GLU F 355 60.14 4.87 0.77
N ASP F 356 60.19 5.04 2.07
CA ASP F 356 60.49 3.94 2.99
C ASP F 356 59.21 3.49 3.69
N PRO F 357 58.67 2.32 3.37
CA PRO F 357 57.39 1.91 3.95
C PRO F 357 57.38 1.87 5.47
N ARG F 358 58.53 1.69 6.11
CA ARG F 358 58.55 1.62 7.58
C ARG F 358 57.98 2.88 8.20
N THR F 359 58.26 4.04 7.62
CA THR F 359 57.64 5.26 8.11
C THR F 359 56.19 5.36 7.66
N ALA F 360 55.84 4.72 6.54
CA ALA F 360 54.44 4.73 6.10
C ALA F 360 53.57 3.96 7.07
N TRP F 361 54.09 2.90 7.68
CA TRP F 361 53.35 2.21 8.73
C TRP F 361 53.03 3.15 9.89
N GLU F 362 54.02 3.91 10.34
CA GLU F 362 53.79 4.84 11.44
C GLU F 362 52.79 5.92 11.04
N MET F 363 52.88 6.40 9.81
CA MET F 363 51.95 7.43 9.37
C MET F 363 50.52 6.90 9.31
N LEU F 364 50.33 5.69 8.78
CA LEU F 364 49.00 5.11 8.74
C LEU F 364 48.48 4.83 10.13
N GLN F 365 49.36 4.39 11.05
CA GLN F 365 48.93 4.15 12.42
C GLN F 365 48.49 5.45 13.09
N GLY F 366 49.23 6.53 12.86
CA GLY F 366 48.81 7.83 13.37
C GLY F 366 47.49 8.27 12.79
N ILE F 367 47.28 8.03 11.49
CA ILE F 367 46.01 8.38 10.87
C ILE F 367 44.86 7.62 11.52
N LYS F 368 45.05 6.32 11.75
CA LYS F 368 43.98 5.54 12.37
C LYS F 368 43.75 5.97 13.81
N ALA F 369 44.82 6.31 14.52
CA ALA F 369 44.65 6.78 15.90
C ALA F 369 43.88 8.09 15.95
N GLU F 370 44.14 8.98 14.99
CA GLU F 370 43.40 10.23 14.94
C GLU F 370 41.96 10.01 14.49
N LEU F 371 41.74 9.02 13.62
CA LEU F 371 40.41 8.76 13.10
C LEU F 371 39.50 8.08 14.11
N ASP F 372 40.07 7.37 15.09
CA ASP F 372 39.25 6.76 16.13
C ASP F 372 38.58 7.81 17.01
N LYS F 373 39.10 9.04 17.02
CA LYS F 373 38.50 10.09 17.82
C LYS F 373 37.35 10.80 17.11
N VAL F 374 37.10 10.49 15.85
CA VAL F 374 35.94 10.99 15.13
C VAL F 374 35.04 9.87 14.65
N GLN F 375 35.19 8.66 15.21
CA GLN F 375 34.36 7.52 14.90
C GLN F 375 34.51 6.49 16.02
N PRO F 376 34.03 6.82 17.22
CA PRO F 376 34.38 5.98 18.38
C PRO F 376 33.91 4.54 18.29
N ASP F 377 32.64 4.32 17.97
CA ASP F 377 32.12 2.96 17.98
C ASP F 377 32.80 2.15 16.87
N GLU F 378 32.85 0.83 17.08
CA GLU F 378 33.71 -0.05 16.31
C GLU F 378 33.05 -0.57 15.04
N GLN F 379 31.94 0.03 14.61
CA GLN F 379 31.27 -0.42 13.40
C GLN F 379 32.15 -0.18 12.18
N MET F 380 31.87 -0.93 11.11
CA MET F 380 32.60 -0.81 9.86
C MET F 380 31.99 0.29 9.01
N THR F 381 32.80 1.26 8.64
CA THR F 381 32.40 2.39 7.81
C THR F 381 33.22 2.41 6.54
N PRO F 382 32.80 3.16 5.52
CA PRO F 382 33.60 3.26 4.29
C PRO F 382 34.98 3.88 4.50
N GLN F 383 35.34 4.27 5.72
CA GLN F 383 36.63 4.88 5.99
C GLN F 383 37.63 3.89 6.54
N ARG F 384 37.19 3.04 7.47
CA ARG F 384 38.03 1.91 7.87
C ARG F 384 38.43 1.09 6.64
N GLU F 385 37.59 1.07 5.61
CA GLU F 385 37.97 0.40 4.38
C GLU F 385 39.08 1.16 3.65
N TRP F 386 39.06 2.50 3.71
CA TRP F 386 40.17 3.27 3.19
C TRP F 386 41.47 2.88 3.89
N LEU F 387 41.44 2.83 5.22
CA LEU F 387 42.63 2.43 5.96
C LEU F 387 43.03 1.00 5.63
N ILE F 388 42.06 0.12 5.38
CA ILE F 388 42.36 -1.26 5.01
C ILE F 388 43.12 -1.30 3.70
N SER F 389 42.62 -0.58 2.68
CA SER F 389 43.31 -0.55 1.40
C SER F 389 44.69 0.07 1.52
N ALA F 390 44.81 1.12 2.33
CA ALA F 390 46.10 1.75 2.52
C ALA F 390 47.10 0.80 3.17
N GLN F 391 46.66 0.06 4.18
CA GLN F 391 47.56 -0.89 4.83
C GLN F 391 47.90 -2.06 3.90
N GLU F 392 46.92 -2.50 3.11
CA GLU F 392 47.18 -3.51 2.09
C GLU F 392 48.30 -3.08 1.16
N GLN F 393 48.17 -1.87 0.60
CA GLN F 393 49.14 -1.42 -0.39
C GLN F 393 50.49 -1.12 0.25
N VAL F 394 50.50 -0.61 1.48
CA VAL F 394 51.78 -0.33 2.11
C VAL F 394 52.47 -1.63 2.48
N GLN F 395 51.72 -2.68 2.80
CA GLN F 395 52.34 -3.97 3.08
C GLN F 395 52.91 -4.59 1.80
N ASN F 396 52.17 -4.48 0.69
CA ASN F 396 52.73 -4.93 -0.59
C ASN F 396 54.01 -4.16 -0.93
N GLN F 397 54.00 -2.85 -0.72
CA GLN F 397 55.19 -2.05 -1.02
C GLN F 397 56.35 -2.43 -0.11
N MET F 398 56.09 -2.68 1.17
CA MET F 398 57.15 -3.08 2.07
C MET F 398 57.73 -4.44 1.67
N ASN F 399 56.87 -5.36 1.24
CA ASN F 399 57.35 -6.65 0.77
C ASN F 399 58.24 -6.48 -0.45
N ALA F 400 57.80 -5.66 -1.41
CA ALA F 400 58.59 -5.44 -2.61
C ALA F 400 59.93 -4.78 -2.28
N TRP F 401 59.92 -3.82 -1.35
CA TRP F 401 61.14 -3.10 -1.01
C TRP F 401 62.11 -3.98 -0.24
N THR F 402 61.60 -4.88 0.61
CA THR F 402 62.47 -5.82 1.30
C THR F 402 63.04 -6.84 0.32
N LYS F 403 62.24 -7.28 -0.65
CA LYS F 403 62.74 -8.22 -1.66
C LYS F 403 63.79 -7.57 -2.54
N ALA F 404 63.63 -6.29 -2.86
CA ALA F 404 64.62 -5.57 -3.65
C ALA F 404 65.78 -5.04 -2.81
N GLN F 405 65.70 -5.15 -1.49
CA GLN F 405 66.83 -4.79 -0.64
C GLN F 405 67.98 -5.79 -0.76
N ALA F 406 67.68 -7.04 -1.14
CA ALA F 406 68.74 -8.03 -1.30
C ALA F 406 69.73 -7.64 -2.39
N LYS F 407 69.29 -6.86 -3.37
CA LYS F 407 70.19 -6.40 -4.42
C LYS F 407 71.21 -5.38 -3.89
N ALA F 408 71.00 -4.85 -2.68
CA ALA F 408 71.98 -3.96 -2.07
C ALA F 408 73.12 -4.75 -1.42
N LEU F 409 73.06 -6.07 -1.42
CA LEU F 409 74.11 -6.90 -0.82
C LEU F 409 75.20 -7.20 -1.83
#